data_3A16
#
_entry.id   3A16
#
_cell.length_a   62.710
_cell.length_b   147.670
_cell.length_c   78.910
_cell.angle_alpha   90.000
_cell.angle_beta   90.008
_cell.angle_gamma   90.000
#
_symmetry.space_group_name_H-M   'P 1 21 1'
#
loop_
_entity.id
_entity.type
_entity.pdbx_description
1 polymer 'Aldoxime dehydratase'
2 non-polymer 'PROTOPORPHYRIN IX CONTAINING FE'
3 non-polymer '(1Z)-propanal oxime'
4 non-polymer 'MAGNESIUM ION'
5 water water
#
_entity_poly.entity_id   1
_entity_poly.type   'polypeptide(L)'
_entity_poly.pdbx_seq_one_letter_code
;MGSSHHHHHHSSGLVPRGSHMESAIGEHLQCPRTLTRRVPDTYTPPFPMWVGRADDALQQVVMGYLGVQFRDEDQRPAAL
QAMRDIVAGFDLPDGPAHHDLTHHIDNQGYENLIVVGYWKDVSSQHRWSTSTPIASWWESEDRLSDGLGFFREIVAPRAE
QFETLYAFQEDLPGVGAVMDGISGEINEHGYWGSMRERFPISQTDWMQASGELRVIAGDPAVGGRVVVRGHDNIALIRSG
QDWADAEADERSLYLDEILPTLQSGMDFLRDNGPAVGCYSNRFVRNIDIDGNFLDLSYNIGHWASLDQLERWSESHPTHL
RIFTTFFRVAAGLSKLRLYHEVSVFDAADQLYEYINCHPGTGMLRDAVTIAEH
;
_entity_poly.pdbx_strand_id   A,B,C,D
#
# COMPACT_ATOMS: atom_id res chain seq x y z
N MET A 21 30.91 0.11 -4.77
CA MET A 21 30.41 0.82 -5.97
C MET A 21 29.31 1.78 -5.56
N GLU A 22 29.08 2.79 -6.40
CA GLU A 22 27.97 3.70 -6.20
C GLU A 22 26.65 2.95 -6.32
N SER A 23 25.67 3.44 -5.58
CA SER A 23 24.32 2.91 -5.63
C SER A 23 23.50 3.79 -6.56
N ALA A 24 22.49 3.20 -7.18
CA ALA A 24 21.55 3.94 -7.99
C ALA A 24 20.64 4.84 -7.13
N ILE A 25 20.49 4.49 -5.86
CA ILE A 25 19.65 5.26 -4.95
C ILE A 25 20.47 6.44 -4.43
N GLY A 26 19.97 7.66 -4.65
CA GLY A 26 20.62 8.87 -4.15
C GLY A 26 20.89 8.79 -2.65
N GLU A 27 22.04 9.29 -2.22
CA GLU A 27 22.45 9.17 -0.82
C GLU A 27 21.37 9.62 0.16
N HIS A 28 20.70 10.72 -0.14
CA HIS A 28 19.73 11.30 0.77
C HIS A 28 18.43 10.50 0.84
N LEU A 29 18.27 9.55 -0.08
CA LEU A 29 17.10 8.67 -0.09
C LEU A 29 17.39 7.25 0.44
N GLN A 30 18.63 6.99 0.80
CA GLN A 30 18.98 5.71 1.42
C GLN A 30 18.48 5.69 2.85
N CYS A 31 17.79 4.61 3.22
CA CYS A 31 17.16 4.49 4.53
C CYS A 31 17.27 3.05 5.06
N PRO A 32 16.97 2.83 6.35
CA PRO A 32 16.92 1.47 6.85
C PRO A 32 15.85 0.63 6.12
N ARG A 33 16.25 -0.56 5.69
CA ARG A 33 15.40 -1.41 4.83
C ARG A 33 14.45 -2.32 5.59
N THR A 34 13.23 -2.42 5.06
CA THR A 34 12.34 -3.50 5.44
C THR A 34 12.35 -4.56 4.34
N LEU A 35 12.73 -4.14 3.12
CA LEU A 35 12.79 -5.03 1.96
C LEU A 35 14.20 -5.05 1.40
N THR A 36 14.66 -6.23 1.03
CA THR A 36 16.02 -6.44 0.59
C THR A 36 16.17 -6.76 -0.90
N ARG A 37 17.42 -6.67 -1.37
CA ARG A 37 17.77 -6.99 -2.75
C ARG A 37 17.76 -8.49 -3.02
N ARG A 38 17.95 -8.87 -4.28
CA ARG A 38 18.02 -10.28 -4.69
C ARG A 38 19.42 -10.77 -5.03
N VAL A 39 20.40 -9.88 -4.86
CA VAL A 39 21.83 -10.21 -5.08
C VAL A 39 22.61 -9.93 -3.80
N PRO A 40 23.67 -10.74 -3.53
CA PRO A 40 24.54 -10.45 -2.39
C PRO A 40 25.40 -9.20 -2.60
N ASP A 41 26.09 -8.76 -1.55
CA ASP A 41 26.87 -7.53 -1.55
C ASP A 41 28.04 -7.55 -2.53
N THR A 42 28.55 -8.75 -2.81
CA THR A 42 29.71 -8.92 -3.67
C THR A 42 29.38 -8.70 -5.14
N TYR A 43 28.08 -8.66 -5.47
CA TYR A 43 27.65 -8.53 -6.86
C TYR A 43 28.33 -7.36 -7.58
N THR A 44 28.89 -7.66 -8.75
CA THR A 44 29.49 -6.65 -9.62
C THR A 44 28.92 -6.86 -11.01
N PRO A 45 28.35 -5.78 -11.62
CA PRO A 45 27.77 -5.95 -12.95
C PRO A 45 28.86 -6.12 -14.01
N PRO A 46 28.55 -6.87 -15.09
CA PRO A 46 29.56 -7.19 -16.09
C PRO A 46 29.79 -6.09 -17.14
N PHE A 47 28.95 -5.05 -17.13
CA PHE A 47 29.15 -3.87 -17.97
C PHE A 47 28.74 -2.58 -17.22
N PRO A 48 29.35 -1.44 -17.57
CA PRO A 48 29.04 -0.19 -16.87
C PRO A 48 27.69 0.39 -17.26
N MET A 49 26.95 0.89 -16.28
CA MET A 49 25.74 1.68 -16.53
C MET A 49 25.68 2.80 -15.51
N TRP A 50 24.98 3.88 -15.86
CA TRP A 50 24.90 5.09 -15.04
C TRP A 50 23.45 5.48 -14.80
N VAL A 51 23.24 6.31 -13.78
CA VAL A 51 21.91 6.83 -13.46
C VAL A 51 21.94 8.34 -13.23
N GLY A 52 20.81 8.99 -13.41
CA GLY A 52 20.70 10.40 -13.07
C GLY A 52 20.71 10.63 -11.58
N ARG A 53 21.37 11.72 -11.18
CA ARG A 53 21.47 12.16 -9.79
C ARG A 53 20.74 13.46 -9.61
N ALA A 54 20.12 13.63 -8.47
CA ALA A 54 19.54 14.92 -8.11
C ALA A 54 19.68 15.06 -6.62
N ASP A 55 19.96 16.27 -6.16
CA ASP A 55 20.11 16.47 -4.73
C ASP A 55 18.77 16.55 -3.99
N ASP A 56 18.85 16.86 -2.71
N ASP A 56 18.88 16.83 -2.71
CA ASP A 56 17.71 16.80 -1.79
CA ASP A 56 17.77 16.87 -1.76
C ASP A 56 16.58 17.79 -2.12
C ASP A 56 16.58 17.67 -2.27
N ALA A 57 16.86 18.77 -2.98
CA ALA A 57 15.83 19.75 -3.39
C ALA A 57 14.74 19.15 -4.26
N LEU A 58 15.12 18.22 -5.14
CA LEU A 58 14.16 17.54 -6.02
C LEU A 58 13.34 16.51 -5.25
N GLN A 59 12.06 16.81 -5.09
CA GLN A 59 11.18 15.98 -4.26
CA GLN A 59 11.14 16.03 -4.26
C GLN A 59 10.07 15.29 -5.05
N GLN A 60 9.68 15.89 -6.17
CA GLN A 60 8.68 15.30 -7.05
C GLN A 60 8.76 16.00 -8.40
N VAL A 61 8.76 15.20 -9.47
CA VAL A 61 8.81 15.75 -10.82
C VAL A 61 7.45 15.60 -11.49
N VAL A 62 7.27 16.29 -12.62
CA VAL A 62 6.06 16.14 -13.43
C VAL A 62 6.46 15.82 -14.86
N MET A 63 5.85 14.76 -15.39
CA MET A 63 6.01 14.35 -16.77
C MET A 63 4.67 14.55 -17.47
N GLY A 64 4.62 15.56 -18.32
CA GLY A 64 3.41 15.89 -19.05
C GLY A 64 3.53 15.61 -20.53
N TYR A 65 2.82 14.57 -20.97
CA TYR A 65 2.72 14.15 -22.35
C TYR A 65 1.46 14.79 -22.94
N LEU A 66 1.69 15.75 -23.84
CA LEU A 66 0.63 16.54 -24.48
C LEU A 66 0.55 16.18 -25.95
N GLY A 67 -0.58 15.64 -26.36
CA GLY A 67 -0.70 15.04 -27.68
C GLY A 67 -1.69 15.72 -28.59
N VAL A 68 -1.46 15.57 -29.89
CA VAL A 68 -2.40 16.02 -30.91
C VAL A 68 -2.56 14.80 -31.82
N GLN A 69 -3.80 14.47 -32.15
CA GLN A 69 -4.11 13.25 -32.90
C GLN A 69 -4.92 13.59 -34.14
N PHE A 70 -4.67 12.89 -35.23
CA PHE A 70 -5.40 13.10 -36.50
C PHE A 70 -5.12 11.93 -37.43
N ARG A 71 -5.97 11.75 -38.45
CA ARG A 71 -5.84 10.65 -39.39
CA ARG A 71 -5.77 10.66 -39.40
C ARG A 71 -5.84 11.14 -40.84
N ASP A 72 -6.64 12.18 -41.11
CA ASP A 72 -6.78 12.70 -42.47
C ASP A 72 -5.61 13.60 -42.82
N GLU A 73 -5.09 13.45 -44.03
CA GLU A 73 -4.01 14.29 -44.51
C GLU A 73 -4.30 15.78 -44.43
N ASP A 74 -5.55 16.16 -44.67
CA ASP A 74 -5.96 17.56 -44.67
C ASP A 74 -5.94 18.20 -43.27
N GLN A 75 -5.70 17.35 -42.26
CA GLN A 75 -5.62 17.78 -40.87
C GLN A 75 -4.19 18.07 -40.42
N ARG A 76 -3.21 17.63 -41.21
CA ARG A 76 -1.79 17.72 -40.85
C ARG A 76 -1.31 19.16 -40.55
N PRO A 77 -1.66 20.15 -41.40
CA PRO A 77 -1.20 21.49 -41.10
C PRO A 77 -1.69 21.98 -39.75
N ALA A 78 -2.99 21.79 -39.47
CA ALA A 78 -3.55 22.22 -38.18
C ALA A 78 -2.95 21.45 -37.00
N ALA A 79 -2.63 20.18 -37.21
CA ALA A 79 -2.04 19.34 -36.17
C ALA A 79 -0.63 19.81 -35.80
N LEU A 80 0.18 20.09 -36.82
CA LEU A 80 1.53 20.59 -36.62
C LEU A 80 1.52 21.99 -36.01
N GLN A 81 0.55 22.81 -36.41
CA GLN A 81 0.42 24.14 -35.84
C GLN A 81 -0.03 24.11 -34.38
N ALA A 82 -0.91 23.16 -34.05
CA ALA A 82 -1.34 22.93 -32.67
C ALA A 82 -0.18 22.48 -31.79
N MET A 83 0.68 21.64 -32.37
CA MET A 83 1.90 21.17 -31.68
C MET A 83 2.84 22.34 -31.42
N ARG A 84 2.98 23.21 -32.43
CA ARG A 84 3.78 24.43 -32.29
C ARG A 84 3.19 25.38 -31.25
N ASP A 85 1.86 25.44 -31.16
CA ASP A 85 1.19 26.25 -30.15
C ASP A 85 1.51 25.74 -28.74
N ILE A 86 1.55 24.41 -28.59
CA ILE A 86 1.87 23.79 -27.32
C ILE A 86 3.32 24.09 -26.91
N VAL A 87 4.24 23.89 -27.85
CA VAL A 87 5.66 24.20 -27.65
C VAL A 87 5.85 25.68 -27.30
N ALA A 88 5.13 26.57 -27.97
CA ALA A 88 5.17 28.01 -27.67
C ALA A 88 4.75 28.32 -26.24
N GLY A 89 3.71 27.63 -25.76
CA GLY A 89 3.26 27.74 -24.37
C GLY A 89 4.33 27.38 -23.35
N PHE A 90 5.33 26.62 -23.77
CA PHE A 90 6.44 26.21 -22.90
C PHE A 90 7.40 27.35 -22.55
N ASP A 91 7.39 28.41 -23.38
CA ASP A 91 8.20 29.60 -23.16
C ASP A 91 7.62 30.55 -22.10
N LEU A 92 6.39 30.29 -21.70
CA LEU A 92 5.72 31.09 -20.69
C LEU A 92 6.28 30.78 -19.30
N PRO A 93 6.10 31.71 -18.34
CA PRO A 93 6.58 31.43 -16.99
C PRO A 93 6.11 30.06 -16.50
N ASP A 94 6.98 29.36 -15.80
CA ASP A 94 6.72 28.04 -15.19
C ASP A 94 6.56 26.92 -16.21
N GLY A 95 7.01 27.17 -17.44
CA GLY A 95 7.10 26.10 -18.45
C GLY A 95 8.10 25.03 -18.02
N PRO A 96 8.08 23.86 -18.69
CA PRO A 96 8.97 22.76 -18.31
C PRO A 96 10.46 23.07 -18.52
N ALA A 97 11.31 22.42 -17.74
CA ALA A 97 12.75 22.62 -17.83
C ALA A 97 13.35 21.96 -19.06
N HIS A 98 12.67 20.93 -19.56
CA HIS A 98 13.10 20.19 -20.75
C HIS A 98 11.86 19.66 -21.46
N HIS A 99 11.97 19.51 -22.78
CA HIS A 99 10.92 18.86 -23.54
C HIS A 99 11.50 18.17 -24.76
N ASP A 100 10.73 17.26 -25.32
CA ASP A 100 10.99 16.74 -26.67
C ASP A 100 9.70 16.39 -27.42
N LEU A 101 9.81 16.24 -28.73
CA LEU A 101 8.64 16.06 -29.61
C LEU A 101 8.74 14.75 -30.37
N THR A 102 7.64 14.02 -30.46
CA THR A 102 7.66 12.74 -31.20
C THR A 102 6.42 12.53 -32.05
N HIS A 103 6.52 11.56 -32.95
CA HIS A 103 5.45 11.13 -33.85
C HIS A 103 5.33 9.61 -33.85
N HIS A 104 4.09 9.12 -33.86
CA HIS A 104 3.83 7.73 -34.21
C HIS A 104 2.47 7.57 -34.85
N ILE A 105 2.27 6.43 -35.50
CA ILE A 105 0.96 6.02 -35.99
C ILE A 105 0.48 4.85 -35.15
N ASP A 106 -0.71 4.99 -34.55
CA ASP A 106 -1.26 3.95 -33.68
C ASP A 106 -1.92 2.82 -34.50
N ASN A 107 -2.44 1.79 -33.83
CA ASN A 107 -2.93 0.61 -34.55
C ASN A 107 -4.32 0.82 -35.16
N GLN A 108 -4.85 2.03 -34.95
CA GLN A 108 -6.12 2.44 -35.57
C GLN A 108 -5.88 3.36 -36.77
N GLY A 109 -4.60 3.54 -37.12
CA GLY A 109 -4.20 4.39 -38.23
C GLY A 109 -4.11 5.89 -37.99
N TYR A 110 -4.27 6.31 -36.74
CA TYR A 110 -4.18 7.73 -36.41
C TYR A 110 -2.74 8.13 -36.14
N GLU A 111 -2.35 9.30 -36.65
CA GLU A 111 -1.06 9.90 -36.34
C GLU A 111 -1.19 10.66 -35.03
N ASN A 112 -0.14 10.61 -34.22
CA ASN A 112 -0.10 11.26 -32.92
C ASN A 112 1.20 12.01 -32.76
N LEU A 113 1.08 13.31 -32.57
CA LEU A 113 2.21 14.15 -32.23
C LEU A 113 2.17 14.32 -30.71
N ILE A 114 3.26 13.96 -30.02
CA ILE A 114 3.30 14.07 -28.56
C ILE A 114 4.50 14.89 -28.13
N VAL A 115 4.20 16.00 -27.44
CA VAL A 115 5.18 16.86 -26.82
C VAL A 115 5.25 16.47 -25.35
N VAL A 116 6.42 16.02 -24.89
CA VAL A 116 6.58 15.71 -23.48
C VAL A 116 7.43 16.76 -22.78
N GLY A 117 6.87 17.33 -21.72
CA GLY A 117 7.57 18.28 -20.86
C GLY A 117 7.94 17.68 -19.53
N TYR A 118 9.08 18.10 -19.01
CA TYR A 118 9.51 17.69 -17.68
C TYR A 118 9.65 18.92 -16.78
N TRP A 119 9.00 18.87 -15.63
CA TRP A 119 9.10 19.91 -14.62
C TRP A 119 9.79 19.34 -13.40
N LYS A 120 10.54 20.20 -12.71
CA LYS A 120 11.30 19.82 -11.52
C LYS A 120 10.48 19.87 -10.23
N ASP A 121 9.27 20.42 -10.31
CA ASP A 121 8.38 20.46 -9.14
C ASP A 121 6.91 20.54 -9.54
N VAL A 122 6.06 20.01 -8.66
CA VAL A 122 4.62 19.92 -8.93
C VAL A 122 3.96 21.30 -9.02
N SER A 123 4.33 22.20 -8.13
CA SER A 123 3.69 23.51 -8.06
CA SER A 123 3.69 23.51 -8.05
C SER A 123 3.96 24.34 -9.32
N SER A 124 5.17 24.23 -9.86
CA SER A 124 5.49 25.02 -11.06
C SER A 124 4.64 24.55 -12.25
N GLN A 125 4.44 23.24 -12.35
CA GLN A 125 3.61 22.69 -13.44
C GLN A 125 2.15 23.11 -13.29
N HIS A 126 1.67 23.13 -12.04
CA HIS A 126 0.30 23.53 -11.72
C HIS A 126 0.09 25.00 -12.05
N ARG A 127 1.04 25.84 -11.65
CA ARG A 127 1.00 27.26 -11.99
C ARG A 127 0.96 27.49 -13.51
N TRP A 128 1.77 26.73 -14.25
CA TRP A 128 1.79 26.81 -15.70
C TRP A 128 0.46 26.36 -16.28
N SER A 129 -0.03 25.21 -15.82
CA SER A 129 -1.26 24.61 -16.36
C SER A 129 -2.52 25.42 -16.08
N THR A 130 -2.53 26.15 -14.97
CA THR A 130 -3.69 26.93 -14.58
C THR A 130 -3.58 28.40 -15.03
N SER A 131 -2.42 28.77 -15.55
CA SER A 131 -2.22 30.12 -16.08
C SER A 131 -3.16 30.35 -17.27
N THR A 132 -3.61 31.59 -17.40
CA THR A 132 -4.64 31.95 -18.38
C THR A 132 -4.36 31.47 -19.81
N PRO A 133 -3.17 31.77 -20.39
CA PRO A 133 -2.94 31.37 -21.80
C PRO A 133 -2.97 29.87 -22.05
N ILE A 134 -2.64 29.11 -21.01
CA ILE A 134 -2.58 27.65 -21.11
C ILE A 134 -3.95 27.04 -20.82
N ALA A 135 -4.55 27.44 -19.69
CA ALA A 135 -5.85 26.93 -19.26
C ALA A 135 -7.00 27.30 -20.22
N SER A 136 -6.95 28.52 -20.77
CA SER A 136 -7.96 28.98 -21.72
C SER A 136 -7.92 28.17 -23.01
N TRP A 137 -6.71 27.83 -23.45
CA TRP A 137 -6.54 27.02 -24.65
C TRP A 137 -7.08 25.59 -24.46
N TRP A 138 -6.76 24.97 -23.32
CA TRP A 138 -7.21 23.59 -23.07
C TRP A 138 -8.72 23.48 -22.87
N GLU A 139 -9.32 24.50 -22.26
CA GLU A 139 -10.73 24.51 -21.90
C GLU A 139 -11.62 25.04 -23.01
N SER A 140 -11.02 25.59 -24.06
CA SER A 140 -11.77 26.20 -25.16
C SER A 140 -12.68 25.21 -25.87
N GLU A 141 -13.84 25.70 -26.29
CA GLU A 141 -14.78 24.92 -27.10
C GLU A 141 -14.21 24.71 -28.50
N ASP A 142 -13.18 25.50 -28.83
CA ASP A 142 -12.45 25.35 -30.08
C ASP A 142 -11.74 23.98 -30.17
N ARG A 143 -11.31 23.46 -29.03
CA ARG A 143 -10.75 22.09 -28.97
C ARG A 143 -11.76 21.04 -29.44
N LEU A 144 -13.04 21.26 -29.16
CA LEU A 144 -14.10 20.38 -29.64
C LEU A 144 -14.37 20.57 -31.14
N SER A 145 -14.20 21.79 -31.62
CA SER A 145 -14.54 22.13 -33.01
C SER A 145 -13.37 22.00 -33.99
N ASP A 146 -12.16 21.86 -33.46
CA ASP A 146 -10.94 21.75 -34.28
C ASP A 146 -10.96 20.53 -35.20
N GLY A 147 -11.63 19.46 -34.76
CA GLY A 147 -11.68 18.21 -35.52
C GLY A 147 -10.52 17.31 -35.17
N LEU A 148 -9.46 17.89 -34.61
CA LEU A 148 -8.29 17.15 -34.13
C LEU A 148 -8.58 16.49 -32.77
N GLY A 149 -7.84 15.43 -32.47
CA GLY A 149 -7.80 14.89 -31.11
C GLY A 149 -6.76 15.63 -30.29
N PHE A 150 -7.05 15.85 -29.01
CA PHE A 150 -6.07 16.40 -28.05
C PHE A 150 -6.02 15.51 -26.81
N PHE A 151 -4.86 15.39 -26.19
CA PHE A 151 -4.78 14.70 -24.91
C PHE A 151 -3.67 15.22 -24.03
N ARG A 152 -3.88 15.05 -22.73
CA ARG A 152 -2.90 15.39 -21.71
C ARG A 152 -2.81 14.20 -20.80
N GLU A 153 -1.62 13.62 -20.76
CA GLU A 153 -1.33 12.50 -19.88
C GLU A 153 -0.20 12.97 -18.96
N ILE A 154 -0.58 13.43 -17.76
CA ILE A 154 0.34 14.13 -16.86
C ILE A 154 0.50 13.33 -15.57
N VAL A 155 1.73 12.96 -15.23
CA VAL A 155 1.98 12.05 -14.13
C VAL A 155 3.11 12.62 -13.29
N ALA A 156 3.08 12.42 -11.98
CA ALA A 156 3.98 13.12 -11.07
C ALA A 156 4.59 12.20 -10.01
N PRO A 157 5.66 11.46 -10.37
CA PRO A 157 6.28 10.62 -9.35
C PRO A 157 7.14 11.41 -8.37
N ARG A 158 7.08 11.02 -7.10
CA ARG A 158 8.05 11.48 -6.11
C ARG A 158 9.46 10.97 -6.46
N ALA A 159 10.49 11.58 -5.88
CA ALA A 159 11.86 11.18 -6.13
C ALA A 159 12.09 9.71 -5.79
N GLU A 160 11.38 9.22 -4.78
CA GLU A 160 11.50 7.83 -4.37
C GLU A 160 10.76 6.88 -5.34
N GLN A 161 10.00 7.46 -6.28
CA GLN A 161 9.13 6.70 -7.16
C GLN A 161 9.54 6.56 -8.64
N PHE A 162 10.75 6.97 -8.99
CA PHE A 162 11.23 6.74 -10.35
C PHE A 162 12.70 6.34 -10.34
N GLU A 163 13.10 5.62 -11.37
CA GLU A 163 14.48 5.22 -11.55
C GLU A 163 14.91 5.47 -13.00
N THR A 164 16.20 5.65 -13.20
CA THR A 164 16.74 5.86 -14.53
C THR A 164 17.89 4.90 -14.74
N LEU A 165 18.18 4.58 -15.98
CA LEU A 165 19.34 3.77 -16.31
C LEU A 165 19.84 4.18 -17.68
N TYR A 166 21.12 4.54 -17.77
CA TYR A 166 21.72 4.99 -19.02
C TYR A 166 22.95 4.15 -19.37
N ALA A 167 23.06 3.72 -20.63
CA ALA A 167 24.28 3.03 -21.11
C ALA A 167 25.26 4.06 -21.68
N PHE A 168 25.22 5.27 -21.11
CA PHE A 168 26.08 6.38 -21.49
C PHE A 168 26.11 7.40 -20.35
N GLN A 169 26.96 8.41 -20.48
CA GLN A 169 27.18 9.35 -19.37
C GLN A 169 26.72 10.76 -19.68
N GLU A 170 26.72 11.11 -20.96
CA GLU A 170 26.54 12.50 -21.38
C GLU A 170 25.19 12.78 -22.01
N ASP A 171 24.74 14.03 -21.84
CA ASP A 171 23.54 14.55 -22.50
C ASP A 171 22.30 13.68 -22.31
N LEU A 172 21.87 13.55 -21.05
CA LEU A 172 20.73 12.71 -20.67
C LEU A 172 19.42 13.19 -21.27
N PRO A 173 18.69 12.28 -21.94
CA PRO A 173 17.37 12.61 -22.42
C PRO A 173 16.30 12.36 -21.34
N GLY A 174 15.06 12.73 -21.64
CA GLY A 174 13.95 12.50 -20.74
C GLY A 174 14.17 13.17 -19.40
N VAL A 175 13.80 12.45 -18.34
CA VAL A 175 13.80 13.02 -16.99
C VAL A 175 15.22 13.33 -16.53
N GLY A 176 16.20 12.61 -17.08
CA GLY A 176 17.60 12.83 -16.73
C GLY A 176 18.01 14.26 -17.05
N ALA A 177 17.37 14.87 -18.03
CA ALA A 177 17.68 16.24 -18.46
C ALA A 177 17.39 17.29 -17.39
N VAL A 178 16.44 17.00 -16.51
CA VAL A 178 16.07 17.95 -15.45
C VAL A 178 16.65 17.61 -14.07
N MET A 179 17.43 16.53 -14.03
CA MET A 179 18.14 16.14 -12.83
C MET A 179 19.45 16.94 -12.72
N ASP A 180 20.24 16.68 -11.69
CA ASP A 180 21.38 17.56 -11.40
C ASP A 180 22.68 17.11 -12.05
N GLY A 181 22.77 15.83 -12.41
CA GLY A 181 23.98 15.28 -12.99
C GLY A 181 23.92 13.78 -13.21
N ILE A 182 25.08 13.20 -13.47
CA ILE A 182 25.23 11.78 -13.70
C ILE A 182 25.98 11.13 -12.54
N SER A 183 25.65 9.87 -12.25
CA SER A 183 26.33 9.08 -11.24
C SER A 183 27.65 8.52 -11.78
N GLY A 184 28.42 7.87 -10.92
CA GLY A 184 29.46 6.94 -11.37
C GLY A 184 28.80 5.62 -11.76
N GLU A 185 29.62 4.62 -12.08
CA GLU A 185 29.09 3.30 -12.41
C GLU A 185 28.31 2.72 -11.24
N ILE A 186 27.11 2.22 -11.52
CA ILE A 186 26.21 1.74 -10.46
C ILE A 186 26.12 0.23 -10.34
N ASN A 187 25.81 -0.21 -9.11
CA ASN A 187 25.75 -1.62 -8.79
C ASN A 187 24.46 -2.32 -9.22
N GLU A 188 23.32 -1.63 -9.07
CA GLU A 188 22.01 -2.27 -9.22
C GLU A 188 21.57 -2.32 -10.68
N HIS A 189 22.25 -3.13 -11.49
CA HIS A 189 21.77 -3.43 -12.85
C HIS A 189 22.41 -4.73 -13.33
N GLY A 190 21.91 -5.29 -14.44
CA GLY A 190 22.51 -6.52 -14.98
C GLY A 190 21.89 -7.82 -14.52
N TYR A 191 20.72 -7.73 -13.91
CA TYR A 191 19.96 -8.90 -13.45
C TYR A 191 18.50 -8.51 -13.37
N TRP A 192 17.59 -9.43 -13.70
CA TRP A 192 16.16 -9.16 -13.62
C TRP A 192 15.85 -8.87 -12.18
N GLY A 193 15.02 -7.86 -11.98
CA GLY A 193 14.75 -7.36 -10.63
C GLY A 193 15.56 -6.13 -10.26
N SER A 194 16.64 -5.85 -11.01
CA SER A 194 17.48 -4.67 -10.71
C SER A 194 16.72 -3.36 -10.89
N MET A 195 15.82 -3.31 -11.87
CA MET A 195 15.00 -2.14 -12.09
C MET A 195 14.25 -1.74 -10.80
N ARG A 196 13.57 -2.71 -10.19
CA ARG A 196 12.88 -2.50 -8.92
C ARG A 196 13.82 -1.93 -7.84
N GLU A 197 15.02 -2.48 -7.75
CA GLU A 197 15.98 -2.09 -6.72
C GLU A 197 16.58 -0.70 -6.93
N ARG A 198 16.47 -0.16 -8.14
CA ARG A 198 16.84 1.23 -8.42
C ARG A 198 15.79 2.26 -7.94
N PHE A 199 14.56 1.82 -7.73
CA PHE A 199 13.52 2.68 -7.11
C PHE A 199 13.86 2.86 -5.62
N PRO A 200 14.11 4.10 -5.17
CA PRO A 200 14.39 4.24 -3.72
C PRO A 200 13.30 3.69 -2.81
N ILE A 201 12.04 3.76 -3.24
CA ILE A 201 10.95 3.27 -2.41
C ILE A 201 10.97 1.74 -2.25
N SER A 202 11.70 1.04 -3.12
CA SER A 202 11.82 -0.43 -2.98
C SER A 202 12.50 -0.86 -1.67
N GLN A 203 13.12 0.09 -0.98
CA GLN A 203 13.76 -0.19 0.31
C GLN A 203 12.73 -0.52 1.37
N THR A 204 11.51 0.02 1.20
CA THR A 204 10.43 -0.13 2.17
C THR A 204 9.08 -0.57 1.58
N ASP A 205 8.90 -0.42 0.28
CA ASP A 205 7.57 -0.59 -0.32
C ASP A 205 7.56 -1.53 -1.52
N TRP A 206 6.51 -2.33 -1.62
CA TRP A 206 6.33 -3.32 -2.69
C TRP A 206 5.85 -2.74 -4.02
N MET A 207 5.48 -1.46 -4.02
CA MET A 207 4.87 -0.79 -5.19
C MET A 207 3.82 -1.68 -5.83
N GLN A 208 2.91 -2.16 -4.99
CA GLN A 208 1.85 -3.06 -5.41
C GLN A 208 0.70 -2.24 -5.99
N ALA A 209 0.26 -2.64 -7.18
CA ALA A 209 -0.91 -2.00 -7.80
C ALA A 209 -2.15 -2.27 -6.99
N SER A 210 -3.03 -1.28 -6.91
CA SER A 210 -4.36 -1.47 -6.34
C SER A 210 -5.33 -0.48 -6.99
N GLY A 211 -6.59 -0.87 -7.05
CA GLY A 211 -7.61 0.01 -7.60
C GLY A 211 -7.80 -0.16 -9.09
N GLU A 212 -8.66 0.70 -9.64
CA GLU A 212 -9.10 0.58 -11.03
C GLU A 212 -8.67 1.78 -11.87
N LEU A 213 -8.38 1.53 -13.14
CA LEU A 213 -8.27 2.61 -14.12
C LEU A 213 -9.69 3.03 -14.48
N ARG A 214 -10.06 4.25 -14.11
CA ARG A 214 -11.47 4.67 -14.08
C ARG A 214 -11.76 5.93 -14.87
N VAL A 215 -12.78 5.85 -15.73
CA VAL A 215 -13.36 7.03 -16.35
C VAL A 215 -14.07 7.78 -15.21
N ILE A 216 -13.81 9.07 -15.09
CA ILE A 216 -14.42 9.87 -14.02
C ILE A 216 -15.27 11.01 -14.57
N ALA A 217 -15.10 11.30 -15.86
CA ALA A 217 -15.98 12.22 -16.57
C ALA A 217 -16.01 11.87 -18.07
N GLY A 218 -17.20 11.98 -18.67
CA GLY A 218 -17.35 11.73 -20.10
C GLY A 218 -17.54 10.26 -20.42
N ASP A 219 -17.55 9.94 -21.71
CA ASP A 219 -17.75 8.58 -22.20
C ASP A 219 -16.87 8.38 -23.42
N PRO A 220 -15.92 7.41 -23.36
CA PRO A 220 -15.01 7.17 -24.50
C PRO A 220 -15.75 6.88 -25.81
N ALA A 221 -16.88 6.17 -25.71
CA ALA A 221 -17.70 5.81 -26.88
C ALA A 221 -18.39 6.98 -27.57
N VAL A 222 -18.56 8.11 -26.89
CA VAL A 222 -19.23 9.26 -27.50
C VAL A 222 -18.22 10.32 -27.98
N GLY A 223 -16.97 10.20 -27.54
CA GLY A 223 -15.95 11.18 -27.89
C GLY A 223 -16.08 12.39 -26.98
N GLY A 224 -15.78 13.57 -27.50
CA GLY A 224 -15.74 14.79 -26.69
C GLY A 224 -14.68 14.72 -25.60
N ARG A 225 -14.98 15.34 -24.46
CA ARG A 225 -14.04 15.38 -23.33
C ARG A 225 -14.22 14.18 -22.42
N VAL A 226 -13.14 13.41 -22.26
CA VAL A 226 -13.15 12.27 -21.36
C VAL A 226 -12.01 12.45 -20.37
N VAL A 227 -12.27 12.10 -19.12
CA VAL A 227 -11.24 12.21 -18.08
C VAL A 227 -11.08 10.86 -17.38
N VAL A 228 -9.85 10.36 -17.35
CA VAL A 228 -9.55 9.07 -16.76
C VAL A 228 -8.60 9.24 -15.59
N ARG A 229 -8.90 8.58 -14.47
CA ARG A 229 -8.00 8.62 -13.34
C ARG A 229 -7.24 7.31 -13.21
N GLY A 230 -5.93 7.42 -13.02
CA GLY A 230 -5.07 6.26 -12.75
C GLY A 230 -5.35 5.64 -11.39
N HIS A 231 -4.75 4.48 -11.15
CA HIS A 231 -4.81 3.84 -9.86
C HIS A 231 -3.40 3.76 -9.27
N ASP A 232 -3.31 3.44 -7.97
CA ASP A 232 -2.01 3.34 -7.32
C ASP A 232 -1.08 2.40 -8.07
N ASN A 233 0.13 2.87 -8.25
CA ASN A 233 1.23 2.08 -8.79
C ASN A 233 1.05 1.51 -10.20
N ILE A 234 0.28 2.24 -11.01
CA ILE A 234 0.51 2.16 -12.47
C ILE A 234 1.99 2.50 -12.70
N ALA A 235 2.60 1.81 -13.65
CA ALA A 235 3.99 2.05 -14.00
C ALA A 235 4.07 2.63 -15.41
N LEU A 236 4.99 3.56 -15.60
CA LEU A 236 5.25 4.15 -16.91
C LEU A 236 6.70 3.99 -17.24
N ILE A 237 6.97 3.36 -18.37
CA ILE A 237 8.33 3.22 -18.87
C ILE A 237 8.52 4.06 -20.14
N ARG A 238 9.60 4.85 -20.15
CA ARG A 238 10.11 5.43 -21.37
C ARG A 238 11.46 4.76 -21.63
N SER A 239 11.51 3.90 -22.64
CA SER A 239 12.74 3.18 -22.99
C SER A 239 13.16 3.62 -24.39
N GLY A 240 14.34 4.22 -24.47
CA GLY A 240 14.76 4.93 -25.65
C GLY A 240 15.99 4.43 -26.38
N GLN A 241 16.06 4.82 -27.65
CA GLN A 241 17.13 4.45 -28.57
C GLN A 241 17.59 5.69 -29.32
N ASP A 242 18.88 5.91 -29.36
CA ASP A 242 19.41 7.07 -30.05
C ASP A 242 20.63 6.63 -30.90
N TRP A 243 20.44 6.67 -32.22
CA TRP A 243 21.47 6.22 -33.16
C TRP A 243 22.00 7.37 -34.04
N ALA A 244 21.73 8.60 -33.61
CA ALA A 244 22.06 9.80 -34.39
C ALA A 244 23.56 10.03 -34.58
N ASP A 245 24.38 9.54 -33.65
CA ASP A 245 25.84 9.76 -33.70
C ASP A 245 26.63 8.56 -34.21
N ALA A 246 25.94 7.45 -34.46
CA ALA A 246 26.57 6.22 -34.95
C ALA A 246 27.06 6.34 -36.38
N GLU A 247 28.14 5.63 -36.70
CA GLU A 247 28.64 5.56 -38.06
C GLU A 247 27.92 4.47 -38.84
N ALA A 248 28.14 4.43 -40.16
CA ALA A 248 27.40 3.55 -41.08
C ALA A 248 27.31 2.08 -40.61
N ASP A 249 28.44 1.50 -40.23
CA ASP A 249 28.50 0.09 -39.85
C ASP A 249 27.66 -0.23 -38.61
N GLU A 250 27.60 0.71 -37.66
CA GLU A 250 26.80 0.54 -36.46
C GLU A 250 25.32 0.86 -36.72
N ARG A 251 25.09 1.91 -37.52
CA ARG A 251 23.74 2.24 -37.96
C ARG A 251 23.03 1.04 -38.58
N SER A 252 23.72 0.34 -39.49
CA SER A 252 23.20 -0.88 -40.11
C SER A 252 22.93 -1.97 -39.09
N LEU A 253 23.84 -2.13 -38.13
CA LEU A 253 23.64 -3.10 -37.05
C LEU A 253 22.36 -2.85 -36.28
N TYR A 254 22.15 -1.61 -35.84
CA TYR A 254 20.93 -1.26 -35.13
C TYR A 254 19.69 -1.45 -36.03
N LEU A 255 19.71 -0.86 -37.22
CA LEU A 255 18.54 -0.87 -38.10
C LEU A 255 18.19 -2.26 -38.64
N ASP A 256 19.20 -3.10 -38.85
CA ASP A 256 19.02 -4.43 -39.47
C ASP A 256 18.90 -5.58 -38.49
N GLU A 257 19.54 -5.46 -37.34
CA GLU A 257 19.56 -6.56 -36.36
C GLU A 257 18.77 -6.27 -35.09
N ILE A 258 18.90 -5.05 -34.57
CA ILE A 258 18.26 -4.72 -33.30
C ILE A 258 16.83 -4.24 -33.53
N LEU A 259 16.67 -3.23 -34.39
CA LEU A 259 15.35 -2.64 -34.67
C LEU A 259 14.22 -3.63 -35.01
N PRO A 260 14.46 -4.62 -35.90
CA PRO A 260 13.40 -5.60 -36.13
C PRO A 260 12.89 -6.35 -34.90
N THR A 261 13.80 -6.72 -33.98
CA THR A 261 13.38 -7.35 -32.71
C THR A 261 12.57 -6.37 -31.85
N LEU A 262 13.01 -5.12 -31.83
CA LEU A 262 12.32 -4.10 -31.03
C LEU A 262 10.92 -3.83 -31.58
N GLN A 263 10.85 -3.69 -32.90
CA GLN A 263 9.58 -3.50 -33.58
C GLN A 263 8.60 -4.64 -33.26
N SER A 264 9.08 -5.88 -33.32
CA SER A 264 8.25 -7.04 -32.99
C SER A 264 7.69 -6.95 -31.57
N GLY A 265 8.54 -6.60 -30.62
CA GLY A 265 8.13 -6.47 -29.22
C GLY A 265 7.11 -5.35 -29.00
N MET A 266 7.33 -4.23 -29.67
CA MET A 266 6.44 -3.08 -29.57
C MET A 266 5.09 -3.38 -30.17
N ASP A 267 5.06 -4.01 -31.35
CA ASP A 267 3.81 -4.45 -31.96
C ASP A 267 3.06 -5.41 -31.05
N PHE A 268 3.78 -6.33 -30.42
CA PHE A 268 3.15 -7.25 -29.48
C PHE A 268 2.41 -6.50 -28.36
N LEU A 269 3.13 -5.62 -27.68
CA LEU A 269 2.57 -4.86 -26.57
C LEU A 269 1.41 -3.94 -27.00
N ARG A 270 1.55 -3.34 -28.17
CA ARG A 270 0.50 -2.49 -28.74
C ARG A 270 -0.80 -3.27 -29.00
N ASP A 271 -0.66 -4.52 -29.46
CA ASP A 271 -1.81 -5.29 -29.96
C ASP A 271 -2.27 -6.39 -28.99
N ASN A 272 -1.46 -6.70 -27.98
CA ASN A 272 -1.82 -7.71 -26.97
C ASN A 272 -1.70 -7.16 -25.54
N GLY A 273 -1.99 -5.85 -25.40
CA GLY A 273 -1.89 -5.14 -24.11
C GLY A 273 -2.62 -5.76 -22.93
N PRO A 274 -3.95 -5.95 -23.07
CA PRO A 274 -4.72 -6.52 -21.96
C PRO A 274 -4.20 -7.89 -21.48
N ALA A 275 -3.66 -8.69 -22.40
CA ALA A 275 -3.10 -10.00 -22.02
C ALA A 275 -1.92 -9.95 -21.06
N VAL A 276 -1.07 -8.92 -21.19
CA VAL A 276 0.16 -8.83 -20.38
C VAL A 276 0.14 -7.69 -19.35
N GLY A 277 -0.94 -6.92 -19.35
CA GLY A 277 -1.14 -5.82 -18.38
C GLY A 277 -0.58 -4.47 -18.82
N CYS A 278 -0.47 -4.29 -20.14
CA CYS A 278 0.02 -3.03 -20.70
C CYS A 278 -1.17 -2.23 -21.21
N TYR A 279 -1.55 -1.19 -20.47
CA TYR A 279 -2.70 -0.35 -20.81
C TYR A 279 -2.52 0.39 -22.12
N SER A 280 -1.30 0.82 -22.40
CA SER A 280 -1.02 1.65 -23.57
C SER A 280 0.43 1.43 -23.96
N ASN A 281 0.66 1.12 -25.23
CA ASN A 281 2.02 1.01 -25.75
C ASN A 281 2.20 1.86 -26.98
N ARG A 282 3.18 2.75 -26.94
CA ARG A 282 3.49 3.61 -28.07
C ARG A 282 4.98 3.43 -28.44
N PHE A 283 5.25 3.27 -29.72
CA PHE A 283 6.62 3.27 -30.21
C PHE A 283 6.75 4.53 -31.06
N VAL A 284 7.44 5.54 -30.52
CA VAL A 284 7.45 6.87 -31.10
C VAL A 284 8.83 7.28 -31.61
N ARG A 285 8.84 8.14 -32.62
CA ARG A 285 10.09 8.61 -33.21
C ARG A 285 10.19 10.11 -32.94
N ASN A 286 11.34 10.57 -32.46
CA ASN A 286 11.54 12.01 -32.30
C ASN A 286 11.43 12.76 -33.61
N ILE A 287 10.88 13.97 -33.54
CA ILE A 287 10.75 14.87 -34.68
C ILE A 287 11.19 16.28 -34.28
N ASP A 288 11.52 17.09 -35.27
CA ASP A 288 11.73 18.52 -35.02
C ASP A 288 10.38 19.22 -35.10
N ILE A 289 10.41 20.53 -34.88
CA ILE A 289 9.23 21.39 -34.83
C ILE A 289 8.38 21.37 -36.13
N ASP A 290 9.00 20.96 -37.23
CA ASP A 290 8.36 20.93 -38.53
C ASP A 290 7.85 19.52 -38.89
N GLY A 291 8.09 18.57 -38.00
CA GLY A 291 7.59 17.21 -38.16
C GLY A 291 8.56 16.29 -38.88
N ASN A 292 9.80 16.75 -39.06
CA ASN A 292 10.83 15.94 -39.70
C ASN A 292 11.48 14.97 -38.71
N PHE A 293 11.69 13.73 -39.14
CA PHE A 293 12.19 12.68 -38.24
C PHE A 293 13.62 12.94 -37.78
N LEU A 294 13.87 12.60 -36.51
CA LEU A 294 15.21 12.57 -35.96
C LEU A 294 15.55 11.12 -35.63
N ASP A 295 16.84 10.81 -35.53
CA ASP A 295 17.29 9.45 -35.29
C ASP A 295 17.34 9.13 -33.79
N LEU A 296 16.21 9.39 -33.15
CA LEU A 296 15.99 9.01 -31.77
C LEU A 296 14.56 8.47 -31.71
N SER A 297 14.34 7.49 -30.85
CA SER A 297 13.03 6.89 -30.66
C SER A 297 12.84 6.51 -29.21
N TYR A 298 11.61 6.20 -28.85
CA TYR A 298 11.35 5.56 -27.58
C TYR A 298 9.98 4.93 -27.43
N ASN A 299 9.92 3.98 -26.51
CA ASN A 299 8.67 3.36 -26.08
C ASN A 299 8.07 4.26 -25.02
N ILE A 300 6.76 4.51 -25.10
CA ILE A 300 5.99 5.07 -23.97
C ILE A 300 4.98 3.99 -23.57
N GLY A 301 5.23 3.30 -22.46
CA GLY A 301 4.40 2.17 -22.05
C GLY A 301 3.78 2.38 -20.68
N HIS A 302 2.45 2.28 -20.61
CA HIS A 302 1.76 2.42 -19.34
C HIS A 302 1.27 1.04 -18.93
N TRP A 303 1.61 0.62 -17.72
CA TRP A 303 1.42 -0.73 -17.26
C TRP A 303 0.54 -0.80 -16.03
N ALA A 304 -0.28 -1.85 -15.93
CA ALA A 304 -1.18 -2.08 -14.79
C ALA A 304 -0.43 -2.29 -13.48
N SER A 305 0.80 -2.76 -13.59
CA SER A 305 1.66 -2.88 -12.42
C SER A 305 3.10 -2.93 -12.85
N LEU A 306 3.99 -2.58 -11.93
CA LEU A 306 5.42 -2.70 -12.16
C LEU A 306 5.77 -4.16 -12.36
N ASP A 307 5.14 -5.05 -11.60
CA ASP A 307 5.52 -6.46 -11.72
C ASP A 307 5.04 -7.10 -13.03
N GLN A 308 3.92 -6.64 -13.61
CA GLN A 308 3.61 -7.11 -14.96
C GLN A 308 4.66 -6.70 -16.00
N LEU A 309 5.21 -5.49 -15.84
CA LEU A 309 6.30 -5.02 -16.68
C LEU A 309 7.54 -5.90 -16.45
N GLU A 310 7.79 -6.24 -15.19
CA GLU A 310 8.89 -7.16 -14.84
C GLU A 310 8.71 -8.51 -15.54
N ARG A 311 7.52 -9.09 -15.44
CA ARG A 311 7.26 -10.41 -16.01
C ARG A 311 7.51 -10.40 -17.52
N TRP A 312 7.01 -9.36 -18.18
CA TRP A 312 7.13 -9.30 -19.64
C TRP A 312 8.58 -9.20 -20.08
N SER A 313 9.32 -8.27 -19.48
CA SER A 313 10.71 -8.01 -19.84
C SER A 313 11.58 -9.25 -19.66
N GLU A 314 11.28 -10.01 -18.60
CA GLU A 314 12.19 -11.08 -18.17
C GLU A 314 11.85 -12.45 -18.72
N SER A 315 10.61 -12.62 -19.20
CA SER A 315 10.11 -13.97 -19.50
C SER A 315 9.34 -14.09 -20.81
N HIS A 316 8.91 -12.96 -21.38
CA HIS A 316 8.21 -13.00 -22.65
C HIS A 316 9.21 -13.10 -23.81
N PRO A 317 8.96 -14.01 -24.75
CA PRO A 317 9.94 -14.21 -25.81
C PRO A 317 10.32 -12.94 -26.56
N THR A 318 9.41 -11.98 -26.67
CA THR A 318 9.68 -10.76 -27.41
C THR A 318 10.84 -9.93 -26.83
N HIS A 319 10.77 -9.60 -25.53
CA HIS A 319 11.89 -8.86 -24.93
C HIS A 319 13.14 -9.71 -24.77
N LEU A 320 12.96 -11.02 -24.54
CA LEU A 320 14.11 -11.90 -24.45
C LEU A 320 14.84 -11.94 -25.80
N ARG A 321 14.09 -11.95 -26.89
CA ARG A 321 14.69 -11.86 -28.24
C ARG A 321 15.48 -10.57 -28.40
N ILE A 322 14.87 -9.45 -28.00
CA ILE A 322 15.53 -8.15 -28.01
C ILE A 322 16.83 -8.21 -27.19
N PHE A 323 16.71 -8.73 -25.97
CA PHE A 323 17.80 -8.83 -25.01
C PHE A 323 18.93 -9.76 -25.50
N THR A 324 18.58 -10.92 -26.04
CA THR A 324 19.60 -11.85 -26.55
C THR A 324 20.30 -11.33 -27.81
N THR A 325 19.55 -10.64 -28.68
CA THR A 325 20.12 -10.09 -29.91
C THR A 325 21.11 -8.98 -29.59
N PHE A 326 20.77 -8.13 -28.64
CA PHE A 326 21.65 -7.05 -28.18
C PHE A 326 23.01 -7.58 -27.79
N PHE A 327 23.03 -8.59 -26.92
CA PHE A 327 24.30 -9.16 -26.47
C PHE A 327 25.03 -9.96 -27.57
N ARG A 328 24.27 -10.47 -28.56
CA ARG A 328 24.90 -11.12 -29.72
C ARG A 328 25.74 -10.13 -30.54
N VAL A 329 25.18 -8.95 -30.75
CA VAL A 329 25.79 -7.93 -31.63
C VAL A 329 26.57 -6.84 -30.87
N ALA A 330 26.43 -6.83 -29.54
CA ALA A 330 27.00 -5.79 -28.66
C ALA A 330 28.43 -5.31 -29.00
N ALA A 331 29.27 -6.22 -29.50
CA ALA A 331 30.66 -5.90 -29.87
C ALA A 331 30.73 -4.85 -30.98
N GLY A 332 29.74 -4.87 -31.88
CA GLY A 332 29.70 -3.96 -33.02
C GLY A 332 29.10 -2.60 -32.71
N LEU A 333 28.76 -2.38 -31.44
CA LEU A 333 28.15 -1.13 -30.99
C LEU A 333 29.12 -0.33 -30.12
N SER A 334 29.02 0.99 -30.22
CA SER A 334 29.86 1.91 -29.45
C SER A 334 29.22 3.28 -29.29
N LYS A 335 28.56 3.76 -30.34
CA LYS A 335 27.93 5.10 -30.33
C LYS A 335 26.43 5.09 -30.10
N LEU A 336 25.81 3.91 -30.24
CA LEU A 336 24.40 3.75 -29.95
C LEU A 336 24.13 4.06 -28.48
N ARG A 337 23.05 4.80 -28.23
CA ARG A 337 22.70 5.24 -26.88
C ARG A 337 21.39 4.57 -26.47
N LEU A 338 21.45 3.76 -25.43
CA LEU A 338 20.26 3.10 -24.89
C LEU A 338 20.05 3.45 -23.42
N TYR A 339 18.79 3.63 -23.05
CA TYR A 339 18.43 4.09 -21.71
C TYR A 339 16.95 3.82 -21.44
N HIS A 340 16.60 3.87 -20.16
CA HIS A 340 15.19 3.99 -19.79
C HIS A 340 14.96 4.81 -18.54
N GLU A 341 13.70 5.19 -18.36
CA GLU A 341 13.24 5.78 -17.11
C GLU A 341 11.96 5.04 -16.79
N VAL A 342 11.77 4.67 -15.53
CA VAL A 342 10.57 3.97 -15.13
C VAL A 342 10.07 4.60 -13.86
N SER A 343 8.74 4.82 -13.80
CA SER A 343 8.09 5.57 -12.74
C SER A 343 6.87 4.82 -12.24
N VAL A 344 6.55 4.95 -10.96
CA VAL A 344 5.25 4.51 -10.45
C VAL A 344 4.62 5.73 -9.77
N PHE A 345 3.29 5.75 -9.66
CA PHE A 345 2.64 6.90 -9.04
C PHE A 345 1.45 6.51 -8.22
N ASP A 346 1.15 7.32 -7.21
CA ASP A 346 -0.14 7.29 -6.52
C ASP A 346 -1.21 7.63 -7.54
N ALA A 347 -2.44 7.16 -7.29
CA ALA A 347 -3.62 7.48 -8.11
C ALA A 347 -3.76 8.99 -8.31
N ALA A 348 -3.61 9.76 -7.23
CA ALA A 348 -3.81 11.21 -7.26
C ALA A 348 -2.80 11.97 -8.14
N ASP A 349 -1.68 11.33 -8.47
CA ASP A 349 -0.63 12.00 -9.23
C ASP A 349 -0.67 11.68 -10.71
N GLN A 350 -1.82 11.21 -11.16
CA GLN A 350 -2.03 10.84 -12.57
C GLN A 350 -3.31 11.48 -13.07
N LEU A 351 -3.24 12.09 -14.24
CA LEU A 351 -4.42 12.68 -14.88
C LEU A 351 -4.28 12.38 -16.36
N TYR A 352 -5.33 11.78 -16.93
CA TYR A 352 -5.34 11.36 -18.32
C TYR A 352 -6.61 11.93 -18.97
N GLU A 353 -6.44 13.00 -19.73
CA GLU A 353 -7.58 13.77 -20.27
C GLU A 353 -7.58 13.70 -21.78
N TYR A 354 -8.75 13.51 -22.37
CA TYR A 354 -8.86 13.29 -23.81
C TYR A 354 -9.94 14.18 -24.40
N ILE A 355 -9.66 14.77 -25.57
CA ILE A 355 -10.65 15.57 -26.29
C ILE A 355 -10.75 15.06 -27.71
N ASN A 356 -11.92 14.55 -28.09
CA ASN A 356 -12.15 14.01 -29.44
C ASN A 356 -11.06 13.03 -29.91
N CYS A 357 -10.69 12.11 -29.02
CA CYS A 357 -9.75 11.05 -29.38
C CYS A 357 -10.53 9.77 -29.67
N HIS A 358 -9.99 8.93 -30.55
CA HIS A 358 -10.64 7.65 -30.78
C HIS A 358 -10.56 6.81 -29.51
N PRO A 359 -11.54 5.92 -29.29
CA PRO A 359 -11.68 5.26 -27.98
C PRO A 359 -10.60 4.26 -27.58
N GLY A 360 -9.64 4.00 -28.47
CA GLY A 360 -8.46 3.18 -28.13
C GLY A 360 -7.23 3.97 -27.73
N THR A 361 -7.38 5.29 -27.64
CA THR A 361 -6.26 6.20 -27.39
C THR A 361 -5.82 6.11 -25.94
N GLY A 362 -4.53 5.84 -25.71
CA GLY A 362 -3.93 5.84 -24.38
C GLY A 362 -4.77 5.10 -23.37
N MET A 363 -5.10 5.77 -22.27
CA MET A 363 -5.81 5.12 -21.17
C MET A 363 -7.32 4.99 -21.39
N LEU A 364 -7.83 5.51 -22.51
CA LEU A 364 -9.25 5.33 -22.82
C LEU A 364 -9.60 3.86 -23.04
N ARG A 365 -8.67 3.11 -23.62
CA ARG A 365 -8.96 1.75 -24.08
C ARG A 365 -9.45 0.83 -22.96
N ASP A 366 -8.73 0.81 -21.84
CA ASP A 366 -9.00 -0.15 -20.77
C ASP A 366 -9.68 0.45 -19.54
N ALA A 367 -9.91 1.76 -19.53
CA ALA A 367 -10.59 2.42 -18.41
C ALA A 367 -11.99 1.86 -18.18
N VAL A 368 -12.35 1.69 -16.92
CA VAL A 368 -13.71 1.27 -16.55
C VAL A 368 -14.65 2.47 -16.53
N THR A 369 -15.83 2.29 -17.12
CA THR A 369 -16.84 3.37 -17.18
C THR A 369 -17.60 3.51 -15.85
N ILE A 370 -18.39 4.57 -15.72
CA ILE A 370 -18.98 4.99 -14.42
C ILE A 370 -19.78 3.93 -13.64
N ALA A 371 -20.48 3.06 -14.35
CA ALA A 371 -21.34 2.05 -13.70
C ALA A 371 -20.74 0.64 -13.66
N GLU A 372 -19.64 0.44 -14.37
CA GLU A 372 -18.99 -0.88 -14.46
C GLU A 372 -18.32 -1.32 -13.15
N HIS A 373 -18.11 -0.37 -12.24
CA HIS A 373 -17.56 -0.69 -10.92
C HIS A 373 -18.06 0.27 -9.83
N MET B 21 -1.88 -19.93 -1.72
CA MET B 21 -1.07 -21.04 -2.28
C MET B 21 -0.05 -21.59 -1.28
N GLU B 22 0.29 -22.86 -1.46
CA GLU B 22 1.34 -23.50 -0.67
C GLU B 22 2.68 -22.84 -0.98
N SER B 23 3.57 -22.87 0.01
CA SER B 23 4.90 -22.33 -0.15
C SER B 23 5.88 -23.46 -0.40
N ALA B 24 6.91 -23.18 -1.20
CA ALA B 24 8.01 -24.12 -1.41
C ALA B 24 8.73 -24.44 -0.11
N ILE B 25 8.69 -23.51 0.85
CA ILE B 25 9.39 -23.71 2.11
C ILE B 25 8.51 -24.50 3.08
N GLY B 26 9.04 -25.63 3.57
CA GLY B 26 8.35 -26.50 4.51
C GLY B 26 7.89 -25.74 5.74
N GLU B 27 6.73 -26.14 6.27
CA GLU B 27 6.15 -25.44 7.42
C GLU B 27 7.15 -25.24 8.57
N HIS B 28 7.89 -26.30 8.90
CA HIS B 28 8.79 -26.27 10.05
C HIS B 28 10.02 -25.40 9.79
N LEU B 29 10.29 -25.13 8.51
CA LEU B 29 11.43 -24.31 8.09
C LEU B 29 11.06 -22.84 7.85
N GLN B 30 9.76 -22.52 7.92
CA GLN B 30 9.34 -21.13 7.83
C GLN B 30 9.69 -20.42 9.14
N CYS B 31 10.13 -19.18 9.02
CA CYS B 31 10.62 -18.42 10.19
C CYS B 31 10.48 -16.90 9.98
N PRO B 32 10.60 -16.11 11.08
CA PRO B 32 10.58 -14.65 10.89
C PRO B 32 11.65 -14.24 9.87
N ARG B 33 11.22 -13.49 8.85
CA ARG B 33 12.12 -13.09 7.77
C ARG B 33 12.98 -11.90 8.13
N THR B 34 14.21 -11.91 7.61
CA THR B 34 15.01 -10.69 7.56
C THR B 34 15.28 -10.30 6.11
N LEU B 35 15.31 -11.29 5.22
CA LEU B 35 15.43 -11.04 3.78
C LEU B 35 14.10 -11.34 3.11
N THR B 36 13.76 -10.56 2.10
CA THR B 36 12.44 -10.63 1.50
C THR B 36 12.48 -11.09 0.05
N ARG B 37 11.31 -11.48 -0.47
CA ARG B 37 11.17 -11.92 -1.85
C ARG B 37 11.21 -10.76 -2.82
N ARG B 38 11.25 -11.05 -4.12
CA ARG B 38 11.36 -10.00 -5.14
C ARG B 38 10.04 -9.80 -5.89
N VAL B 39 9.04 -10.57 -5.48
CA VAL B 39 7.68 -10.38 -5.96
C VAL B 39 6.78 -9.99 -4.78
N PRO B 40 5.76 -9.14 -5.04
CA PRO B 40 4.74 -8.84 -4.03
C PRO B 40 3.88 -10.07 -3.75
N ASP B 41 3.26 -10.14 -2.58
CA ASP B 41 2.54 -11.38 -2.20
C ASP B 41 1.22 -11.66 -2.95
N THR B 42 0.87 -10.79 -3.91
CA THR B 42 -0.23 -11.09 -4.83
C THR B 42 0.20 -12.02 -5.97
N TYR B 43 1.51 -12.26 -6.10
CA TYR B 43 2.01 -13.08 -7.21
C TYR B 43 1.36 -14.45 -7.32
N THR B 44 1.00 -14.81 -8.55
CA THR B 44 0.47 -16.12 -8.89
C THR B 44 1.23 -16.65 -10.11
N PRO B 45 1.87 -17.82 -9.97
CA PRO B 45 2.63 -18.45 -11.06
C PRO B 45 1.76 -18.80 -12.28
N PRO B 46 2.35 -18.77 -13.50
CA PRO B 46 1.60 -18.97 -14.73
C PRO B 46 1.29 -20.45 -15.05
N PHE B 47 1.96 -21.36 -14.35
CA PHE B 47 1.76 -22.79 -14.55
C PHE B 47 2.09 -23.54 -13.26
N PRO B 48 1.58 -24.79 -13.10
CA PRO B 48 1.85 -25.52 -11.85
C PRO B 48 3.24 -26.15 -11.75
N MET B 49 3.88 -26.02 -10.58
CA MET B 49 5.07 -26.80 -10.24
C MET B 49 4.99 -27.24 -8.79
N TRP B 50 5.71 -28.29 -8.45
CA TRP B 50 5.65 -28.89 -7.13
C TRP B 50 7.06 -29.01 -6.53
N VAL B 51 7.14 -29.17 -5.21
CA VAL B 51 8.42 -29.42 -4.54
C VAL B 51 8.35 -30.62 -3.59
N GLY B 52 9.53 -31.15 -3.24
CA GLY B 52 9.62 -32.21 -2.24
C GLY B 52 9.27 -31.70 -0.86
N ARG B 53 8.59 -32.54 -0.08
CA ARG B 53 8.25 -32.23 1.30
C ARG B 53 8.91 -33.21 2.27
N ALA B 54 9.34 -32.71 3.42
CA ALA B 54 9.85 -33.54 4.51
C ALA B 54 9.65 -32.80 5.82
N ASP B 55 9.39 -33.55 6.88
CA ASP B 55 9.21 -32.98 8.22
C ASP B 55 10.58 -32.71 8.88
N ASP B 56 10.58 -32.39 10.17
CA ASP B 56 11.81 -31.99 10.87
C ASP B 56 12.81 -33.11 11.16
N ALA B 57 12.47 -34.34 10.76
CA ALA B 57 13.36 -35.48 10.91
C ALA B 57 14.49 -35.41 9.90
N LEU B 58 14.20 -34.80 8.75
CA LEU B 58 15.19 -34.61 7.69
C LEU B 58 15.91 -33.27 7.94
N GLN B 59 17.03 -33.34 8.65
CA GLN B 59 17.74 -32.13 9.05
C GLN B 59 18.89 -31.76 8.11
N GLN B 60 19.61 -32.77 7.67
CA GLN B 60 20.77 -32.60 6.81
C GLN B 60 21.05 -33.87 6.02
N VAL B 61 21.05 -33.75 4.69
CA VAL B 61 21.28 -34.90 3.81
C VAL B 61 22.74 -35.02 3.37
N VAL B 62 23.11 -36.17 2.80
CA VAL B 62 24.41 -36.33 2.20
C VAL B 62 24.18 -36.81 0.78
N MET B 63 24.76 -36.08 -0.15
CA MET B 63 24.75 -36.42 -1.57
C MET B 63 26.18 -36.84 -1.92
N GLY B 64 26.33 -38.11 -2.26
CA GLY B 64 27.64 -38.68 -2.56
C GLY B 64 27.74 -39.19 -3.99
N TYR B 65 28.47 -38.45 -4.80
CA TYR B 65 28.72 -38.83 -6.20
C TYR B 65 30.02 -39.61 -6.27
N LEU B 66 29.89 -40.90 -6.57
CA LEU B 66 31.02 -41.85 -6.56
C LEU B 66 31.33 -42.25 -8.00
N GLY B 67 32.53 -41.93 -8.47
CA GLY B 67 32.84 -42.11 -9.87
C GLY B 67 33.96 -43.07 -10.23
N VAL B 68 33.86 -43.62 -11.43
CA VAL B 68 34.89 -44.46 -12.02
C VAL B 68 35.16 -43.87 -13.40
N GLN B 69 36.44 -43.64 -13.69
CA GLN B 69 36.85 -42.98 -14.94
C GLN B 69 37.79 -43.87 -15.75
N PHE B 70 37.59 -43.91 -17.07
CA PHE B 70 38.52 -44.64 -17.96
C PHE B 70 38.43 -44.07 -19.38
N ARG B 71 39.44 -44.39 -20.20
CA ARG B 71 39.45 -43.86 -21.57
C ARG B 71 39.61 -44.94 -22.64
N ASP B 72 40.28 -46.04 -22.31
CA ASP B 72 40.51 -47.12 -23.26
C ASP B 72 39.39 -48.15 -23.18
N GLU B 73 38.94 -48.60 -24.35
CA GLU B 73 37.86 -49.56 -24.44
C GLU B 73 38.11 -50.83 -23.60
N ASP B 74 39.36 -51.24 -23.51
CA ASP B 74 39.73 -52.45 -22.81
C ASP B 74 39.61 -52.30 -21.29
N GLN B 75 39.38 -51.06 -20.85
CA GLN B 75 39.14 -50.74 -19.44
C GLN B 75 37.66 -50.86 -19.05
N ARG B 76 36.76 -50.92 -20.02
CA ARG B 76 35.31 -50.96 -19.75
C ARG B 76 34.86 -52.11 -18.82
N PRO B 77 35.32 -53.37 -19.07
CA PRO B 77 34.90 -54.43 -18.15
C PRO B 77 35.30 -54.13 -16.69
N ALA B 78 36.54 -53.70 -16.48
CA ALA B 78 37.03 -53.35 -15.13
C ALA B 78 36.26 -52.19 -14.52
N ALA B 79 35.91 -51.21 -15.35
CA ALA B 79 35.17 -50.03 -14.89
C ALA B 79 33.74 -50.39 -14.49
N LEU B 80 33.09 -51.21 -15.33
CA LEU B 80 31.75 -51.67 -15.03
C LEU B 80 31.71 -52.52 -13.75
N GLN B 81 32.74 -53.34 -13.55
CA GLN B 81 32.87 -54.15 -12.34
C GLN B 81 33.05 -53.30 -11.10
N ALA B 82 33.87 -52.26 -11.22
CA ALA B 82 34.08 -51.28 -10.15
C ALA B 82 32.75 -50.63 -9.76
N MET B 83 32.00 -50.18 -10.76
CA MET B 83 30.66 -49.61 -10.56
C MET B 83 29.72 -50.59 -9.83
N ARG B 84 29.77 -51.86 -10.23
CA ARG B 84 28.95 -52.90 -9.58
C ARG B 84 29.37 -53.14 -8.13
N ASP B 85 30.68 -53.11 -7.87
CA ASP B 85 31.22 -53.21 -6.52
C ASP B 85 30.72 -52.07 -5.63
N ILE B 86 30.69 -50.85 -6.18
CA ILE B 86 30.21 -49.68 -5.46
C ILE B 86 28.70 -49.82 -5.14
N VAL B 87 27.91 -50.24 -6.13
CA VAL B 87 26.47 -50.44 -5.93
C VAL B 87 26.17 -51.53 -4.90
N ALA B 88 26.99 -52.59 -4.90
CA ALA B 88 26.86 -53.67 -3.93
C ALA B 88 27.09 -53.19 -2.50
N GLY B 89 28.00 -52.22 -2.34
CA GLY B 89 28.28 -51.62 -1.04
C GLY B 89 27.14 -50.75 -0.54
N PHE B 90 26.29 -50.31 -1.46
CA PHE B 90 25.12 -49.48 -1.16
C PHE B 90 24.03 -50.28 -0.45
N ASP B 91 24.10 -51.60 -0.53
CA ASP B 91 23.15 -52.49 0.16
C ASP B 91 23.52 -52.73 1.64
N LEU B 92 24.80 -52.59 1.96
CA LEU B 92 25.31 -52.81 3.32
C LEU B 92 24.69 -51.87 4.34
N PRO B 93 24.73 -52.22 5.65
CA PRO B 93 24.21 -51.33 6.68
C PRO B 93 24.65 -49.87 6.48
N ASP B 94 23.69 -48.96 6.65
CA ASP B 94 23.91 -47.51 6.50
C ASP B 94 24.24 -47.07 5.06
N GLY B 95 23.94 -47.93 4.09
CA GLY B 95 23.97 -47.54 2.68
C GLY B 95 22.97 -46.43 2.42
N PRO B 96 23.02 -45.81 1.23
CA PRO B 96 22.13 -44.68 0.98
C PRO B 96 20.69 -45.14 0.81
N ALA B 97 19.75 -44.24 1.13
CA ALA B 97 18.33 -44.52 1.03
C ALA B 97 17.89 -44.62 -0.43
N HIS B 98 18.61 -43.92 -1.30
CA HIS B 98 18.33 -43.92 -2.72
C HIS B 98 19.62 -43.76 -3.54
N HIS B 99 19.60 -44.25 -4.78
CA HIS B 99 20.75 -44.09 -5.67
C HIS B 99 20.33 -44.25 -7.11
N ASP B 100 21.15 -43.69 -8.01
CA ASP B 100 21.04 -43.96 -9.43
C ASP B 100 22.40 -43.93 -10.13
N LEU B 101 22.45 -44.45 -11.35
CA LEU B 101 23.70 -44.68 -12.07
C LEU B 101 23.71 -43.88 -13.36
N THR B 102 24.83 -43.22 -13.64
CA THR B 102 24.97 -42.49 -14.92
C THR B 102 26.30 -42.70 -15.65
N HIS B 103 26.28 -42.38 -16.94
CA HIS B 103 27.43 -42.43 -17.84
C HIS B 103 27.53 -41.10 -18.56
N HIS B 104 28.75 -40.62 -18.74
CA HIS B 104 29.01 -39.52 -19.66
C HIS B 104 30.45 -39.56 -20.17
N ILE B 105 30.67 -38.96 -21.33
CA ILE B 105 32.03 -38.73 -21.83
C ILE B 105 32.37 -37.24 -21.63
N ASP B 106 33.49 -36.97 -20.98
CA ASP B 106 33.90 -35.59 -20.70
C ASP B 106 34.66 -34.98 -21.89
N ASN B 107 35.01 -33.70 -21.80
CA ASN B 107 35.68 -33.01 -22.92
C ASN B 107 37.16 -33.43 -23.14
N GLN B 108 37.65 -34.39 -22.35
CA GLN B 108 38.97 -35.00 -22.56
C GLN B 108 38.83 -36.39 -23.19
N GLY B 109 37.60 -36.80 -23.43
CA GLY B 109 37.33 -38.09 -24.08
C GLY B 109 37.28 -39.28 -23.15
N TYR B 110 37.28 -39.00 -21.85
CA TYR B 110 37.19 -40.00 -20.81
C TYR B 110 35.75 -40.33 -20.48
N GLU B 111 35.46 -41.62 -20.37
CA GLU B 111 34.17 -42.08 -19.94
C GLU B 111 34.13 -42.10 -18.42
N ASN B 112 32.98 -41.69 -17.88
CA ASN B 112 32.79 -41.56 -16.44
C ASN B 112 31.46 -42.20 -16.02
N LEU B 113 31.57 -43.21 -15.16
CA LEU B 113 30.43 -43.87 -14.53
C LEU B 113 30.32 -43.24 -13.15
N ILE B 114 29.15 -42.68 -12.85
CA ILE B 114 28.93 -42.06 -11.54
C ILE B 114 27.71 -42.68 -10.89
N VAL B 115 27.89 -43.17 -9.67
CA VAL B 115 26.78 -43.59 -8.84
C VAL B 115 26.52 -42.49 -7.81
N VAL B 116 25.29 -41.98 -7.77
CA VAL B 116 24.93 -40.99 -6.77
C VAL B 116 24.07 -41.62 -5.68
N GLY B 117 24.52 -41.48 -4.44
CA GLY B 117 23.77 -41.96 -3.28
C GLY B 117 23.25 -40.78 -2.48
N TYR B 118 22.05 -40.95 -1.94
CA TYR B 118 21.45 -39.97 -1.04
C TYR B 118 21.24 -40.62 0.33
N TRP B 119 21.83 -40.00 1.34
CA TRP B 119 21.62 -40.42 2.73
C TRP B 119 20.73 -39.39 3.43
N LYS B 120 19.88 -39.85 4.35
CA LYS B 120 18.93 -38.99 5.07
C LYS B 120 19.53 -38.37 6.34
N ASP B 121 20.78 -38.71 6.65
CA ASP B 121 21.51 -38.09 7.77
C ASP B 121 23.03 -38.24 7.64
N VAL B 122 23.78 -37.37 8.32
CA VAL B 122 25.24 -37.36 8.19
C VAL B 122 25.91 -38.56 8.86
N SER B 123 25.39 -38.95 10.03
CA SER B 123 25.99 -40.04 10.80
C SER B 123 25.91 -41.39 10.09
N SER B 124 24.80 -41.65 9.39
CA SER B 124 24.67 -42.90 8.62
C SER B 124 25.71 -42.98 7.50
N GLN B 125 25.90 -41.90 6.77
CA GLN B 125 26.89 -41.88 5.69
C GLN B 125 28.31 -42.03 6.24
N HIS B 126 28.58 -41.41 7.39
CA HIS B 126 29.89 -41.54 8.04
C HIS B 126 30.16 -42.96 8.52
N ARG B 127 29.15 -43.59 9.13
CA ARG B 127 29.24 -45.00 9.57
C ARG B 127 29.45 -45.92 8.38
N TRP B 128 28.81 -45.57 7.26
CA TRP B 128 28.96 -46.31 6.02
C TRP B 128 30.38 -46.17 5.47
N SER B 129 30.85 -44.92 5.32
CA SER B 129 32.18 -44.64 4.78
C SER B 129 33.32 -45.22 5.61
N THR B 130 33.12 -45.28 6.93
CA THR B 130 34.17 -45.74 7.85
C THR B 130 34.12 -47.25 8.12
N SER B 131 33.07 -47.91 7.61
CA SER B 131 32.96 -49.36 7.72
C SER B 131 34.02 -50.07 6.87
N THR B 132 34.55 -51.17 7.41
CA THR B 132 35.65 -51.95 6.81
C THR B 132 35.53 -52.17 5.29
N PRO B 133 34.39 -52.73 4.81
CA PRO B 133 34.30 -53.03 3.38
C PRO B 133 34.46 -51.79 2.49
N ILE B 134 33.89 -50.67 2.94
CA ILE B 134 33.93 -49.42 2.17
C ILE B 134 35.29 -48.74 2.29
N ALA B 135 35.76 -48.58 3.53
CA ALA B 135 37.00 -47.88 3.82
C ALA B 135 38.24 -48.61 3.30
N SER B 136 38.26 -49.94 3.41
CA SER B 136 39.38 -50.72 2.88
C SER B 136 39.43 -50.68 1.36
N TRP B 137 38.26 -50.58 0.72
CA TRP B 137 38.17 -50.48 -0.74
C TRP B 137 38.75 -49.16 -1.24
N TRP B 138 38.32 -48.06 -0.63
CA TRP B 138 38.76 -46.72 -1.00
C TRP B 138 40.25 -46.47 -0.69
N GLU B 139 40.74 -47.04 0.42
CA GLU B 139 42.13 -46.89 0.85
C GLU B 139 43.08 -47.92 0.22
N SER B 140 42.52 -48.86 -0.54
CA SER B 140 43.29 -49.96 -1.12
C SER B 140 44.36 -49.52 -2.10
N GLU B 141 45.46 -50.27 -2.14
CA GLU B 141 46.52 -50.06 -3.13
C GLU B 141 46.02 -50.45 -4.51
N ASP B 142 44.96 -51.26 -4.55
CA ASP B 142 44.30 -51.63 -5.80
C ASP B 142 43.80 -50.40 -6.56
N ARG B 143 43.42 -49.34 -5.84
CA ARG B 143 42.90 -48.13 -6.48
C ARG B 143 43.94 -47.41 -7.33
N LEU B 144 45.21 -47.49 -6.92
CA LEU B 144 46.33 -46.91 -7.66
C LEU B 144 46.85 -47.84 -8.78
N SER B 145 46.68 -49.15 -8.60
CA SER B 145 47.14 -50.13 -9.59
C SER B 145 46.08 -50.56 -10.62
N ASP B 146 44.81 -50.32 -10.30
CA ASP B 146 43.71 -50.64 -11.21
C ASP B 146 43.87 -49.98 -12.59
N GLY B 147 44.44 -48.77 -12.60
CA GLY B 147 44.62 -48.00 -13.83
C GLY B 147 43.41 -47.16 -14.17
N LEU B 148 42.31 -47.38 -13.44
CA LEU B 148 41.11 -46.56 -13.57
C LEU B 148 41.23 -45.33 -12.69
N GLY B 149 40.45 -44.31 -13.03
CA GLY B 149 40.23 -43.17 -12.15
C GLY B 149 39.09 -43.46 -11.20
N PHE B 150 39.23 -42.96 -9.98
CA PHE B 150 38.19 -43.05 -8.97
C PHE B 150 37.97 -41.69 -8.34
N PHE B 151 36.71 -41.33 -8.11
CA PHE B 151 36.44 -40.11 -7.33
C PHE B 151 35.27 -40.21 -6.38
N ARG B 152 35.29 -39.39 -5.33
CA ARG B 152 34.19 -39.24 -4.40
C ARG B 152 33.94 -37.75 -4.18
N GLU B 153 32.75 -37.30 -4.55
CA GLU B 153 32.38 -35.91 -4.39
C GLU B 153 31.16 -35.88 -3.47
N ILE B 154 31.44 -35.59 -2.21
CA ILE B 154 30.51 -35.82 -1.11
C ILE B 154 30.15 -34.52 -0.39
N VAL B 155 28.87 -34.17 -0.46
CA VAL B 155 28.36 -32.88 0.01
C VAL B 155 27.16 -33.06 0.94
N ALA B 156 27.06 -32.23 1.98
CA ALA B 156 26.06 -32.43 3.03
C ALA B 156 25.24 -31.17 3.36
N PRO B 157 24.30 -30.82 2.47
CA PRO B 157 23.52 -29.62 2.73
C PRO B 157 22.47 -29.86 3.82
N ARG B 158 22.23 -28.87 4.67
CA ARG B 158 21.11 -28.93 5.60
C ARG B 158 19.80 -28.79 4.83
N ALA B 159 18.68 -29.11 5.47
CA ALA B 159 17.36 -29.03 4.84
C ALA B 159 17.02 -27.60 4.36
N GLU B 160 17.56 -26.61 5.05
CA GLU B 160 17.39 -25.21 4.68
C GLU B 160 18.28 -24.78 3.51
N GLN B 161 19.26 -25.64 3.14
CA GLN B 161 20.28 -25.31 2.17
C GLN B 161 20.07 -26.01 0.83
N PHE B 162 18.88 -26.58 0.60
CA PHE B 162 18.58 -27.06 -0.75
C PHE B 162 17.16 -26.77 -1.17
N GLU B 163 16.93 -26.72 -2.47
CA GLU B 163 15.58 -26.54 -2.98
C GLU B 163 15.35 -27.51 -4.11
N THR B 164 14.09 -27.92 -4.27
CA THR B 164 13.71 -28.77 -5.40
C THR B 164 12.60 -28.10 -6.19
N LEU B 165 12.46 -28.52 -7.44
CA LEU B 165 11.35 -28.07 -8.25
C LEU B 165 11.05 -29.17 -9.25
N TYR B 166 9.78 -29.59 -9.30
CA TYR B 166 9.36 -30.67 -10.20
C TYR B 166 8.16 -30.25 -11.04
N ALA B 167 8.19 -30.56 -12.33
CA ALA B 167 7.05 -30.33 -13.23
C ALA B 167 6.15 -31.56 -13.29
N PHE B 168 6.09 -32.28 -12.17
CA PHE B 168 5.30 -33.50 -11.99
C PHE B 168 5.16 -33.75 -10.50
N GLN B 169 4.39 -34.78 -10.12
CA GLN B 169 4.04 -34.98 -8.72
C GLN B 169 4.46 -36.33 -8.15
N GLU B 170 4.67 -37.29 -9.03
CA GLU B 170 4.88 -38.67 -8.60
C GLU B 170 6.30 -39.17 -8.91
N ASP B 171 6.76 -40.12 -8.09
CA ASP B 171 8.02 -40.85 -8.33
C ASP B 171 9.20 -39.88 -8.47
N LEU B 172 9.49 -39.14 -7.40
CA LEU B 172 10.54 -38.12 -7.44
C LEU B 172 11.94 -38.73 -7.52
N PRO B 173 12.74 -38.27 -8.49
CA PRO B 173 14.13 -38.66 -8.63
C PRO B 173 15.05 -37.84 -7.72
N GLY B 174 16.32 -38.24 -7.62
CA GLY B 174 17.29 -37.45 -6.87
C GLY B 174 16.88 -37.31 -5.42
N VAL B 175 17.23 -36.17 -4.82
CA VAL B 175 16.99 -35.94 -3.39
C VAL B 175 15.51 -36.12 -3.02
N GLY B 176 14.61 -35.88 -3.98
CA GLY B 176 13.17 -36.03 -3.76
C GLY B 176 12.79 -37.42 -3.30
N ALA B 177 13.52 -38.42 -3.80
CA ALA B 177 13.31 -39.82 -3.40
C ALA B 177 13.53 -40.10 -1.90
N VAL B 178 14.33 -39.27 -1.22
CA VAL B 178 14.58 -39.45 0.23
C VAL B 178 13.77 -38.51 1.11
N MET B 179 12.94 -37.69 0.46
CA MET B 179 11.98 -36.85 1.16
C MET B 179 10.67 -37.62 1.38
N ASP B 180 9.78 -37.05 2.18
CA ASP B 180 8.61 -37.77 2.65
C ASP B 180 7.44 -37.75 1.67
N GLY B 181 7.44 -36.77 0.77
CA GLY B 181 6.40 -36.68 -0.24
C GLY B 181 6.42 -35.44 -1.11
N ILE B 182 5.29 -35.20 -1.77
CA ILE B 182 5.12 -34.10 -2.71
C ILE B 182 4.20 -32.99 -2.14
N SER B 183 4.49 -31.75 -2.51
CA SER B 183 3.69 -30.61 -2.08
C SER B 183 2.49 -30.46 -3.00
N GLY B 184 1.63 -29.49 -2.70
CA GLY B 184 0.65 -29.02 -3.68
C GLY B 184 1.37 -28.01 -4.59
N GLU B 185 0.63 -27.42 -5.52
CA GLU B 185 1.21 -26.37 -6.37
C GLU B 185 1.82 -25.28 -5.50
N ILE B 186 3.04 -24.86 -5.82
CA ILE B 186 3.76 -23.87 -5.02
C ILE B 186 3.79 -22.49 -5.66
N ASN B 187 3.88 -21.46 -4.82
CA ASN B 187 3.90 -20.07 -5.27
C ASN B 187 5.25 -19.61 -5.83
N GLU B 188 6.36 -20.03 -5.22
CA GLU B 188 7.67 -19.44 -5.50
C GLU B 188 8.38 -20.02 -6.73
N HIS B 189 7.80 -19.80 -7.90
CA HIS B 189 8.43 -20.22 -9.16
C HIS B 189 7.85 -19.42 -10.33
N GLY B 190 8.56 -19.44 -11.45
CA GLY B 190 8.11 -18.78 -12.68
C GLY B 190 8.64 -17.37 -12.86
N TYR B 191 9.71 -17.04 -12.13
CA TYR B 191 10.37 -15.75 -12.22
C TYR B 191 11.83 -15.94 -11.82
N TRP B 192 12.73 -15.20 -12.43
CA TRP B 192 14.15 -15.34 -12.09
C TRP B 192 14.32 -14.85 -10.67
N GLY B 193 15.10 -15.59 -9.87
CA GLY B 193 15.16 -15.30 -8.45
C GLY B 193 14.27 -16.19 -7.60
N SER B 194 13.40 -16.97 -8.26
CA SER B 194 12.53 -17.89 -7.54
C SER B 194 13.28 -19.08 -6.97
N MET B 195 14.32 -19.55 -7.68
CA MET B 195 15.14 -20.60 -7.14
C MET B 195 15.65 -20.19 -5.76
N ARG B 196 16.27 -19.01 -5.69
CA ARG B 196 16.80 -18.49 -4.44
C ARG B 196 15.74 -18.53 -3.35
N GLU B 197 14.53 -18.10 -3.69
CA GLU B 197 13.44 -18.00 -2.70
C GLU B 197 12.88 -19.35 -2.23
N ARG B 198 13.13 -20.41 -2.99
CA ARG B 198 12.72 -21.75 -2.57
C ARG B 198 13.70 -22.35 -1.55
N PHE B 199 14.90 -21.78 -1.43
CA PHE B 199 15.83 -22.18 -0.36
C PHE B 199 15.30 -21.61 0.97
N PRO B 200 14.94 -22.49 1.95
CA PRO B 200 14.44 -21.90 3.22
C PRO B 200 15.42 -20.92 3.88
N ILE B 201 16.73 -21.16 3.72
CA ILE B 201 17.74 -20.26 4.30
C ILE B 201 17.67 -18.84 3.71
N SER B 202 17.11 -18.71 2.50
CA SER B 202 16.96 -17.38 1.87
C SER B 202 16.12 -16.37 2.69
N GLN B 203 15.40 -16.87 3.69
CA GLN B 203 14.63 -16.03 4.59
C GLN B 203 15.58 -15.19 5.45
N THR B 204 16.84 -15.61 5.51
CA THR B 204 17.80 -15.14 6.50
C THR B 204 19.18 -14.81 5.93
N ASP B 205 19.62 -15.64 4.98
CA ASP B 205 21.03 -15.71 4.58
C ASP B 205 21.14 -15.41 3.09
N TRP B 206 22.21 -14.71 2.71
CA TRP B 206 22.50 -14.36 1.32
C TRP B 206 23.18 -15.49 0.53
N MET B 207 23.69 -16.50 1.23
CA MET B 207 24.43 -17.59 0.60
C MET B 207 25.59 -17.07 -0.26
N GLN B 208 26.32 -16.10 0.30
CA GLN B 208 27.42 -15.44 -0.37
C GLN B 208 28.63 -16.34 -0.34
N ALA B 209 29.25 -16.55 -1.50
CA ALA B 209 30.47 -17.32 -1.59
C ALA B 209 31.63 -16.57 -0.96
N SER B 210 32.47 -17.31 -0.26
CA SER B 210 33.73 -16.78 0.24
C SER B 210 34.67 -17.97 0.36
N GLY B 211 35.98 -17.70 0.28
CA GLY B 211 37.00 -18.74 0.31
C GLY B 211 37.41 -19.25 -1.05
N GLU B 212 38.33 -20.21 -1.05
CA GLU B 212 38.88 -20.79 -2.26
C GLU B 212 38.68 -22.29 -2.31
N LEU B 213 38.42 -22.80 -3.52
CA LEU B 213 38.45 -24.20 -3.81
C LEU B 213 39.94 -24.55 -3.85
N ARG B 214 40.36 -25.45 -2.96
CA ARG B 214 41.77 -25.65 -2.62
C ARG B 214 42.15 -27.12 -2.60
N VAL B 215 43.30 -27.45 -3.17
CA VAL B 215 43.90 -28.76 -2.95
C VAL B 215 44.49 -28.78 -1.54
N ILE B 216 44.18 -29.82 -0.77
CA ILE B 216 44.78 -29.97 0.57
C ILE B 216 45.78 -31.14 0.69
N ALA B 217 45.73 -32.05 -0.28
CA ALA B 217 46.67 -33.17 -0.34
C ALA B 217 46.90 -33.55 -1.80
N GLY B 218 48.16 -33.74 -2.16
CA GLY B 218 48.53 -34.22 -3.49
C GLY B 218 48.71 -33.14 -4.55
N ASP B 219 48.72 -33.55 -5.80
CA ASP B 219 48.92 -32.64 -6.92
C ASP B 219 48.17 -33.20 -8.12
N PRO B 220 47.22 -32.43 -8.67
CA PRO B 220 46.49 -32.89 -9.87
C PRO B 220 47.43 -33.23 -11.04
N ALA B 221 48.44 -32.41 -11.28
CA ALA B 221 49.36 -32.59 -12.43
C ALA B 221 50.12 -33.91 -12.45
N VAL B 222 50.29 -34.53 -11.29
CA VAL B 222 51.04 -35.79 -11.18
C VAL B 222 50.10 -37.01 -11.12
N GLY B 223 48.84 -36.79 -10.79
CA GLY B 223 47.89 -37.88 -10.57
C GLY B 223 47.99 -38.43 -9.17
N GLY B 224 47.65 -39.71 -9.01
CA GLY B 224 47.61 -40.36 -7.69
C GLY B 224 46.42 -39.85 -6.87
N ARG B 225 46.58 -39.86 -5.55
CA ARG B 225 45.54 -39.38 -4.64
C ARG B 225 45.60 -37.87 -4.48
N VAL B 226 44.47 -37.21 -4.77
CA VAL B 226 44.34 -35.76 -4.61
C VAL B 226 43.06 -35.47 -3.84
N VAL B 227 43.19 -34.64 -2.82
CA VAL B 227 42.02 -34.23 -2.02
C VAL B 227 41.82 -32.72 -2.14
N VAL B 228 40.59 -32.34 -2.42
CA VAL B 228 40.20 -30.95 -2.61
C VAL B 228 39.10 -30.57 -1.62
N ARG B 229 39.26 -29.42 -0.99
CA ARG B 229 38.19 -28.91 -0.15
C ARG B 229 37.49 -27.75 -0.81
N GLY B 230 36.19 -27.68 -0.58
CA GLY B 230 35.39 -26.59 -1.08
C GLY B 230 35.41 -25.37 -0.19
N HIS B 231 34.79 -24.30 -0.68
CA HIS B 231 34.62 -23.08 0.09
C HIS B 231 33.14 -22.81 0.41
N ASP B 232 32.89 -21.75 1.19
CA ASP B 232 31.53 -21.38 1.58
C ASP B 232 30.65 -21.12 0.39
N ASN B 233 29.49 -21.79 0.41
CA ASN B 233 28.40 -21.60 -0.52
C ASN B 233 28.74 -21.90 -1.98
N ILE B 234 29.56 -22.92 -2.18
CA ILE B 234 29.56 -23.62 -3.46
C ILE B 234 28.10 -24.11 -3.68
N ALA B 235 27.65 -24.01 -4.92
CA ALA B 235 26.31 -24.47 -5.33
C ALA B 235 26.43 -25.69 -6.22
N LEU B 236 25.48 -26.60 -6.09
CA LEU B 236 25.40 -27.80 -6.91
C LEU B 236 24.01 -27.90 -7.48
N ILE B 237 23.91 -27.94 -8.82
CA ILE B 237 22.64 -28.18 -9.48
C ILE B 237 22.62 -29.58 -10.08
N ARG B 238 21.56 -30.32 -9.79
CA ARG B 238 21.22 -31.49 -10.59
C ARG B 238 19.92 -31.12 -11.30
N SER B 239 20.00 -30.94 -12.61
CA SER B 239 18.81 -30.59 -13.38
C SER B 239 18.54 -31.70 -14.40
N GLY B 240 17.37 -32.33 -14.31
CA GLY B 240 17.12 -33.56 -15.06
C GLY B 240 15.97 -33.60 -16.06
N GLN B 241 16.05 -34.57 -16.96
CA GLN B 241 15.09 -34.76 -18.04
C GLN B 241 14.74 -36.24 -18.07
N ASP B 242 13.44 -36.55 -18.10
CA ASP B 242 12.98 -37.93 -18.13
C ASP B 242 11.92 -38.05 -19.22
N TRP B 243 12.25 -38.78 -20.29
CA TRP B 243 11.32 -38.94 -21.40
C TRP B 243 10.89 -40.40 -21.62
N ALA B 244 11.14 -41.24 -20.62
CA ALA B 244 10.90 -42.69 -20.71
C ALA B 244 9.44 -43.06 -21.01
N ASP B 245 8.52 -42.30 -20.43
CA ASP B 245 7.09 -42.60 -20.52
C ASP B 245 6.34 -41.79 -21.58
N ALA B 246 7.07 -40.89 -22.24
CA ALA B 246 6.50 -40.06 -23.28
C ALA B 246 6.17 -40.90 -24.52
N GLU B 247 5.06 -40.56 -25.18
CA GLU B 247 4.71 -41.24 -26.43
C GLU B 247 5.46 -40.67 -27.63
N ALA B 248 5.19 -41.25 -28.80
CA ALA B 248 5.97 -40.98 -30.01
C ALA B 248 6.16 -39.51 -30.37
N ASP B 249 5.07 -38.74 -30.41
CA ASP B 249 5.18 -37.35 -30.85
C ASP B 249 5.83 -36.43 -29.80
N GLU B 250 5.59 -36.72 -28.52
CA GLU B 250 6.21 -35.96 -27.45
C GLU B 250 7.71 -36.24 -27.33
N ARG B 251 8.09 -37.52 -27.43
CA ARG B 251 9.51 -37.91 -27.46
C ARG B 251 10.24 -37.20 -28.59
N SER B 252 9.57 -37.15 -29.74
CA SER B 252 10.09 -36.44 -30.92
C SER B 252 10.31 -34.96 -30.63
N LEU B 253 9.39 -34.37 -29.87
CA LEU B 253 9.49 -32.96 -29.47
C LEU B 253 10.64 -32.67 -28.53
N TYR B 254 10.84 -33.52 -27.54
CA TYR B 254 11.99 -33.37 -26.66
C TYR B 254 13.31 -33.56 -27.43
N LEU B 255 13.38 -34.64 -28.19
CA LEU B 255 14.62 -35.00 -28.88
C LEU B 255 15.00 -34.05 -30.02
N ASP B 256 14.00 -33.54 -30.73
CA ASP B 256 14.24 -32.69 -31.90
C ASP B 256 14.31 -31.20 -31.58
N GLU B 257 13.56 -30.75 -30.57
CA GLU B 257 13.42 -29.32 -30.32
C GLU B 257 14.12 -28.85 -29.05
N ILE B 258 14.00 -29.63 -27.97
CA ILE B 258 14.52 -29.25 -26.66
C ILE B 258 15.99 -29.68 -26.44
N LEU B 259 16.30 -30.95 -26.71
CA LEU B 259 17.66 -31.48 -26.44
C LEU B 259 18.81 -30.78 -27.16
N PRO B 260 18.65 -30.47 -28.47
CA PRO B 260 19.76 -29.75 -29.12
C PRO B 260 20.13 -28.44 -28.43
N THR B 261 19.13 -27.67 -28.00
CA THR B 261 19.34 -26.45 -27.22
C THR B 261 19.98 -26.72 -25.84
N LEU B 262 19.51 -27.77 -25.17
CA LEU B 262 20.09 -28.20 -23.90
C LEU B 262 21.57 -28.63 -24.07
N GLN B 263 21.84 -29.42 -25.09
CA GLN B 263 23.21 -29.86 -25.42
C GLN B 263 24.16 -28.69 -25.66
N SER B 264 23.71 -27.69 -26.42
CA SER B 264 24.49 -26.51 -26.70
C SER B 264 24.88 -25.82 -25.40
N GLY B 265 23.90 -25.67 -24.51
CA GLY B 265 24.12 -25.05 -23.18
C GLY B 265 25.07 -25.85 -22.30
N MET B 266 24.91 -27.16 -22.31
CA MET B 266 25.83 -28.05 -21.55
C MET B 266 27.23 -27.99 -22.12
N ASP B 267 27.35 -28.05 -23.45
CA ASP B 267 28.66 -27.89 -24.08
C ASP B 267 29.33 -26.61 -23.66
N PHE B 268 28.57 -25.51 -23.65
CA PHE B 268 29.08 -24.22 -23.23
C PHE B 268 29.64 -24.25 -21.80
N LEU B 269 28.84 -24.73 -20.85
CA LEU B 269 29.27 -24.78 -19.44
C LEU B 269 30.46 -25.71 -19.23
N ARG B 270 30.47 -26.83 -19.96
CA ARG B 270 31.58 -27.78 -19.92
C ARG B 270 32.90 -27.17 -20.42
N ASP B 271 32.82 -26.32 -21.43
CA ASP B 271 34.03 -25.79 -22.09
C ASP B 271 34.37 -24.33 -21.77
N ASN B 272 33.45 -23.62 -21.08
CA ASN B 272 33.64 -22.21 -20.74
C ASN B 272 33.37 -21.95 -19.26
N GLY B 273 33.59 -22.98 -18.45
CA GLY B 273 33.37 -22.92 -17.00
C GLY B 273 34.00 -21.76 -16.24
N PRO B 274 35.34 -21.61 -16.31
CA PRO B 274 36.00 -20.52 -15.57
C PRO B 274 35.38 -19.15 -15.85
N ALA B 275 35.03 -18.90 -17.11
CA ALA B 275 34.44 -17.62 -17.53
C ALA B 275 33.12 -17.29 -16.83
N VAL B 276 32.36 -18.30 -16.45
CA VAL B 276 31.03 -18.08 -15.88
C VAL B 276 30.89 -18.50 -14.42
N GLY B 277 31.92 -19.13 -13.89
CA GLY B 277 31.92 -19.58 -12.50
C GLY B 277 31.42 -21.00 -12.32
N CYS B 278 31.52 -21.82 -13.35
CA CYS B 278 31.09 -23.21 -13.24
C CYS B 278 32.31 -24.09 -13.11
N TYR B 279 32.58 -24.58 -11.89
CA TYR B 279 33.78 -25.40 -11.63
C TYR B 279 33.79 -26.70 -12.42
N SER B 280 32.61 -27.28 -12.58
CA SER B 280 32.49 -28.58 -13.25
C SER B 280 31.10 -28.70 -13.82
N ASN B 281 31.02 -29.13 -15.07
CA ASN B 281 29.76 -29.37 -15.70
C ASN B 281 29.74 -30.73 -16.35
N ARG B 282 28.77 -31.53 -15.94
CA ARG B 282 28.59 -32.88 -16.47
C ARG B 282 27.19 -33.01 -17.04
N PHE B 283 27.08 -33.56 -18.25
CA PHE B 283 25.77 -33.87 -18.82
C PHE B 283 25.68 -35.39 -19.00
N VAL B 284 24.89 -36.02 -18.14
CA VAL B 284 24.95 -37.46 -17.91
C VAL B 284 23.66 -38.16 -18.27
N ARG B 285 23.79 -39.42 -18.66
CA ARG B 285 22.64 -40.21 -19.04
C ARG B 285 22.55 -41.40 -18.10
N ASN B 286 21.35 -41.70 -17.61
CA ASN B 286 21.21 -42.82 -16.70
C ASN B 286 21.53 -44.14 -17.39
N ILE B 287 22.08 -45.06 -16.62
CA ILE B 287 22.33 -46.42 -17.10
C ILE B 287 21.79 -47.42 -16.09
N ASP B 288 21.58 -48.65 -16.55
CA ASP B 288 21.35 -49.77 -15.64
C ASP B 288 22.70 -50.33 -15.16
N ILE B 289 22.63 -51.37 -14.34
CA ILE B 289 23.80 -52.02 -13.74
C ILE B 289 24.78 -52.61 -14.77
N ASP B 290 24.30 -52.78 -16.01
CA ASP B 290 25.08 -53.36 -17.10
C ASP B 290 25.62 -52.31 -18.08
N GLY B 291 25.31 -51.05 -17.83
CA GLY B 291 25.80 -49.94 -18.65
C GLY B 291 24.90 -49.54 -19.81
N ASN B 292 23.75 -50.20 -19.93
CA ASN B 292 22.74 -49.88 -20.95
C ASN B 292 22.03 -48.57 -20.61
N PHE B 293 21.80 -47.74 -21.62
CA PHE B 293 21.19 -46.41 -21.41
C PHE B 293 19.72 -46.51 -21.05
N LEU B 294 19.29 -45.60 -20.16
CA LEU B 294 17.88 -45.43 -19.82
C LEU B 294 17.46 -44.06 -20.34
N ASP B 295 16.16 -43.85 -20.49
CA ASP B 295 15.66 -42.60 -21.04
C ASP B 295 15.46 -41.51 -19.98
N LEU B 296 16.54 -41.30 -19.21
CA LEU B 296 16.63 -40.24 -18.21
C LEU B 296 18.02 -39.65 -18.25
N SER B 297 18.12 -38.34 -18.06
CA SER B 297 19.42 -37.65 -18.07
C SER B 297 19.43 -36.52 -17.06
N TYR B 298 20.63 -36.04 -16.74
CA TYR B 298 20.76 -34.82 -15.94
C TYR B 298 22.11 -34.13 -16.03
N ASN B 299 22.06 -32.83 -15.75
CA ASN B 299 23.24 -32.03 -15.57
C ASN B 299 23.66 -32.21 -14.11
N ILE B 300 24.96 -32.42 -13.88
CA ILE B 300 25.53 -32.27 -12.53
C ILE B 300 26.46 -31.05 -12.66
N GLY B 301 26.12 -29.96 -11.99
CA GLY B 301 26.87 -28.72 -12.12
C GLY B 301 27.28 -28.12 -10.78
N HIS B 302 28.59 -27.90 -10.65
CA HIS B 302 29.21 -27.31 -9.48
C HIS B 302 29.62 -25.88 -9.76
N TRP B 303 29.09 -24.95 -8.96
CA TRP B 303 29.24 -23.54 -9.22
C TRP B 303 29.96 -22.81 -8.10
N ALA B 304 30.77 -21.84 -8.48
CA ALA B 304 31.50 -20.99 -7.55
C ALA B 304 30.60 -20.18 -6.61
N SER B 305 29.35 -19.97 -7.01
CA SER B 305 28.37 -19.27 -6.20
C SER B 305 26.97 -19.54 -6.77
N LEU B 306 25.95 -19.48 -5.91
CA LEU B 306 24.57 -19.58 -6.37
C LEU B 306 24.26 -18.44 -7.33
N ASP B 307 24.76 -17.24 -7.02
CA ASP B 307 24.51 -16.07 -7.87
C ASP B 307 25.12 -16.18 -9.27
N GLN B 308 26.30 -16.78 -9.39
CA GLN B 308 26.83 -17.08 -10.73
C GLN B 308 25.96 -18.04 -11.51
N LEU B 309 25.40 -19.04 -10.83
CA LEU B 309 24.38 -19.91 -11.45
C LEU B 309 23.13 -19.11 -11.86
N GLU B 310 22.68 -18.19 -11.01
CA GLU B 310 21.53 -17.33 -11.33
C GLU B 310 21.75 -16.53 -12.60
N ARG B 311 22.91 -15.86 -12.68
CA ARG B 311 23.23 -15.02 -13.80
C ARG B 311 23.24 -15.85 -15.09
N TRP B 312 23.92 -17.00 -15.09
CA TRP B 312 23.95 -17.83 -16.32
C TRP B 312 22.54 -18.22 -16.77
N SER B 313 21.74 -18.73 -15.84
CA SER B 313 20.39 -19.21 -16.18
C SER B 313 19.53 -18.11 -16.79
N GLU B 314 19.65 -16.90 -16.25
N GLU B 314 19.63 -16.90 -16.26
CA GLU B 314 18.69 -15.83 -16.53
CA GLU B 314 18.72 -15.83 -16.66
C GLU B 314 19.12 -14.91 -17.67
C GLU B 314 19.23 -14.98 -17.81
N SER B 315 20.41 -14.90 -18.00
N SER B 315 20.41 -15.30 -18.33
CA SER B 315 20.94 -13.91 -18.96
CA SER B 315 21.02 -14.48 -19.37
C SER B 315 21.87 -14.47 -20.04
C SER B 315 21.50 -15.23 -20.62
N HIS B 316 22.34 -15.70 -19.88
N HIS B 316 21.92 -16.48 -20.46
CA HIS B 316 23.16 -16.28 -20.95
CA HIS B 316 22.45 -17.20 -21.61
C HIS B 316 22.24 -16.80 -22.05
C HIS B 316 21.35 -17.62 -22.59
N PRO B 317 22.57 -16.47 -23.32
N PRO B 317 21.59 -17.44 -23.90
CA PRO B 317 21.74 -16.85 -24.47
CA PRO B 317 20.61 -17.74 -24.92
C PRO B 317 21.43 -18.34 -24.49
C PRO B 317 20.21 -19.20 -24.88
N THR B 318 22.35 -19.16 -23.95
N THR B 318 21.17 -20.06 -24.57
CA THR B 318 22.21 -20.61 -23.99
CA THR B 318 20.95 -21.49 -24.49
C THR B 318 21.00 -21.13 -23.19
C THR B 318 19.78 -21.78 -23.55
N HIS B 319 20.89 -20.78 -21.91
N HIS B 319 19.97 -21.51 -22.27
CA HIS B 319 19.72 -21.21 -21.12
CA HIS B 319 18.94 -21.79 -21.27
C HIS B 319 18.47 -20.47 -21.53
C HIS B 319 17.66 -21.00 -21.56
N LEU B 320 18.63 -19.22 -21.98
N LEU B 320 17.82 -19.73 -21.90
CA LEU B 320 17.47 -18.45 -22.45
CA LEU B 320 16.67 -18.86 -22.10
C LEU B 320 16.90 -19.08 -23.71
C LEU B 320 15.75 -19.41 -23.19
N ARG B 321 17.78 -19.60 -24.57
N ARG B 321 16.33 -20.02 -24.22
CA ARG B 321 17.35 -20.36 -25.75
CA ARG B 321 15.52 -20.62 -25.27
C ARG B 321 16.58 -21.62 -25.36
C ARG B 321 14.77 -21.85 -24.75
N ILE B 322 17.08 -22.32 -24.34
N ILE B 322 15.45 -22.67 -23.94
CA ILE B 322 16.42 -23.48 -23.72
CA ILE B 322 14.81 -23.80 -23.28
C ILE B 322 15.05 -23.05 -23.17
C ILE B 322 13.72 -23.32 -22.34
N PHE B 323 15.04 -21.93 -22.46
N PHE B 323 14.02 -22.26 -21.62
CA PHE B 323 13.84 -21.38 -21.82
CA PHE B 323 13.10 -21.62 -20.69
C PHE B 323 12.74 -21.07 -22.82
C PHE B 323 11.79 -21.24 -21.40
N THR B 324 13.07 -20.24 -23.82
N THR B 324 11.93 -20.52 -22.51
CA THR B 324 12.09 -19.83 -24.84
CA THR B 324 10.74 -20.07 -23.24
C THR B 324 11.67 -20.97 -25.77
C THR B 324 9.95 -21.25 -23.81
N THR B 325 12.60 -21.88 -26.05
N THR B 325 10.64 -22.31 -24.22
CA THR B 325 12.29 -23.06 -26.85
CA THR B 325 9.97 -23.49 -24.76
C THR B 325 11.26 -23.94 -26.11
C THR B 325 9.07 -24.14 -23.70
N PHE B 326 11.45 -24.10 -24.80
N PHE B 326 9.60 -24.35 -22.49
CA PHE B 326 10.51 -24.84 -23.98
CA PHE B 326 8.79 -24.92 -21.42
C PHE B 326 9.08 -24.31 -24.13
C PHE B 326 7.52 -24.11 -21.21
N PHE B 327 8.90 -23.03 -23.82
N PHE B 327 7.71 -22.80 -21.01
CA PHE B 327 7.57 -22.41 -23.88
CA PHE B 327 6.58 -21.89 -20.79
C PHE B 327 6.96 -22.40 -25.28
C PHE B 327 5.48 -22.08 -21.83
N ARG B 328 7.80 -22.43 -26.30
N ARG B 328 5.85 -22.45 -23.05
CA ARG B 328 7.35 -22.53 -27.69
CA ARG B 328 4.86 -22.61 -24.11
C ARG B 328 6.70 -23.89 -27.98
C ARG B 328 4.19 -23.98 -24.07
N VAL B 329 7.27 -24.96 -27.44
N VAL B 329 4.93 -24.99 -23.63
CA VAL B 329 6.74 -26.32 -27.68
CA VAL B 329 4.41 -26.35 -23.57
C VAL B 329 5.94 -26.88 -26.50
C VAL B 329 3.82 -26.71 -22.21
N ALA B 330 5.81 -26.09 -25.44
N ALA B 330 4.57 -26.39 -21.16
CA ALA B 330 5.18 -26.50 -24.18
CA ALA B 330 4.15 -26.64 -19.78
C ALA B 330 3.78 -27.11 -24.33
C ALA B 330 2.70 -27.11 -19.71
N ALA B 331 3.08 -26.72 -25.39
N ALA B 331 1.82 -26.40 -20.40
CA ALA B 331 1.71 -27.16 -25.67
CA ALA B 331 0.38 -26.66 -20.36
C ALA B 331 1.62 -28.65 -26.04
C ALA B 331 0.02 -28.05 -20.85
N GLY B 332 2.70 -29.17 -26.63
N GLY B 332 0.56 -28.43 -22.01
CA GLY B 332 2.76 -30.56 -27.06
CA GLY B 332 0.24 -29.71 -22.63
C GLY B 332 3.34 -31.53 -26.03
C GLY B 332 1.08 -30.88 -22.15
N LEU B 333 3.63 -30.99 -24.84
N LEU B 333 2.18 -30.59 -21.48
CA LEU B 333 4.16 -31.79 -23.73
CA LEU B 333 3.08 -31.64 -20.98
C LEU B 333 3.06 -32.23 -22.77
C LEU B 333 2.30 -32.70 -20.21
N SER B 334 3.26 -33.39 -22.13
N SER B 334 2.43 -33.96 -20.63
CA SER B 334 2.34 -33.92 -21.13
CA SER B 334 1.64 -35.04 -20.05
C SER B 334 2.95 -35.05 -20.28
C SER B 334 2.51 -36.12 -19.43
N LYS B 335 3.83 -35.85 -20.88
N LYS B 335 3.62 -36.44 -20.08
CA LYS B 335 4.44 -36.99 -20.21
CA LYS B 335 4.44 -37.57 -19.67
C LYS B 335 5.93 -36.79 -19.87
C LYS B 335 5.92 -37.20 -19.47
N LEU B 336 6.53 -35.75 -20.46
N LEU B 336 6.43 -36.27 -20.28
CA LEU B 336 7.93 -35.42 -20.20
CA LEU B 336 7.78 -35.76 -20.09
C LEU B 336 8.06 -34.99 -18.75
C LEU B 336 7.93 -35.33 -18.64
N ARG B 337 9.15 -35.42 -18.12
CA ARG B 337 9.41 -35.10 -16.71
C ARG B 337 10.67 -34.26 -16.56
N LEU B 338 10.47 -33.01 -16.15
CA LEU B 338 11.56 -32.08 -15.93
C LEU B 338 11.58 -31.60 -14.51
N TYR B 339 12.77 -31.46 -13.93
CA TYR B 339 12.93 -31.10 -12.51
C TYR B 339 14.35 -30.58 -12.28
N HIS B 340 14.56 -29.97 -11.13
CA HIS B 340 15.92 -29.80 -10.62
C HIS B 340 15.96 -29.85 -9.10
N GLU B 341 17.16 -30.06 -8.58
CA GLU B 341 17.47 -29.84 -7.17
C GLU B 341 18.70 -28.95 -7.16
N VAL B 342 18.75 -27.95 -6.28
CA VAL B 342 19.95 -27.12 -6.16
C VAL B 342 20.32 -27.01 -4.70
N SER B 343 21.61 -27.19 -4.41
CA SER B 343 22.08 -27.15 -3.02
C SER B 343 23.23 -26.19 -2.90
N VAL B 344 23.37 -25.59 -1.71
CA VAL B 344 24.58 -24.83 -1.35
C VAL B 344 25.11 -25.44 -0.06
N PHE B 345 26.41 -25.27 0.18
CA PHE B 345 27.02 -25.97 1.32
C PHE B 345 27.94 -25.03 2.07
N ASP B 346 27.91 -25.13 3.39
CA ASP B 346 29.00 -24.63 4.23
C ASP B 346 30.33 -25.15 3.67
N ALA B 347 31.38 -24.36 3.86
CA ALA B 347 32.74 -24.76 3.51
C ALA B 347 33.09 -26.16 4.03
N ALA B 348 32.71 -26.44 5.28
CA ALA B 348 33.13 -27.66 5.98
C ALA B 348 32.38 -28.90 5.54
N ASP B 349 31.24 -28.72 4.87
CA ASP B 349 30.35 -29.81 4.53
C ASP B 349 30.54 -30.39 3.13
N GLN B 350 31.79 -30.42 2.67
CA GLN B 350 32.13 -30.87 1.32
C GLN B 350 33.47 -31.57 1.34
N LEU B 351 33.61 -32.63 0.54
CA LEU B 351 34.92 -33.21 0.24
C LEU B 351 34.94 -33.81 -1.15
N TYR B 352 36.02 -33.53 -1.86
CA TYR B 352 36.19 -33.98 -3.22
C TYR B 352 37.53 -34.69 -3.26
N GLU B 353 37.46 -36.01 -3.42
CA GLU B 353 38.65 -36.88 -3.40
C GLU B 353 38.81 -37.54 -4.76
N TYR B 354 40.05 -37.59 -5.25
CA TYR B 354 40.35 -38.14 -6.57
C TYR B 354 41.51 -39.13 -6.50
N ILE B 355 41.41 -40.20 -7.29
CA ILE B 355 42.49 -41.17 -7.38
C ILE B 355 42.71 -41.46 -8.86
N ASN B 356 43.90 -41.11 -9.36
CA ASN B 356 44.28 -41.38 -10.76
C ASN B 356 43.30 -40.87 -11.83
N CYS B 357 42.73 -39.70 -11.58
CA CYS B 357 41.89 -39.04 -12.57
C CYS B 357 42.71 -38.04 -13.35
N HIS B 358 42.27 -37.72 -14.57
CA HIS B 358 42.95 -36.69 -15.35
C HIS B 358 42.74 -35.31 -14.69
N PRO B 359 43.69 -34.36 -14.89
CA PRO B 359 43.68 -33.08 -14.17
C PRO B 359 42.44 -32.19 -14.34
N GLY B 360 41.62 -32.46 -15.35
CA GLY B 360 40.41 -31.67 -15.56
C GLY B 360 39.16 -32.22 -14.91
N THR B 361 39.30 -33.33 -14.19
CA THR B 361 38.17 -34.03 -13.54
C THR B 361 37.56 -33.27 -12.37
N GLY B 362 36.28 -33.00 -12.49
CA GLY B 362 35.51 -32.41 -11.38
C GLY B 362 36.19 -31.19 -10.84
N MET B 363 36.47 -31.23 -9.54
CA MET B 363 37.01 -30.08 -8.80
C MET B 363 38.50 -29.88 -8.99
N LEU B 364 39.13 -30.79 -9.72
CA LEU B 364 40.58 -30.73 -9.95
C LEU B 364 40.97 -29.62 -10.92
N ARG B 365 40.11 -29.34 -11.89
CA ARG B 365 40.41 -28.31 -12.88
C ARG B 365 40.69 -26.95 -12.24
N ASP B 366 39.79 -26.49 -11.37
CA ASP B 366 39.87 -25.12 -10.87
C ASP B 366 40.44 -24.92 -9.46
N ALA B 367 40.61 -26.01 -8.71
CA ALA B 367 41.18 -25.93 -7.35
C ALA B 367 42.55 -25.28 -7.39
N VAL B 368 42.83 -24.45 -6.39
CA VAL B 368 44.16 -23.86 -6.23
C VAL B 368 45.13 -24.89 -5.65
N THR B 369 46.29 -25.05 -6.30
CA THR B 369 47.27 -26.06 -5.89
C THR B 369 48.04 -25.59 -4.65
N ILE B 370 48.75 -26.53 -4.01
CA ILE B 370 49.35 -26.29 -2.69
C ILE B 370 50.46 -25.23 -2.70
N ALA B 371 51.20 -25.17 -3.80
CA ALA B 371 52.17 -24.10 -4.02
C ALA B 371 51.47 -22.76 -4.26
N GLU B 372 50.44 -22.77 -5.10
CA GLU B 372 49.75 -21.55 -5.55
C GLU B 372 49.23 -20.60 -4.45
N HIS B 373 48.92 -21.13 -3.27
CA HIS B 373 48.59 -20.28 -2.12
C HIS B 373 49.33 -20.67 -0.84
N MET C 21 -2.59 -4.48 7.50
CA MET C 21 -3.60 -4.77 8.55
C MET C 21 -4.86 -5.40 7.97
N GLU C 22 -5.51 -6.26 8.76
CA GLU C 22 -6.76 -6.87 8.36
C GLU C 22 -7.84 -5.82 8.25
N SER C 23 -8.74 -6.03 7.30
CA SER C 23 -9.88 -5.15 7.10
C SER C 23 -11.10 -5.75 7.78
N ALA C 24 -12.00 -4.88 8.26
CA ALA C 24 -13.26 -5.30 8.88
C ALA C 24 -14.21 -5.92 7.86
N ILE C 25 -14.00 -5.58 6.59
CA ILE C 25 -14.82 -6.11 5.50
C ILE C 25 -14.31 -7.48 5.10
N GLY C 26 -15.20 -8.47 5.13
CA GLY C 26 -14.84 -9.85 4.77
C GLY C 26 -14.30 -9.87 3.35
N GLU C 27 -13.31 -10.73 3.11
CA GLU C 27 -12.60 -10.78 1.82
C GLU C 27 -13.54 -10.94 0.62
N HIS C 28 -14.52 -11.81 0.74
CA HIS C 28 -15.49 -12.06 -0.34
C HIS C 28 -16.44 -10.86 -0.60
N LEU C 29 -16.49 -9.91 0.33
CA LEU C 29 -17.32 -8.72 0.15
C LEU C 29 -16.54 -7.45 -0.27
N GLN C 30 -15.22 -7.57 -0.37
CA GLN C 30 -14.40 -6.48 -0.91
C GLN C 30 -14.61 -6.36 -2.41
N CYS C 31 -14.87 -5.14 -2.87
CA CYS C 31 -15.20 -4.88 -4.27
C CYS C 31 -14.57 -3.56 -4.69
N PRO C 32 -14.52 -3.29 -6.01
CA PRO C 32 -14.10 -1.97 -6.51
C PRO C 32 -15.00 -0.85 -5.97
N ARG C 33 -14.37 0.20 -5.47
CA ARG C 33 -15.06 1.28 -4.76
C ARG C 33 -15.56 2.38 -5.65
N THR C 34 -16.77 2.87 -5.35
CA THR C 34 -17.21 4.17 -5.85
C THR C 34 -17.13 5.21 -4.73
N LEU C 35 -17.18 4.72 -3.48
CA LEU C 35 -17.06 5.60 -2.30
C LEU C 35 -15.84 5.21 -1.47
N THR C 36 -15.15 6.21 -0.96
CA THR C 36 -13.86 5.99 -0.29
C THR C 36 -13.86 6.32 1.20
N ARG C 37 -12.82 5.87 1.88
CA ARG C 37 -12.62 6.10 3.31
C ARG C 37 -12.25 7.55 3.63
N ARG C 38 -12.24 7.91 4.92
CA ARG C 38 -11.85 9.26 5.35
C ARG C 38 -10.46 9.33 5.95
N VAL C 39 -9.75 8.20 5.90
CA VAL C 39 -8.38 8.09 6.44
C VAL C 39 -7.45 7.56 5.34
N PRO C 40 -6.17 8.02 5.33
CA PRO C 40 -5.20 7.50 4.37
C PRO C 40 -4.79 6.05 4.67
N ASP C 41 -4.14 5.39 3.72
CA ASP C 41 -3.82 3.96 3.87
C ASP C 41 -2.82 3.65 4.98
N THR C 42 -2.02 4.65 5.36
CA THR C 42 -1.04 4.51 6.45
C THR C 42 -1.68 4.51 7.84
N TYR C 43 -2.99 4.82 7.92
CA TYR C 43 -3.71 4.85 9.21
C TYR C 43 -3.54 3.55 10.00
N THR C 44 -3.15 3.71 11.26
CA THR C 44 -3.03 2.60 12.19
C THR C 44 -3.74 3.00 13.49
N PRO C 45 -4.71 2.17 13.93
CA PRO C 45 -5.45 2.50 15.16
C PRO C 45 -4.58 2.36 16.41
N PRO C 46 -4.82 3.22 17.42
CA PRO C 46 -4.02 3.29 18.64
C PRO C 46 -4.26 2.15 19.64
N PHE C 47 -5.33 1.39 19.44
CA PHE C 47 -5.63 0.23 20.29
C PHE C 47 -6.28 -0.87 19.46
N PRO C 48 -6.13 -2.14 19.89
CA PRO C 48 -6.65 -3.23 19.06
C PRO C 48 -8.14 -3.41 19.23
N MET C 49 -8.83 -3.67 18.12
CA MET C 49 -10.23 -4.12 18.14
C MET C 49 -10.40 -5.19 17.07
N TRP C 50 -11.48 -5.97 17.22
CA TRP C 50 -11.72 -7.14 16.39
C TRP C 50 -13.14 -7.11 15.83
N VAL C 51 -13.37 -7.89 14.79
CA VAL C 51 -14.69 -8.01 14.18
C VAL C 51 -15.07 -9.48 13.96
N GLY C 52 -16.36 -9.75 13.90
CA GLY C 52 -16.85 -11.08 13.51
C GLY C 52 -16.60 -11.35 12.04
N ARG C 53 -16.24 -12.60 11.75
CA ARG C 53 -15.98 -13.09 10.38
C ARG C 53 -17.04 -14.13 10.03
N ALA C 54 -17.48 -14.11 8.77
CA ALA C 54 -18.32 -15.18 8.26
C ALA C 54 -17.95 -15.40 6.81
N ASP C 55 -17.95 -16.66 6.39
CA ASP C 55 -17.63 -16.93 4.99
C ASP C 55 -18.80 -16.62 4.04
N ASP C 56 -18.54 -16.87 2.77
CA ASP C 56 -19.46 -16.61 1.66
C ASP C 56 -20.88 -17.12 1.92
N ALA C 57 -20.98 -18.25 2.62
CA ALA C 57 -22.27 -18.91 2.87
C ALA C 57 -23.30 -18.00 3.54
N LEU C 58 -22.81 -17.16 4.45
CA LEU C 58 -23.67 -16.21 5.16
C LEU C 58 -24.04 -15.02 4.27
N GLN C 59 -25.32 -14.93 3.91
CA GLN C 59 -25.80 -13.92 2.95
C GLN C 59 -26.73 -12.88 3.59
N GLN C 60 -27.54 -13.33 4.55
CA GLN C 60 -28.46 -12.45 5.23
C GLN C 60 -28.84 -13.11 6.55
N VAL C 61 -28.76 -12.36 7.64
CA VAL C 61 -29.17 -12.88 8.94
C VAL C 61 -30.52 -12.32 9.37
N VAL C 62 -31.13 -12.96 10.36
CA VAL C 62 -32.35 -12.39 10.95
C VAL C 62 -32.15 -12.12 12.43
N MET C 63 -32.50 -10.91 12.84
CA MET C 63 -32.45 -10.47 14.23
C MET C 63 -33.87 -10.26 14.70
N GLY C 64 -34.34 -11.17 15.56
CA GLY C 64 -35.74 -11.16 16.01
C GLY C 64 -35.84 -10.88 17.50
N TYR C 65 -36.36 -9.69 17.81
CA TYR C 65 -36.56 -9.20 19.17
C TYR C 65 -38.01 -9.47 19.54
N LEU C 66 -38.20 -10.44 20.42
CA LEU C 66 -39.53 -10.89 20.83
C LEU C 66 -39.79 -10.44 22.26
N GLY C 67 -40.83 -9.64 22.45
CA GLY C 67 -41.04 -8.94 23.71
C GLY C 67 -42.33 -9.28 24.42
N VAL C 68 -42.30 -9.12 25.74
CA VAL C 68 -43.46 -9.29 26.60
C VAL C 68 -43.40 -8.05 27.49
N GLN C 69 -44.53 -7.35 27.58
CA GLN C 69 -44.62 -6.08 28.31
C GLN C 69 -45.72 -6.17 29.36
N PHE C 70 -45.51 -5.52 30.51
CA PHE C 70 -46.47 -5.50 31.62
C PHE C 70 -46.07 -4.40 32.61
N ARG C 71 -47.03 -3.94 33.43
CA ARG C 71 -46.76 -2.90 34.44
C ARG C 71 -47.20 -3.31 35.84
N ASP C 72 -48.26 -4.11 35.94
CA ASP C 72 -48.78 -4.52 37.25
C ASP C 72 -47.99 -5.72 37.76
N GLU C 73 -47.63 -5.71 39.04
CA GLU C 73 -46.91 -6.84 39.64
C GLU C 73 -47.65 -8.18 39.50
N ASP C 74 -48.98 -8.13 39.52
CA ASP C 74 -49.79 -9.34 39.38
C ASP C 74 -49.71 -9.97 37.99
N GLN C 75 -49.04 -9.28 37.07
CA GLN C 75 -48.83 -9.76 35.70
C GLN C 75 -47.48 -10.45 35.50
N ARG C 76 -46.58 -10.28 36.48
CA ARG C 76 -45.22 -10.82 36.43
C ARG C 76 -45.14 -12.34 36.21
N PRO C 77 -45.89 -13.15 37.00
CA PRO C 77 -45.85 -14.58 36.75
C PRO C 77 -46.19 -14.94 35.29
N ALA C 78 -47.28 -14.38 34.77
CA ALA C 78 -47.70 -14.64 33.37
C ALA C 78 -46.68 -14.14 32.35
N ALA C 79 -46.04 -13.00 32.65
CA ALA C 79 -45.03 -12.41 31.78
C ALA C 79 -43.78 -13.30 31.65
N LEU C 80 -43.30 -13.81 32.79
CA LEU C 80 -42.14 -14.71 32.82
C LEU C 80 -42.45 -16.04 32.17
N GLN C 81 -43.69 -16.51 32.35
CA GLN C 81 -44.13 -17.75 31.71
C GLN C 81 -44.23 -17.59 30.21
N ALA C 82 -44.72 -16.44 29.75
CA ALA C 82 -44.80 -16.16 28.31
C ALA C 82 -43.41 -16.07 27.69
N MET C 83 -42.47 -15.51 28.44
CA MET C 83 -41.07 -15.43 28.00
C MET C 83 -40.48 -16.84 27.89
N ARG C 84 -40.76 -17.67 28.88
CA ARG C 84 -40.32 -19.07 28.89
C ARG C 84 -40.95 -19.86 27.74
N ASP C 85 -42.20 -19.53 27.40
CA ASP C 85 -42.89 -20.14 26.25
C ASP C 85 -42.23 -19.79 24.92
N ILE C 86 -41.78 -18.55 24.78
CA ILE C 86 -41.03 -18.10 23.59
C ILE C 86 -39.69 -18.83 23.48
N VAL C 87 -38.93 -18.85 24.57
CA VAL C 87 -37.65 -19.54 24.59
C VAL C 87 -37.82 -21.03 24.27
N ALA C 88 -38.91 -21.63 24.76
CA ALA C 88 -39.19 -23.05 24.47
C ALA C 88 -39.44 -23.28 22.98
N GLY C 89 -40.11 -22.33 22.34
CA GLY C 89 -40.31 -22.35 20.88
C GLY C 89 -39.03 -22.32 20.07
N PHE C 90 -37.94 -21.86 20.68
CA PHE C 90 -36.62 -21.81 20.03
C PHE C 90 -36.00 -23.21 19.86
N ASP C 91 -36.48 -24.18 20.65
CA ASP C 91 -36.02 -25.57 20.58
C ASP C 91 -36.61 -26.34 19.40
N LEU C 92 -37.65 -25.77 18.79
CA LEU C 92 -38.29 -26.37 17.64
C LEU C 92 -37.42 -26.25 16.39
N PRO C 93 -37.63 -27.14 15.40
CA PRO C 93 -36.84 -27.00 14.17
C PRO C 93 -36.86 -25.58 13.62
N ASP C 94 -35.71 -25.15 13.09
CA ASP C 94 -35.53 -23.84 12.48
C ASP C 94 -35.55 -22.70 13.49
N GLY C 95 -35.41 -23.05 14.78
CA GLY C 95 -35.14 -22.07 15.84
C GLY C 95 -33.82 -21.36 15.62
N PRO C 96 -33.62 -20.22 16.31
CA PRO C 96 -32.41 -19.41 16.12
C PRO C 96 -31.15 -20.15 16.62
N ALA C 97 -30.00 -19.84 16.01
CA ALA C 97 -28.73 -20.42 16.40
C ALA C 97 -28.21 -19.87 17.73
N HIS C 98 -28.61 -18.65 18.07
CA HIS C 98 -28.22 -18.03 19.33
C HIS C 98 -29.38 -17.18 19.84
N HIS C 99 -29.46 -17.02 21.15
CA HIS C 99 -30.39 -16.06 21.74
C HIS C 99 -29.89 -15.58 23.09
N ASP C 100 -30.47 -14.48 23.53
CA ASP C 100 -30.31 -14.02 24.92
C ASP C 100 -31.55 -13.24 25.40
N LEU C 101 -31.67 -13.12 26.73
CA LEU C 101 -32.87 -12.58 27.40
C LEU C 101 -32.53 -11.32 28.17
N THR C 102 -33.41 -10.33 28.07
CA THR C 102 -33.16 -9.08 28.83
C THR C 102 -34.40 -8.49 29.43
N HIS C 103 -34.16 -7.57 30.37
CA HIS C 103 -35.19 -6.85 31.11
C HIS C 103 -34.87 -5.35 31.12
N HIS C 104 -35.88 -4.52 30.90
CA HIS C 104 -35.80 -3.09 31.23
C HIS C 104 -37.17 -2.52 31.59
N ILE C 105 -37.14 -1.37 32.26
CA ILE C 105 -38.34 -0.58 32.53
C ILE C 105 -38.29 0.66 31.64
N ASP C 106 -39.30 0.83 30.78
CA ASP C 106 -39.36 1.98 29.88
C ASP C 106 -39.77 3.27 30.61
N ASN C 107 -39.92 4.38 29.87
CA ASN C 107 -40.18 5.66 30.53
C ASN C 107 -41.65 5.89 30.87
N GLN C 108 -42.46 4.88 30.53
CA GLN C 108 -43.87 4.89 30.88
C GLN C 108 -44.15 3.99 32.09
N GLY C 109 -43.09 3.45 32.67
CA GLY C 109 -43.20 2.56 33.83
C GLY C 109 -43.51 1.10 33.55
N TYR C 110 -43.53 0.71 32.27
CA TYR C 110 -43.79 -0.67 31.88
C TYR C 110 -42.50 -1.48 31.85
N GLU C 111 -42.55 -2.65 32.46
CA GLU C 111 -41.45 -3.61 32.36
C GLU C 111 -41.55 -4.38 31.04
N ASN C 112 -40.38 -4.70 30.48
CA ASN C 112 -40.27 -5.36 29.18
C ASN C 112 -39.23 -6.46 29.20
N LEU C 113 -39.67 -7.67 28.90
CA LEU C 113 -38.79 -8.82 28.78
C LEU C 113 -38.62 -8.99 27.28
N ILE C 114 -37.37 -8.97 26.81
CA ILE C 114 -37.09 -9.12 25.39
C ILE C 114 -36.16 -10.31 25.18
N VAL C 115 -36.63 -11.27 24.39
CA VAL C 115 -35.82 -12.40 23.93
C VAL C 115 -35.35 -12.09 22.51
N VAL C 116 -34.04 -12.01 22.30
CA VAL C 116 -33.51 -11.79 20.97
C VAL C 116 -32.91 -13.07 20.41
N GLY C 117 -33.41 -13.48 19.23
CA GLY C 117 -32.89 -14.64 18.52
C GLY C 117 -32.15 -14.23 17.27
N TYR C 118 -31.09 -14.95 16.96
CA TYR C 118 -30.33 -14.70 15.74
C TYR C 118 -30.35 -15.91 14.84
N TRP C 119 -30.73 -15.70 13.59
CA TRP C 119 -30.77 -16.77 12.60
C TRP C 119 -29.74 -16.50 11.51
N LYS C 120 -29.18 -17.56 10.96
CA LYS C 120 -28.12 -17.40 9.97
C LYS C 120 -28.66 -17.26 8.55
N ASP C 121 -29.96 -17.44 8.38
CA ASP C 121 -30.61 -17.24 7.07
C ASP C 121 -32.08 -16.88 7.20
N VAL C 122 -32.56 -16.11 6.23
CA VAL C 122 -33.94 -15.64 6.19
C VAL C 122 -34.97 -16.78 6.10
N SER C 123 -34.68 -17.77 5.24
CA SER C 123 -35.64 -18.85 5.01
CA SER C 123 -35.64 -18.86 5.03
C SER C 123 -35.90 -19.66 6.29
N SER C 124 -34.84 -19.89 7.07
CA SER C 124 -34.98 -20.71 8.27
C SER C 124 -35.83 -20.01 9.32
N GLN C 125 -35.65 -18.69 9.45
CA GLN C 125 -36.48 -17.88 10.37
C GLN C 125 -37.94 -17.88 9.92
N HIS C 126 -38.16 -17.76 8.61
CA HIS C 126 -39.51 -17.78 8.04
C HIS C 126 -40.21 -19.12 8.28
N ARG C 127 -39.49 -20.22 8.06
CA ARG C 127 -40.01 -21.56 8.33
C ARG C 127 -40.38 -21.70 9.81
N TRP C 128 -39.54 -21.17 10.67
CA TRP C 128 -39.82 -21.23 12.11
C TRP C 128 -41.06 -20.40 12.46
N SER C 129 -41.13 -19.18 11.96
CA SER C 129 -42.21 -18.26 12.30
C SER C 129 -43.57 -18.66 11.74
N THR C 130 -43.55 -19.35 10.61
CA THR C 130 -44.80 -19.81 9.98
C THR C 130 -45.20 -21.22 10.42
N SER C 131 -44.32 -21.91 11.13
CA SER C 131 -44.62 -23.23 11.66
C SER C 131 -45.80 -23.15 12.62
N THR C 132 -46.60 -24.21 12.66
CA THR C 132 -47.83 -24.27 13.43
C THR C 132 -47.74 -23.81 14.89
N PRO C 133 -46.81 -24.39 15.70
CA PRO C 133 -46.78 -24.03 17.13
C PRO C 133 -46.36 -22.58 17.40
N ILE C 134 -45.64 -22.00 16.45
CA ILE C 134 -45.17 -20.62 16.58
C ILE C 134 -46.24 -19.66 16.04
N ALA C 135 -46.70 -19.90 14.82
CA ALA C 135 -47.72 -19.05 14.19
C ALA C 135 -49.04 -19.03 14.95
N SER C 136 -49.46 -20.19 15.46
CA SER C 136 -50.72 -20.32 16.16
C SER C 136 -50.71 -19.56 17.49
N TRP C 137 -49.55 -19.53 18.15
CA TRP C 137 -49.39 -18.78 19.37
C TRP C 137 -49.47 -17.27 19.11
N TRP C 138 -48.75 -16.79 18.10
CA TRP C 138 -48.71 -15.35 17.82
C TRP C 138 -50.04 -14.79 17.30
N GLU C 139 -50.80 -15.62 16.58
CA GLU C 139 -52.06 -15.20 15.96
C GLU C 139 -53.28 -15.48 16.83
N SER C 140 -53.06 -16.13 17.98
CA SER C 140 -54.15 -16.48 18.89
C SER C 140 -54.84 -15.25 19.47
N GLU C 141 -56.14 -15.38 19.67
CA GLU C 141 -56.97 -14.39 20.33
C GLU C 141 -56.57 -14.27 21.80
N ASP C 142 -55.90 -15.31 22.30
CA ASP C 142 -55.38 -15.33 23.65
C ASP C 142 -54.37 -14.21 23.89
N ARG C 143 -53.63 -13.84 22.84
CA ARG C 143 -52.69 -12.72 22.91
C ARG C 143 -53.41 -11.41 23.24
N LEU C 144 -54.63 -11.27 22.76
CA LEU C 144 -55.46 -10.11 23.04
C LEU C 144 -56.06 -10.15 24.45
N SER C 145 -56.34 -11.34 24.96
CA SER C 145 -57.03 -11.50 26.26
C SER C 145 -56.07 -11.72 27.44
N ASP C 146 -54.81 -11.98 27.15
CA ASP C 146 -53.78 -12.19 28.18
C ASP C 146 -53.63 -11.00 29.12
N GLY C 147 -53.86 -9.80 28.59
CA GLY C 147 -53.66 -8.57 29.35
C GLY C 147 -52.23 -8.07 29.26
N LEU C 148 -51.31 -8.96 28.87
CA LEU C 148 -49.91 -8.63 28.61
C LEU C 148 -49.77 -7.92 27.27
N GLY C 149 -48.68 -7.17 27.12
CA GLY C 149 -48.26 -6.68 25.81
C GLY C 149 -47.31 -7.67 25.18
N PHE C 150 -47.38 -7.79 23.85
CA PHE C 150 -46.44 -8.63 23.10
C PHE C 150 -45.96 -7.85 21.90
N PHE C 151 -44.69 -8.03 21.55
CA PHE C 151 -44.22 -7.45 20.31
C PHE C 151 -43.19 -8.31 19.61
N ARG C 152 -43.10 -8.12 18.29
CA ARG C 152 -42.07 -8.73 17.46
C ARG C 152 -41.44 -7.66 16.60
N GLU C 153 -40.14 -7.48 16.79
CA GLU C 153 -39.36 -6.54 16.00
C GLU C 153 -38.28 -7.36 15.31
N ILE C 154 -38.57 -7.76 14.07
CA ILE C 154 -37.75 -8.70 13.31
C ILE C 154 -37.18 -7.96 12.11
N VAL C 155 -35.85 -7.95 12.02
CA VAL C 155 -35.15 -7.20 10.98
C VAL C 155 -34.07 -8.09 10.41
N ALA C 156 -33.81 -7.96 9.11
CA ALA C 156 -32.95 -8.88 8.39
C ALA C 156 -31.92 -8.20 7.47
N PRO C 157 -30.76 -7.82 8.03
CA PRO C 157 -29.74 -7.21 7.18
C PRO C 157 -28.97 -8.25 6.37
N ARG C 158 -28.69 -7.93 5.12
CA ARG C 158 -27.73 -8.66 4.34
C ARG C 158 -26.33 -8.55 4.95
N ALA C 159 -25.46 -9.45 4.51
CA ALA C 159 -24.08 -9.52 4.98
C ALA C 159 -23.37 -8.19 4.75
N GLU C 160 -23.73 -7.51 3.65
CA GLU C 160 -23.16 -6.20 3.33
C GLU C 160 -23.72 -5.07 4.18
N GLN C 161 -24.74 -5.36 4.97
CA GLN C 161 -25.52 -4.33 5.67
C GLN C 161 -25.40 -4.29 7.19
N PHE C 162 -24.46 -5.03 7.74
CA PHE C 162 -24.20 -4.89 9.17
C PHE C 162 -22.70 -4.95 9.46
N GLU C 163 -22.31 -4.32 10.56
CA GLU C 163 -20.93 -4.36 11.03
C GLU C 163 -20.87 -4.69 12.51
N THR C 164 -19.73 -5.24 12.93
CA THR C 164 -19.49 -5.54 14.34
C THR C 164 -18.16 -4.94 14.80
N LEU C 165 -18.06 -4.62 16.08
CA LEU C 165 -16.78 -4.22 16.66
C LEU C 165 -16.70 -4.74 18.08
N TYR C 166 -15.61 -5.46 18.38
CA TYR C 166 -15.40 -6.03 19.71
C TYR C 166 -14.07 -5.58 20.30
N ALA C 167 -14.09 -5.15 21.55
CA ALA C 167 -12.89 -4.83 22.32
C ALA C 167 -12.30 -6.09 22.98
N PHE C 168 -12.59 -7.24 22.37
CA PHE C 168 -12.16 -8.54 22.87
C PHE C 168 -12.25 -9.54 21.72
N GLN C 169 -11.72 -10.75 21.94
CA GLN C 169 -11.58 -11.76 20.88
C GLN C 169 -12.48 -12.98 21.09
N GLU C 170 -12.83 -13.24 22.34
CA GLU C 170 -13.43 -14.50 22.72
C GLU C 170 -14.92 -14.39 23.07
N ASP C 171 -15.68 -15.45 22.76
CA ASP C 171 -17.07 -15.59 23.20
C ASP C 171 -17.95 -14.41 22.78
N LEU C 172 -18.07 -14.23 21.47
CA LEU C 172 -18.82 -13.10 20.91
C LEU C 172 -20.32 -13.18 21.23
N PRO C 173 -20.88 -12.08 21.75
CA PRO C 173 -22.33 -11.95 21.96
C PRO C 173 -23.06 -11.48 20.71
N GLY C 174 -24.39 -11.48 20.78
CA GLY C 174 -25.21 -10.94 19.70
C GLY C 174 -24.95 -11.67 18.41
N VAL C 175 -24.92 -10.91 17.32
CA VAL C 175 -24.82 -11.49 15.98
C VAL C 175 -23.48 -12.21 15.80
N GLY C 176 -22.44 -11.75 16.51
CA GLY C 176 -21.13 -12.39 16.42
C GLY C 176 -21.21 -13.87 16.76
N ALA C 177 -22.18 -14.25 17.59
CA ALA C 177 -22.32 -15.62 18.03
C ALA C 177 -22.73 -16.58 16.90
N VAL C 178 -23.40 -16.06 15.87
CA VAL C 178 -23.83 -16.89 14.72
C VAL C 178 -22.90 -16.78 13.52
N MET C 179 -21.86 -15.95 13.65
CA MET C 179 -20.83 -15.82 12.61
C MET C 179 -19.83 -16.98 12.75
N ASP C 180 -18.82 -17.00 11.90
CA ASP C 180 -17.95 -18.16 11.81
C ASP C 180 -16.76 -18.08 12.77
N GLY C 181 -16.31 -16.87 13.04
CA GLY C 181 -15.16 -16.68 13.92
C GLY C 181 -14.85 -15.22 14.15
N ILE C 182 -13.63 -14.98 14.63
CA ILE C 182 -13.12 -13.65 14.92
C ILE C 182 -11.99 -13.28 13.93
N SER C 183 -11.87 -11.99 13.65
CA SER C 183 -10.80 -11.47 12.80
C SER C 183 -9.52 -11.34 13.59
N GLY C 184 -8.45 -10.92 12.90
CA GLY C 184 -7.30 -10.32 13.56
C GLY C 184 -7.59 -8.86 13.85
N GLU C 185 -6.59 -8.13 14.33
CA GLU C 185 -6.74 -6.69 14.61
C GLU C 185 -7.09 -5.95 13.33
N ILE C 186 -8.14 -5.13 13.40
CA ILE C 186 -8.66 -4.48 12.20
C ILE C 186 -8.29 -3.01 12.09
N ASN C 187 -8.21 -2.54 10.85
CA ASN C 187 -7.82 -1.17 10.55
C ASN C 187 -8.92 -0.12 10.78
N GLU C 188 -10.15 -0.43 10.39
CA GLU C 188 -11.21 0.57 10.32
C GLU C 188 -11.88 0.79 11.68
N HIS C 189 -11.14 1.38 12.61
CA HIS C 189 -11.74 1.82 13.88
C HIS C 189 -10.85 2.89 14.51
N GLY C 190 -11.38 3.61 15.50
CA GLY C 190 -10.59 4.62 16.21
C GLY C 190 -10.72 6.04 15.68
N TYR C 191 -11.72 6.27 14.83
CA TYR C 191 -11.98 7.58 14.25
C TYR C 191 -13.44 7.64 13.90
N TRP C 192 -14.05 8.81 14.10
CA TRP C 192 -15.45 8.99 13.75
C TRP C 192 -15.63 8.76 12.25
N GLY C 193 -16.64 7.96 11.91
CA GLY C 193 -16.87 7.54 10.54
C GLY C 193 -16.37 6.13 10.26
N SER C 194 -15.62 5.56 11.21
CA SER C 194 -15.09 4.20 11.02
C SER C 194 -16.21 3.16 11.01
N MET C 195 -17.26 3.37 11.80
CA MET C 195 -18.40 2.46 11.84
C MET C 195 -18.96 2.28 10.43
N ARG C 196 -19.23 3.40 9.75
CA ARG C 196 -19.70 3.39 8.37
C ARG C 196 -18.78 2.55 7.49
N GLU C 197 -17.47 2.71 7.67
CA GLU C 197 -16.47 2.06 6.81
C GLU C 197 -16.38 0.55 7.04
N ARG C 198 -16.90 0.07 8.18
CA ARG C 198 -16.97 -1.34 8.48
C ARG C 198 -18.16 -2.04 7.81
N PHE C 199 -19.14 -1.26 7.34
CA PHE C 199 -20.23 -1.81 6.51
C PHE C 199 -19.65 -2.11 5.11
N PRO C 200 -19.71 -3.38 4.66
CA PRO C 200 -19.30 -3.69 3.28
C PRO C 200 -19.95 -2.78 2.24
N ILE C 201 -21.24 -2.50 2.41
CA ILE C 201 -21.97 -1.73 1.40
C ILE C 201 -21.49 -0.28 1.29
N SER C 202 -20.74 0.19 2.30
CA SER C 202 -20.17 1.54 2.26
C SER C 202 -19.20 1.77 1.09
N GLN C 203 -18.73 0.67 0.49
CA GLN C 203 -17.82 0.72 -0.64
C GLN C 203 -18.53 1.29 -1.87
N THR C 204 -19.86 1.16 -1.90
CA THR C 204 -20.64 1.55 -3.06
C THR C 204 -21.91 2.35 -2.73
N ASP C 205 -22.37 2.34 -1.48
CA ASP C 205 -23.68 2.91 -1.14
C ASP C 205 -23.62 3.83 0.07
N TRP C 206 -24.39 4.92 0.01
CA TRP C 206 -24.46 5.93 1.07
C TRP C 206 -25.31 5.53 2.27
N MET C 207 -26.06 4.43 2.14
CA MET C 207 -27.02 4.01 3.17
C MET C 207 -27.90 5.18 3.62
N GLN C 208 -28.44 5.88 2.63
CA GLN C 208 -29.27 7.05 2.80
C GLN C 208 -30.66 6.60 3.20
N ALA C 209 -31.18 7.19 4.26
CA ALA C 209 -32.55 6.91 4.66
C ALA C 209 -33.50 7.51 3.64
N SER C 210 -34.61 6.81 3.40
CA SER C 210 -35.70 7.37 2.62
C SER C 210 -37.04 6.72 3.04
N GLY C 211 -38.13 7.45 2.87
CA GLY C 211 -39.44 6.93 3.22
C GLY C 211 -39.82 7.21 4.66
N GLU C 212 -40.96 6.67 5.08
N GLU C 212 -40.96 6.67 5.08
CA GLU C 212 -41.49 6.94 6.41
CA GLU C 212 -41.50 6.93 6.41
C GLU C 212 -41.68 5.67 7.23
C GLU C 212 -41.65 5.66 7.22
N LEU C 213 -41.56 5.81 8.54
CA LEU C 213 -41.95 4.76 9.47
C LEU C 213 -43.48 4.79 9.51
N ARG C 214 -44.12 3.73 9.03
CA ARG C 214 -45.56 3.74 8.76
C ARG C 214 -46.36 2.65 9.47
N VAL C 215 -47.46 3.04 10.10
CA VAL C 215 -48.48 2.08 10.51
C VAL C 215 -49.14 1.56 9.23
N ILE C 216 -49.17 0.24 9.07
CA ILE C 216 -49.83 -0.39 7.91
C ILE C 216 -51.07 -1.20 8.30
N ALA C 217 -51.20 -1.50 9.60
CA ALA C 217 -52.44 -2.09 10.13
C ALA C 217 -52.67 -1.71 11.59
N GLY C 218 -53.94 -1.45 11.94
CA GLY C 218 -54.29 -1.12 13.31
C GLY C 218 -54.09 0.35 13.65
N ASP C 219 -54.24 0.68 14.93
CA ASP C 219 -54.14 2.05 15.42
C ASP C 219 -53.45 2.01 16.79
N PRO C 220 -52.28 2.68 16.92
CA PRO C 220 -51.57 2.65 18.20
C PRO C 220 -52.41 3.18 19.37
N ALA C 221 -53.24 4.19 19.09
CA ALA C 221 -54.13 4.80 20.09
C ALA C 221 -55.26 3.90 20.60
N VAL C 222 -55.58 2.85 19.84
CA VAL C 222 -56.64 1.91 20.21
C VAL C 222 -56.09 0.68 20.95
N GLY C 223 -54.79 0.42 20.76
CA GLY C 223 -54.19 -0.81 21.27
C GLY C 223 -54.46 -1.96 20.32
N GLY C 224 -54.61 -3.16 20.85
CA GLY C 224 -54.81 -4.34 20.02
C GLY C 224 -53.60 -4.63 19.15
N ARG C 225 -53.85 -5.18 17.96
CA ARG C 225 -52.78 -5.51 17.02
C ARG C 225 -52.43 -4.33 16.14
N VAL C 226 -51.16 -3.92 16.18
CA VAL C 226 -50.68 -2.85 15.31
C VAL C 226 -49.48 -3.37 14.53
N VAL C 227 -49.41 -3.02 13.25
CA VAL C 227 -48.29 -3.43 12.42
C VAL C 227 -47.62 -2.20 11.85
N VAL C 228 -46.30 -2.09 12.05
CA VAL C 228 -45.57 -0.96 11.53
C VAL C 228 -44.48 -1.46 10.56
N ARG C 229 -44.36 -0.81 9.40
CA ARG C 229 -43.26 -1.12 8.48
C ARG C 229 -42.17 -0.06 8.55
N GLY C 230 -40.92 -0.54 8.60
CA GLY C 230 -39.76 0.32 8.52
C GLY C 230 -39.63 0.96 7.14
N HIS C 231 -38.74 1.93 7.04
CA HIS C 231 -38.35 2.53 5.78
C HIS C 231 -36.90 2.17 5.50
N ASP C 232 -36.45 2.34 4.26
CA ASP C 232 -35.07 2.04 3.89
C ASP C 232 -34.05 2.72 4.79
N ASN C 233 -33.05 1.95 5.17
CA ASN C 233 -31.89 2.39 5.93
C ASN C 233 -32.18 3.01 7.29
N ILE C 234 -33.26 2.55 7.93
CA ILE C 234 -33.32 2.58 9.39
C ILE C 234 -32.05 1.88 9.90
N ALA C 235 -31.49 2.38 10.97
CA ALA C 235 -30.31 1.76 11.56
C ALA C 235 -30.67 1.20 12.93
N LEU C 236 -30.11 0.04 13.25
CA LEU C 236 -30.29 -0.56 14.56
C LEU C 236 -28.92 -0.82 15.16
N ILE C 237 -28.70 -0.26 16.35
CA ILE C 237 -27.48 -0.51 17.10
C ILE C 237 -27.75 -1.32 18.36
N ARG C 238 -26.94 -2.36 18.56
CA ARG C 238 -26.89 -3.04 19.85
C ARG C 238 -25.47 -2.81 20.34
N SER C 239 -25.36 -1.94 21.34
CA SER C 239 -24.09 -1.62 21.96
C SER C 239 -24.06 -2.12 23.40
N GLY C 240 -23.11 -3.00 23.70
CA GLY C 240 -23.15 -3.79 24.95
C GLY C 240 -21.98 -3.70 25.89
N GLN C 241 -22.25 -4.01 27.15
CA GLN C 241 -21.31 -3.95 28.25
C GLN C 241 -21.41 -5.25 29.03
N ASP C 242 -20.25 -5.86 29.28
CA ASP C 242 -20.16 -7.11 30.01
C ASP C 242 -19.09 -6.96 31.10
N TRP C 243 -19.54 -6.94 32.36
CA TRP C 243 -18.61 -6.78 33.48
C TRP C 243 -18.62 -7.99 34.43
N ALA C 244 -19.17 -9.09 33.92
CA ALA C 244 -19.34 -10.34 34.67
C ALA C 244 -18.03 -10.98 35.16
N ASP C 245 -16.94 -10.75 34.43
CA ASP C 245 -15.66 -11.39 34.74
C ASP C 245 -14.64 -10.46 35.38
N ALA C 246 -15.00 -9.18 35.52
CA ALA C 246 -14.15 -8.18 36.16
C ALA C 246 -14.02 -8.40 37.68
N GLU C 247 -12.86 -8.04 38.20
CA GLU C 247 -12.61 -8.11 39.64
C GLU C 247 -13.12 -6.84 40.31
N ALA C 248 -13.09 -6.83 41.65
CA ALA C 248 -13.67 -5.76 42.49
C ALA C 248 -13.34 -4.33 42.06
N ASP C 249 -12.04 -4.05 41.89
CA ASP C 249 -11.57 -2.70 41.56
C ASP C 249 -12.06 -2.21 40.20
N GLU C 250 -12.11 -3.13 39.23
CA GLU C 250 -12.61 -2.81 37.89
C GLU C 250 -14.13 -2.70 37.87
N ARG C 251 -14.80 -3.59 38.59
CA ARG C 251 -16.25 -3.50 38.78
C ARG C 251 -16.67 -2.12 39.26
N SER C 252 -15.98 -1.63 40.29
CA SER C 252 -16.23 -0.30 40.86
C SER C 252 -15.98 0.80 39.84
N LEU C 253 -14.89 0.67 39.08
CA LEU C 253 -14.57 1.61 38.01
C LEU C 253 -15.71 1.73 37.00
N TYR C 254 -16.18 0.59 36.50
CA TYR C 254 -17.30 0.58 35.56
C TYR C 254 -18.56 1.14 36.19
N LEU C 255 -18.93 0.63 37.37
CA LEU C 255 -20.20 1.01 38.00
C LEU C 255 -20.21 2.45 38.51
N ASP C 256 -19.06 2.93 38.97
CA ASP C 256 -18.95 4.26 39.57
C ASP C 256 -18.59 5.39 38.59
N GLU C 257 -17.77 5.08 37.60
CA GLU C 257 -17.28 6.08 36.65
C GLU C 257 -17.92 6.00 35.26
N ILE C 258 -18.04 4.79 34.72
CA ILE C 258 -18.52 4.60 33.36
C ILE C 258 -20.04 4.55 33.26
N LEU C 259 -20.66 3.70 34.07
CA LEU C 259 -22.13 3.53 34.07
C LEU C 259 -22.95 4.83 34.22
N PRO C 260 -22.58 5.72 35.18
CA PRO C 260 -23.34 6.97 35.26
C PRO C 260 -23.38 7.79 33.97
N THR C 261 -22.28 7.81 33.21
CA THR C 261 -22.25 8.55 31.95
C THR C 261 -23.10 7.83 30.90
N LEU C 262 -23.06 6.51 30.92
CA LEU C 262 -23.85 5.69 29.98
C LEU C 262 -25.34 5.83 30.25
N GLN C 263 -25.69 5.79 31.53
CA GLN C 263 -27.05 5.98 32.01
C GLN C 263 -27.57 7.35 31.59
N SER C 264 -26.75 8.39 31.74
CA SER C 264 -27.10 9.74 31.29
C SER C 264 -27.46 9.77 29.80
N GLY C 265 -26.61 9.17 28.99
CA GLY C 265 -26.80 9.14 27.54
C GLY C 265 -28.02 8.35 27.13
N MET C 266 -28.22 7.21 27.78
CA MET C 266 -29.37 6.36 27.50
C MET C 266 -30.67 7.06 27.87
N ASP C 267 -30.72 7.73 29.02
CA ASP C 267 -31.88 8.51 29.39
C ASP C 267 -32.15 9.63 28.36
N PHE C 268 -31.08 10.25 27.86
CA PHE C 268 -31.25 11.33 26.87
C PHE C 268 -31.94 10.81 25.61
N LEU C 269 -31.41 9.70 25.08
CA LEU C 269 -31.93 9.10 23.85
C LEU C 269 -33.36 8.57 24.05
N ARG C 270 -33.61 7.97 25.21
CA ARG C 270 -34.94 7.50 25.59
C ARG C 270 -35.97 8.64 25.58
N ASP C 271 -35.56 9.81 26.06
CA ASP C 271 -36.51 10.89 26.36
C ASP C 271 -36.45 12.06 25.36
N ASN C 272 -35.45 12.07 24.48
CA ASN C 272 -35.35 13.10 23.43
C ASN C 272 -35.13 12.53 22.05
N GLY C 273 -35.72 11.36 21.83
CA GLY C 273 -35.56 10.62 20.57
C GLY C 273 -35.90 11.38 19.31
N PRO C 274 -37.12 11.97 19.25
CA PRO C 274 -37.51 12.77 18.08
C PRO C 274 -36.53 13.89 17.72
N ALA C 275 -35.89 14.48 18.73
CA ALA C 275 -34.92 15.58 18.51
C ALA C 275 -33.64 15.18 17.79
N VAL C 276 -33.21 13.94 18.00
CA VAL C 276 -31.94 13.47 17.44
C VAL C 276 -32.08 12.37 16.40
N GLY C 277 -33.30 11.90 16.17
CA GLY C 277 -33.55 10.88 15.15
C GLY C 277 -33.52 9.44 15.64
N CYS C 278 -33.69 9.26 16.95
CA CYS C 278 -33.78 7.96 17.58
C CYS C 278 -35.24 7.57 17.81
N TYR C 279 -35.73 6.64 16.99
CA TYR C 279 -37.12 6.20 17.06
C TYR C 279 -37.42 5.48 18.37
N SER C 280 -36.46 4.70 18.85
CA SER C 280 -36.65 3.87 20.03
C SER C 280 -35.31 3.66 20.70
N ASN C 281 -35.22 3.95 22.00
CA ASN C 281 -33.99 3.66 22.75
C ASN C 281 -34.31 2.83 23.98
N ARG C 282 -33.70 1.66 24.06
CA ARG C 282 -33.83 0.81 25.24
C ARG C 282 -32.47 0.55 25.85
N PHE C 283 -32.41 0.61 27.18
CA PHE C 283 -31.18 0.24 27.89
C PHE C 283 -31.55 -0.95 28.74
N VAL C 284 -31.09 -2.13 28.32
CA VAL C 284 -31.59 -3.39 28.87
C VAL C 284 -30.50 -4.18 29.60
N ARG C 285 -30.92 -4.98 30.58
CA ARG C 285 -29.98 -5.77 31.36
C ARG C 285 -30.29 -7.25 31.14
N ASN C 286 -29.28 -8.04 30.78
CA ASN C 286 -29.48 -9.49 30.61
C ASN C 286 -30.05 -10.15 31.87
N ILE C 287 -30.92 -11.12 31.65
CA ILE C 287 -31.49 -11.92 32.75
C ILE C 287 -31.40 -13.41 32.42
N ASP C 288 -31.52 -14.23 33.45
CA ASP C 288 -31.69 -15.66 33.25
C ASP C 288 -33.18 -15.97 33.00
N ILE C 289 -33.48 -17.24 32.76
CA ILE C 289 -34.84 -17.71 32.47
C ILE C 289 -35.85 -17.41 33.61
N ASP C 290 -35.33 -17.24 34.82
CA ASP C 290 -36.11 -16.91 36.03
C ASP C 290 -36.37 -15.41 36.20
N GLY C 291 -35.69 -14.60 35.39
CA GLY C 291 -35.79 -13.15 35.51
C GLY C 291 -34.73 -12.52 36.41
N ASN C 292 -33.74 -13.32 36.81
CA ASN C 292 -32.64 -12.83 37.65
C ASN C 292 -31.55 -12.14 36.82
N PHE C 293 -31.08 -10.99 37.30
CA PHE C 293 -30.13 -10.18 36.55
C PHE C 293 -28.80 -10.86 36.35
N LEU C 294 -28.22 -10.61 35.19
CA LEU C 294 -26.84 -10.98 34.89
C LEU C 294 -26.03 -9.71 34.71
N ASP C 295 -24.70 -9.83 34.86
CA ASP C 295 -23.82 -8.68 34.73
C ASP C 295 -23.43 -8.38 33.28
N LEU C 296 -24.46 -8.29 32.44
CA LEU C 296 -24.30 -7.86 31.07
C LEU C 296 -25.47 -6.97 30.73
N SER C 297 -25.20 -5.96 29.92
CA SER C 297 -26.26 -5.07 29.47
C SER C 297 -26.08 -4.67 28.02
N TYR C 298 -27.09 -4.03 27.45
CA TYR C 298 -26.89 -3.38 26.17
C TYR C 298 -27.97 -2.36 25.83
N ASN C 299 -27.57 -1.46 24.93
CA ASN C 299 -28.48 -0.53 24.27
C ASN C 299 -29.11 -1.26 23.09
N ILE C 300 -30.41 -1.09 22.91
CA ILE C 300 -31.08 -1.42 21.64
C ILE C 300 -31.64 -0.11 21.12
N GLY C 301 -31.02 0.43 20.06
CA GLY C 301 -31.39 1.74 19.56
C GLY C 301 -31.82 1.68 18.10
N HIS C 302 -33.06 2.12 17.82
CA HIS C 302 -33.56 2.21 16.44
C HIS C 302 -33.50 3.66 15.99
N TRP C 303 -32.81 3.90 14.87
CA TRP C 303 -32.50 5.23 14.40
C TRP C 303 -33.07 5.50 13.01
N ALA C 304 -33.44 6.77 12.79
CA ALA C 304 -34.06 7.21 11.54
C ALA C 304 -33.09 7.16 10.38
N SER C 305 -31.80 7.24 10.68
CA SER C 305 -30.74 7.11 9.70
C SER C 305 -29.45 6.76 10.41
N LEU C 306 -28.53 6.17 9.67
CA LEU C 306 -27.19 5.87 10.19
C LEU C 306 -26.46 7.17 10.46
N ASP C 307 -26.65 8.17 9.61
CA ASP C 307 -25.96 9.43 9.81
C ASP C 307 -26.45 10.18 11.05
N GLN C 308 -27.74 10.10 11.37
CA GLN C 308 -28.17 10.66 12.67
C GLN C 308 -27.48 10.00 13.88
N LEU C 309 -27.25 8.70 13.79
CA LEU C 309 -26.52 7.97 14.83
C LEU C 309 -25.07 8.45 14.87
N GLU C 310 -24.48 8.61 13.69
CA GLU C 310 -23.13 9.18 13.58
C GLU C 310 -23.06 10.56 14.20
N ARG C 311 -24.04 11.42 13.92
CA ARG C 311 -24.04 12.77 14.49
C ARG C 311 -24.09 12.75 16.01
N TRP C 312 -24.99 11.93 16.54
CA TRP C 312 -25.14 11.86 18.00
C TRP C 312 -23.85 11.37 18.68
N SER C 313 -23.31 10.26 18.19
CA SER C 313 -22.17 9.62 18.83
C SER C 313 -20.94 10.52 18.82
N GLU C 314 -20.78 11.28 17.75
CA GLU C 314 -19.54 12.02 17.54
C GLU C 314 -19.57 13.46 18.04
N SER C 315 -20.77 14.00 18.29
CA SER C 315 -20.89 15.43 18.55
C SER C 315 -21.80 15.83 19.70
N HIS C 316 -22.69 14.92 20.12
CA HIS C 316 -23.56 15.18 21.27
C HIS C 316 -22.81 15.00 22.59
N PRO C 317 -22.95 15.99 23.51
CA PRO C 317 -22.20 15.94 24.77
C PRO C 317 -22.31 14.62 25.53
N THR C 318 -23.47 13.97 25.46
CA THR C 318 -23.69 12.72 26.20
C THR C 318 -22.72 11.59 25.78
N HIS C 319 -22.66 11.24 24.50
CA HIS C 319 -21.71 10.19 24.08
C HIS C 319 -20.27 10.66 24.19
N LEU C 320 -20.02 11.95 23.94
CA LEU C 320 -18.67 12.46 24.11
C LEU C 320 -18.21 12.33 25.56
N ARG C 321 -19.11 12.57 26.52
CA ARG C 321 -18.83 12.35 27.95
C ARG C 321 -18.51 10.87 28.20
N ILE C 322 -19.32 9.98 27.66
CA ILE C 322 -19.04 8.53 27.73
C ILE C 322 -17.65 8.22 27.16
N PHE C 323 -17.42 8.69 25.93
CA PHE C 323 -16.15 8.53 25.20
C PHE C 323 -14.93 9.07 25.95
N THR C 324 -15.06 10.28 26.50
CA THR C 324 -13.96 10.92 27.23
C THR C 324 -13.69 10.25 28.57
N THR C 325 -14.75 9.82 29.23
CA THR C 325 -14.64 9.14 30.53
C THR C 325 -13.92 7.79 30.39
N PHE C 326 -14.28 7.04 29.35
CA PHE C 326 -13.67 5.74 29.05
C PHE C 326 -12.16 5.84 28.90
N PHE C 327 -11.70 6.81 28.12
CA PHE C 327 -10.27 6.97 27.89
C PHE C 327 -9.55 7.53 29.14
N ARG C 328 -10.28 8.28 29.96
CA ARG C 328 -9.74 8.76 31.24
C ARG C 328 -9.38 7.60 32.17
N VAL C 329 -10.27 6.63 32.28
CA VAL C 329 -10.12 5.50 33.21
C VAL C 329 -9.63 4.20 32.57
N ALA C 330 -9.47 4.21 31.24
CA ALA C 330 -9.14 3.00 30.46
C ALA C 330 -8.01 2.14 31.03
N ALA C 331 -7.04 2.78 31.68
CA ALA C 331 -5.89 2.07 32.29
C ALA C 331 -6.30 1.08 33.39
N GLY C 332 -7.43 1.37 34.05
CA GLY C 332 -7.93 0.55 35.16
C GLY C 332 -8.85 -0.56 34.70
N LEU C 333 -8.98 -0.71 33.39
CA LEU C 333 -9.84 -1.72 32.78
C LEU C 333 -8.99 -2.79 32.09
N SER C 334 -9.47 -4.03 32.13
CA SER C 334 -8.77 -5.17 31.53
C SER C 334 -9.72 -6.31 31.21
N LYS C 335 -10.70 -6.54 32.08
CA LYS C 335 -11.65 -7.64 31.94
C LYS C 335 -13.02 -7.21 31.45
N LEU C 336 -13.29 -5.91 31.50
CA LEU C 336 -14.52 -5.35 30.95
C LEU C 336 -14.61 -5.62 29.44
N ARG C 337 -15.79 -6.02 29.00
CA ARG C 337 -16.03 -6.36 27.59
C ARG C 337 -17.03 -5.38 26.95
N LEU C 338 -16.57 -4.63 25.96
CA LEU C 338 -17.39 -3.65 25.24
C LEU C 338 -17.39 -3.96 23.76
N TYR C 339 -18.54 -3.81 23.13
CA TYR C 339 -18.69 -4.18 21.75
C TYR C 339 -19.95 -3.52 21.20
N HIS C 340 -20.06 -3.48 19.88
CA HIS C 340 -21.37 -3.21 19.28
C HIS C 340 -21.59 -3.95 17.97
N GLU C 341 -22.85 -3.96 17.55
CA GLU C 341 -23.23 -4.39 16.23
C GLU C 341 -24.17 -3.30 15.71
N VAL C 342 -24.03 -2.94 14.44
CA VAL C 342 -24.92 -1.96 13.85
C VAL C 342 -25.31 -2.47 12.49
N SER C 343 -26.59 -2.32 12.18
CA SER C 343 -27.18 -2.84 10.97
C SER C 343 -28.06 -1.80 10.30
N VAL C 344 -28.09 -1.80 8.96
CA VAL C 344 -29.11 -1.09 8.17
C VAL C 344 -29.98 -2.07 7.37
N PHE C 345 -31.20 -1.69 7.01
CA PHE C 345 -32.11 -2.60 6.30
C PHE C 345 -32.98 -1.91 5.29
N ASP C 346 -33.30 -2.62 4.20
CA ASP C 346 -34.38 -2.24 3.30
C ASP C 346 -35.68 -2.20 4.11
N ALA C 347 -36.64 -1.42 3.63
CA ALA C 347 -37.98 -1.38 4.22
C ALA C 347 -38.57 -2.79 4.37
N ALA C 348 -38.50 -3.57 3.29
CA ALA C 348 -39.05 -4.95 3.27
C ALA C 348 -38.46 -5.92 4.29
N ASP C 349 -37.27 -5.59 4.82
CA ASP C 349 -36.59 -6.51 5.75
C ASP C 349 -36.80 -6.14 7.20
N GLN C 350 -37.83 -5.36 7.47
CA GLN C 350 -38.19 -4.95 8.83
C GLN C 350 -39.66 -5.21 9.04
N LEU C 351 -40.00 -5.76 10.19
CA LEU C 351 -41.40 -5.87 10.60
C LEU C 351 -41.47 -5.65 12.09
N TYR C 352 -42.35 -4.74 12.48
CA TYR C 352 -42.53 -4.35 13.86
C TYR C 352 -44.00 -4.50 14.19
N GLU C 353 -44.33 -5.56 14.94
CA GLU C 353 -45.72 -5.91 15.25
C GLU C 353 -45.95 -5.80 16.75
N TYR C 354 -47.11 -5.26 17.13
CA TYR C 354 -47.42 -4.99 18.53
C TYR C 354 -48.80 -5.50 18.87
N ILE C 355 -48.94 -6.08 20.07
CA ILE C 355 -50.24 -6.55 20.56
C ILE C 355 -50.46 -6.02 21.98
N ASN C 356 -51.45 -5.14 22.12
CA ASN C 356 -51.76 -4.53 23.41
C ASN C 356 -50.53 -3.94 24.10
N CYS C 357 -49.74 -3.19 23.34
CA CYS C 357 -48.59 -2.45 23.87
C CYS C 357 -49.01 -1.00 24.04
N HIS C 358 -48.44 -0.30 25.03
CA HIS C 358 -48.74 1.12 25.18
C HIS C 358 -48.20 1.88 23.97
N PRO C 359 -48.85 3.00 23.58
CA PRO C 359 -48.57 3.66 22.30
C PRO C 359 -47.15 4.25 22.12
N GLY C 360 -46.35 4.25 23.17
CA GLY C 360 -44.94 4.69 23.09
C GLY C 360 -43.94 3.56 22.91
N THR C 361 -44.46 2.33 22.78
CA THR C 361 -43.59 1.14 22.72
C THR C 361 -42.88 1.02 21.39
N GLY C 362 -41.55 0.91 21.43
CA GLY C 362 -40.73 0.74 20.22
C GLY C 362 -41.13 1.66 19.08
N MET C 363 -41.46 1.07 17.94
CA MET C 363 -41.74 1.84 16.73
C MET C 363 -43.16 2.41 16.66
N LEU C 364 -43.98 2.14 17.67
CA LEU C 364 -45.33 2.70 17.74
C LEU C 364 -45.29 4.22 17.92
N ARG C 365 -44.27 4.69 18.64
CA ARG C 365 -44.23 6.09 19.07
C ARG C 365 -44.21 7.10 17.92
N ASP C 366 -43.31 6.90 16.94
CA ASP C 366 -43.06 7.87 15.85
C ASP C 366 -43.66 7.46 14.48
N ALA C 367 -44.31 6.31 14.45
CA ALA C 367 -44.90 5.82 13.21
C ALA C 367 -46.05 6.72 12.76
N VAL C 368 -46.14 6.94 11.45
CA VAL C 368 -47.21 7.73 10.82
C VAL C 368 -48.45 6.90 10.48
N THR C 369 -49.60 7.54 10.35
CA THR C 369 -50.86 6.85 10.00
C THR C 369 -51.25 7.00 8.51
N ILE C 370 -52.49 6.63 8.17
CA ILE C 370 -52.97 6.53 6.77
C ILE C 370 -52.65 7.77 5.90
N ALA C 371 -53.18 8.93 6.28
CA ALA C 371 -52.94 10.18 5.54
C ALA C 371 -52.03 11.17 6.29
N GLU C 372 -51.34 10.68 7.32
CA GLU C 372 -50.32 11.45 8.04
C GLU C 372 -49.01 11.59 7.25
N HIS C 373 -49.04 11.11 6.01
CA HIS C 373 -47.89 11.18 5.12
C HIS C 373 -48.35 11.19 3.67
N MET D 21 -27.22 24.26 -0.93
CA MET D 21 -26.23 25.07 -0.17
C MET D 21 -24.94 25.24 -0.97
N GLU D 22 -24.20 26.31 -0.65
CA GLU D 22 -22.91 26.56 -1.30
C GLU D 22 -21.90 25.56 -0.78
N SER D 23 -20.93 25.24 -1.61
CA SER D 23 -19.83 24.38 -1.21
C SER D 23 -18.65 25.22 -0.73
N ALA D 24 -17.93 24.72 0.28
CA ALA D 24 -16.66 25.32 0.72
C ALA D 24 -15.67 25.40 -0.44
N ILE D 25 -15.76 24.47 -1.39
CA ILE D 25 -14.85 24.43 -2.53
C ILE D 25 -15.28 25.40 -3.63
N GLY D 26 -14.37 26.32 -3.96
CA GLY D 26 -14.61 27.32 -5.01
C GLY D 26 -15.01 26.69 -6.33
N GLU D 27 -15.93 27.36 -7.04
CA GLU D 27 -16.45 26.90 -8.31
C GLU D 27 -15.36 26.37 -9.26
N HIS D 28 -14.32 27.16 -9.46
CA HIS D 28 -13.27 26.82 -10.42
C HIS D 28 -12.41 25.65 -9.96
N LEU D 29 -12.46 25.35 -8.66
CA LEU D 29 -11.70 24.25 -8.08
C LEU D 29 -12.50 22.96 -7.91
N GLN D 30 -13.80 23.01 -8.24
CA GLN D 30 -14.60 21.79 -8.29
C GLN D 30 -14.19 20.98 -9.51
N CYS D 31 -14.13 19.67 -9.35
CA CYS D 31 -13.68 18.77 -10.42
C CYS D 31 -14.35 17.41 -10.28
N PRO D 32 -14.29 16.57 -11.34
CA PRO D 32 -14.75 15.19 -11.21
C PRO D 32 -14.08 14.50 -10.03
N ARG D 33 -14.89 13.89 -9.16
CA ARG D 33 -14.37 13.30 -7.92
C ARG D 33 -13.77 11.92 -8.11
N THR D 34 -12.73 11.63 -7.34
CA THR D 34 -12.18 10.29 -7.22
C THR D 34 -12.38 9.81 -5.77
N LEU D 35 -12.33 10.77 -4.85
CA LEU D 35 -12.55 10.49 -3.43
C LEU D 35 -13.82 11.21 -3.02
N THR D 36 -14.54 10.57 -2.10
CA THR D 36 -15.87 11.02 -1.72
C THR D 36 -15.97 11.53 -0.27
N ARG D 37 -17.06 12.23 0.01
CA ARG D 37 -17.32 12.77 1.35
C ARG D 37 -17.76 11.63 2.30
N ARG D 38 -17.85 11.92 3.59
CA ARG D 38 -18.25 10.90 4.57
C ARG D 38 -19.68 11.10 5.03
N VAL D 39 -20.33 12.11 4.47
CA VAL D 39 -21.76 12.37 4.71
C VAL D 39 -22.52 12.26 3.40
N PRO D 40 -23.76 11.74 3.44
CA PRO D 40 -24.57 11.72 2.22
C PRO D 40 -24.96 13.14 1.82
N ASP D 41 -25.39 13.32 0.57
CA ASP D 41 -25.66 14.65 0.02
C ASP D 41 -26.91 15.36 0.58
N THR D 42 -27.64 14.69 1.46
CA THR D 42 -28.78 15.32 2.16
C THR D 42 -28.32 16.12 3.39
N TYR D 43 -27.06 15.94 3.79
CA TYR D 43 -26.53 16.63 4.95
C TYR D 43 -26.82 18.13 4.96
N THR D 44 -27.32 18.63 6.10
CA THR D 44 -27.43 20.06 6.38
C THR D 44 -26.75 20.36 7.73
N PRO D 45 -25.79 21.31 7.77
CA PRO D 45 -25.12 21.67 9.03
C PRO D 45 -26.06 22.31 10.07
N PRO D 46 -25.77 22.14 11.37
CA PRO D 46 -26.64 22.62 12.45
C PRO D 46 -26.54 24.11 12.75
N PHE D 47 -25.50 24.76 12.22
CA PHE D 47 -25.32 26.20 12.40
C PHE D 47 -24.57 26.77 11.19
N PRO D 48 -24.68 28.10 10.96
CA PRO D 48 -23.97 28.71 9.83
C PRO D 48 -22.46 28.87 10.03
N MET D 49 -21.70 28.58 8.97
CA MET D 49 -20.29 28.94 8.87
C MET D 49 -19.98 29.37 7.43
N TRP D 50 -18.87 30.10 7.28
CA TRP D 50 -18.51 30.71 6.01
C TRP D 50 -17.04 30.42 5.69
N VAL D 51 -16.69 30.52 4.41
CA VAL D 51 -15.31 30.33 3.94
C VAL D 51 -14.84 31.47 3.05
N GLY D 52 -13.53 31.63 2.92
CA GLY D 52 -12.95 32.62 2.02
C GLY D 52 -13.15 32.20 0.58
N ARG D 53 -13.41 33.19 -0.28
CA ARG D 53 -13.57 32.95 -1.71
C ARG D 53 -12.48 33.64 -2.52
N ALA D 54 -12.00 32.96 -3.56
CA ALA D 54 -11.07 33.57 -4.52
C ALA D 54 -11.28 32.93 -5.90
N ASP D 55 -11.08 33.71 -6.95
CA ASP D 55 -11.18 33.20 -8.32
C ASP D 55 -9.87 32.51 -8.74
N ASP D 56 -9.73 32.21 -10.03
CA ASP D 56 -8.57 31.45 -10.54
C ASP D 56 -7.24 32.22 -10.60
N ALA D 57 -7.26 33.49 -10.22
CA ALA D 57 -6.05 34.31 -10.17
C ALA D 57 -5.20 33.94 -8.96
N LEU D 58 -5.86 33.52 -7.88
CA LEU D 58 -5.19 33.04 -6.70
C LEU D 58 -4.89 31.56 -6.88
N GLN D 59 -3.69 31.26 -7.37
CA GLN D 59 -3.28 29.90 -7.67
C GLN D 59 -2.50 29.25 -6.51
N GLN D 60 -1.58 30.03 -5.94
CA GLN D 60 -0.72 29.55 -4.89
C GLN D 60 -0.27 30.73 -4.02
N VAL D 61 -0.51 30.60 -2.73
CA VAL D 61 -0.16 31.66 -1.78
C VAL D 61 1.17 31.37 -1.06
N VAL D 62 1.75 32.39 -0.44
CA VAL D 62 2.90 32.17 0.42
C VAL D 62 2.58 32.74 1.80
N MET D 63 2.75 31.89 2.81
CA MET D 63 2.58 32.26 4.20
C MET D 63 3.96 32.27 4.82
N GLY D 64 4.42 33.46 5.24
CA GLY D 64 5.75 33.62 5.81
C GLY D 64 5.72 34.13 7.25
N TYR D 65 6.09 33.24 8.16
CA TYR D 65 6.19 33.57 9.58
C TYR D 65 7.63 33.93 9.93
N LEU D 66 7.84 35.21 10.23
CA LEU D 66 9.17 35.79 10.41
C LEU D 66 9.33 36.15 11.87
N GLY D 67 10.26 35.51 12.55
CA GLY D 67 10.33 35.64 14.00
C GLY D 67 11.58 36.25 14.58
N VAL D 68 11.43 36.80 15.77
CA VAL D 68 12.53 37.34 16.54
C VAL D 68 12.39 36.76 17.94
N GLN D 69 13.45 36.13 18.43
CA GLN D 69 13.43 35.44 19.71
C GLN D 69 14.42 36.03 20.71
N PHE D 70 14.01 36.11 21.97
CA PHE D 70 14.90 36.61 23.04
C PHE D 70 14.43 36.12 24.41
N ARG D 71 15.32 36.13 25.40
CA ARG D 71 15.00 35.65 26.74
C ARG D 71 15.13 36.72 27.83
N ASP D 72 16.15 37.57 27.72
CA ASP D 72 16.46 38.58 28.74
C ASP D 72 15.72 39.89 28.47
N GLU D 73 15.20 40.54 29.52
CA GLU D 73 14.43 41.78 29.33
C GLU D 73 15.26 42.89 28.66
N ASP D 74 16.57 42.91 28.92
CA ASP D 74 17.46 43.89 28.30
C ASP D 74 17.54 43.73 26.77
N GLN D 75 17.01 42.62 26.24
CA GLN D 75 16.97 42.36 24.79
C GLN D 75 15.69 42.87 24.13
N ARG D 76 14.70 43.23 24.96
CA ARG D 76 13.38 43.68 24.45
C ARG D 76 13.44 44.86 23.47
N PRO D 77 14.20 45.93 23.79
CA PRO D 77 14.28 47.02 22.82
C PRO D 77 14.84 46.58 21.46
N ALA D 78 15.96 45.84 21.47
CA ALA D 78 16.57 45.33 20.24
C ALA D 78 15.63 44.39 19.46
N ALA D 79 14.90 43.55 20.18
CA ALA D 79 13.94 42.63 19.55
C ALA D 79 12.78 43.36 18.90
N LEU D 80 12.23 44.36 19.60
CA LEU D 80 11.15 45.18 19.06
C LEU D 80 11.59 45.96 17.82
N GLN D 81 12.83 46.48 17.87
CA GLN D 81 13.37 47.21 16.73
C GLN D 81 13.52 46.29 15.53
N ALA D 82 13.97 45.06 15.78
CA ALA D 82 14.07 44.03 14.75
C ALA D 82 12.70 43.78 14.10
N MET D 83 11.67 43.58 14.93
CA MET D 83 10.29 43.44 14.45
C MET D 83 9.85 44.63 13.60
N ARG D 84 10.21 45.83 14.03
CA ARG D 84 9.88 47.05 13.28
C ARG D 84 10.59 47.11 11.92
N ASP D 85 11.86 46.71 11.90
CA ASP D 85 12.65 46.63 10.67
C ASP D 85 12.02 45.64 9.69
N ILE D 86 11.54 44.51 10.22
CA ILE D 86 10.86 43.50 9.40
C ILE D 86 9.56 44.05 8.80
N VAL D 87 8.76 44.72 9.63
CA VAL D 87 7.49 45.29 9.18
C VAL D 87 7.69 46.41 8.15
N ALA D 88 8.74 47.20 8.34
CA ALA D 88 9.13 48.24 7.38
C ALA D 88 9.49 47.66 6.01
N GLY D 89 10.10 46.49 6.01
CA GLY D 89 10.41 45.77 4.76
C GLY D 89 9.17 45.29 4.02
N PHE D 90 8.09 45.11 4.76
CA PHE D 90 6.81 44.65 4.20
C PHE D 90 6.13 45.71 3.32
N ASP D 91 6.59 46.96 3.45
CA ASP D 91 6.11 48.07 2.63
C ASP D 91 6.77 48.13 1.24
N LEU D 92 8.00 47.62 1.16
CA LEU D 92 8.78 47.59 -0.07
C LEU D 92 8.07 46.88 -1.23
N PRO D 93 8.47 47.17 -2.49
CA PRO D 93 7.88 46.46 -3.62
C PRO D 93 7.85 44.95 -3.37
N ASP D 94 6.73 44.32 -3.72
CA ASP D 94 6.52 42.88 -3.55
C ASP D 94 6.37 42.42 -2.11
N GLY D 95 6.17 43.36 -1.19
CA GLY D 95 5.83 43.05 0.20
C GLY D 95 4.51 42.29 0.24
N PRO D 96 4.19 41.68 1.39
CA PRO D 96 2.97 40.85 1.45
C PRO D 96 1.71 41.71 1.38
N ALA D 97 0.64 41.13 0.86
CA ALA D 97 -0.64 41.82 0.72
C ALA D 97 -1.28 42.08 2.07
N HIS D 98 -0.97 41.22 3.03
CA HIS D 98 -1.51 41.32 4.39
C HIS D 98 -0.48 40.84 5.39
N HIS D 99 -0.54 41.39 6.60
CA HIS D 99 0.30 40.89 7.68
C HIS D 99 -0.29 41.18 9.05
N ASP D 100 0.14 40.40 10.04
CA ASP D 100 -0.16 40.74 11.43
C ASP D 100 0.98 40.35 12.38
N LEU D 101 0.95 40.90 13.59
CA LEU D 101 2.06 40.78 14.53
C LEU D 101 1.62 40.05 15.79
N THR D 102 2.46 39.14 16.27
CA THR D 102 2.13 38.41 17.52
C THR D 102 3.29 38.22 18.50
N HIS D 103 2.91 37.98 19.75
CA HIS D 103 3.84 37.68 20.83
C HIS D 103 3.43 36.38 21.52
N HIS D 104 4.42 35.59 21.93
CA HIS D 104 4.19 34.47 22.85
C HIS D 104 5.47 34.12 23.60
N ILE D 105 5.30 33.54 24.78
CA ILE D 105 6.41 32.94 25.51
C ILE D 105 6.34 31.41 25.37
N ASP D 106 7.44 30.81 24.91
CA ASP D 106 7.48 29.37 24.69
C ASP D 106 7.76 28.58 25.98
N ASN D 107 7.78 27.26 25.87
CA ASN D 107 8.00 26.41 27.05
C ASN D 107 9.45 26.38 27.56
N GLN D 108 10.34 27.13 26.91
CA GLN D 108 11.72 27.36 27.40
C GLN D 108 11.87 28.75 28.04
N GLY D 109 10.79 29.52 28.05
CA GLY D 109 10.76 30.84 28.69
C GLY D 109 11.27 31.96 27.79
N TYR D 110 11.47 31.65 26.52
CA TYR D 110 11.85 32.64 25.52
C TYR D 110 10.64 33.36 24.95
N GLU D 111 10.77 34.67 24.78
CA GLU D 111 9.72 35.44 24.12
C GLU D 111 9.95 35.42 22.61
N ASN D 112 8.85 35.38 21.87
CA ASN D 112 8.92 35.31 20.42
C ASN D 112 7.97 36.31 19.79
N LEU D 113 8.54 37.20 18.99
CA LEU D 113 7.77 38.12 18.17
C LEU D 113 7.70 37.52 16.79
N ILE D 114 6.48 37.33 16.30
CA ILE D 114 6.30 36.79 14.96
C ILE D 114 5.41 37.65 14.08
N VAL D 115 5.97 38.09 12.97
CA VAL D 115 5.21 38.78 11.93
C VAL D 115 4.86 37.77 10.86
N VAL D 116 3.56 37.61 10.59
CA VAL D 116 3.12 36.74 9.51
C VAL D 116 2.71 37.57 8.29
N GLY D 117 3.30 37.25 7.15
CA GLY D 117 2.94 37.88 5.89
C GLY D 117 2.28 36.89 4.95
N TYR D 118 1.30 37.37 4.18
CA TYR D 118 0.63 36.58 3.17
C TYR D 118 0.86 37.23 1.83
N TRP D 119 1.42 36.47 0.89
CA TRP D 119 1.55 36.90 -0.50
C TRP D 119 0.54 36.14 -1.36
N LYS D 120 0.06 36.80 -2.41
CA LYS D 120 -0.94 36.23 -3.31
C LYS D 120 -0.33 35.40 -4.46
N ASP D 121 1.00 35.37 -4.54
CA ASP D 121 1.71 34.52 -5.51
C ASP D 121 3.15 34.21 -5.08
N VAL D 122 3.74 33.17 -5.66
CA VAL D 122 5.08 32.75 -5.26
C VAL D 122 6.18 33.68 -5.78
N SER D 123 6.02 34.18 -7.01
CA SER D 123 7.03 35.00 -7.67
C SER D 123 7.25 36.33 -6.94
N SER D 124 6.18 36.92 -6.44
CA SER D 124 6.27 38.17 -5.66
C SER D 124 7.06 38.00 -4.39
N GLN D 125 6.76 36.95 -3.62
CA GLN D 125 7.50 36.69 -2.37
C GLN D 125 8.97 36.40 -2.64
N HIS D 126 9.24 35.68 -3.74
CA HIS D 126 10.60 35.40 -4.18
C HIS D 126 11.36 36.67 -4.55
N ARG D 127 10.72 37.55 -5.32
CA ARG D 127 11.30 38.85 -5.70
C ARG D 127 11.54 39.71 -4.46
N TRP D 128 10.63 39.60 -3.50
CA TRP D 128 10.78 40.30 -2.21
C TRP D 128 11.98 39.78 -1.44
N SER D 129 12.05 38.46 -1.26
CA SER D 129 13.11 37.83 -0.47
C SER D 129 14.51 38.02 -1.05
N THR D 130 14.59 38.12 -2.38
CA THR D 130 15.86 38.20 -3.09
C THR D 130 16.32 39.64 -3.30
N SER D 131 15.43 40.59 -3.02
CA SER D 131 15.76 42.01 -3.09
C SER D 131 16.80 42.39 -2.03
N THR D 132 17.72 43.28 -2.40
CA THR D 132 18.87 43.63 -1.55
C THR D 132 18.52 43.99 -0.10
N PRO D 133 17.53 44.89 0.12
CA PRO D 133 17.26 45.26 1.52
C PRO D 133 16.87 44.04 2.38
N ILE D 134 16.08 43.14 1.82
CA ILE D 134 15.64 41.94 2.54
C ILE D 134 16.75 40.90 2.65
N ALA D 135 17.38 40.57 1.53
CA ALA D 135 18.41 39.53 1.46
C ALA D 135 19.68 39.89 2.23
N SER D 136 20.11 41.14 2.14
CA SER D 136 21.29 41.59 2.88
C SER D 136 21.05 41.58 4.39
N TRP D 137 19.80 41.85 4.78
CA TRP D 137 19.42 41.81 6.18
C TRP D 137 19.51 40.41 6.76
N TRP D 138 18.89 39.45 6.07
CA TRP D 138 18.87 38.06 6.52
C TRP D 138 20.25 37.38 6.45
N GLU D 139 21.07 37.77 5.48
CA GLU D 139 22.41 37.21 5.32
C GLU D 139 23.49 37.95 6.13
N SER D 140 23.09 39.04 6.79
CA SER D 140 24.02 39.89 7.52
C SER D 140 24.75 39.19 8.66
N GLU D 141 26.00 39.59 8.88
CA GLU D 141 26.80 39.16 10.03
C GLU D 141 26.16 39.66 11.33
N ASP D 142 25.37 40.71 11.21
CA ASP D 142 24.64 41.28 12.35
C ASP D 142 23.64 40.31 12.96
N ARG D 143 23.12 39.38 12.16
CA ARG D 143 22.17 38.36 12.62
C ARG D 143 22.77 37.41 13.67
N LEU D 144 24.06 37.12 13.53
CA LEU D 144 24.78 36.25 14.47
C LEU D 144 25.31 37.03 15.68
N SER D 145 25.56 38.32 15.49
CA SER D 145 26.14 39.17 16.52
C SER D 145 25.09 39.90 17.36
N ASP D 146 23.87 40.03 16.82
CA ASP D 146 22.75 40.67 17.53
C ASP D 146 22.51 40.03 18.88
N GLY D 147 22.69 38.72 18.97
CA GLY D 147 22.41 37.97 20.20
C GLY D 147 20.97 37.53 20.28
N LEU D 148 20.14 38.01 19.36
CA LEU D 148 18.74 37.58 19.28
C LEU D 148 18.65 36.35 18.39
N GLY D 149 17.55 35.62 18.54
CA GLY D 149 17.21 34.55 17.63
C GLY D 149 16.36 35.12 16.51
N PHE D 150 16.54 34.58 15.30
CA PHE D 150 15.74 34.95 14.13
C PHE D 150 15.26 33.69 13.44
N PHE D 151 14.03 33.68 12.93
CA PHE D 151 13.57 32.57 12.13
C PHE D 151 12.69 32.99 10.94
N ARG D 152 12.64 32.13 9.92
CA ARG D 152 11.78 32.31 8.76
C ARG D 152 11.16 30.96 8.47
N GLU D 153 9.85 30.88 8.66
CA GLU D 153 9.11 29.67 8.36
C GLU D 153 8.14 29.96 7.24
N ILE D 154 8.54 29.58 6.03
CA ILE D 154 7.87 30.03 4.82
C ILE D 154 7.34 28.85 4.02
N VAL D 155 6.03 28.87 3.83
CA VAL D 155 5.31 27.76 3.24
C VAL D 155 4.36 28.26 2.12
N ALA D 156 4.26 27.49 1.05
CA ALA D 156 3.53 27.94 -0.14
C ALA D 156 2.47 26.96 -0.66
N PRO D 157 1.30 26.91 0.00
CA PRO D 157 0.26 25.98 -0.45
C PRO D 157 -0.49 26.50 -1.68
N ARG D 158 -0.85 25.60 -2.60
CA ARG D 158 -1.72 25.94 -3.74
C ARG D 158 -3.12 26.21 -3.20
N ALA D 159 -3.96 26.86 -4.00
CA ALA D 159 -5.35 27.14 -3.63
C ALA D 159 -6.11 25.87 -3.21
N GLU D 160 -5.80 24.77 -3.88
CA GLU D 160 -6.40 23.48 -3.58
C GLU D 160 -5.90 22.87 -2.25
N GLN D 161 -4.82 23.43 -1.68
CA GLN D 161 -4.13 22.82 -0.56
C GLN D 161 -4.33 23.56 0.75
N PHE D 162 -5.31 24.46 0.77
CA PHE D 162 -5.70 25.05 2.05
C PHE D 162 -7.21 25.24 2.16
N GLU D 163 -7.69 25.26 3.40
CA GLU D 163 -9.10 25.50 3.66
C GLU D 163 -9.28 26.52 4.77
N THR D 164 -10.38 27.27 4.72
CA THR D 164 -10.69 28.23 5.78
C THR D 164 -12.07 27.92 6.33
N LEU D 165 -12.31 28.36 7.55
CA LEU D 165 -13.64 28.30 8.12
C LEU D 165 -13.80 29.46 9.08
N TYR D 166 -14.89 30.21 8.91
CA TYR D 166 -15.13 31.41 9.71
C TYR D 166 -16.53 31.40 10.34
N ALA D 167 -16.63 31.71 11.63
CA ALA D 167 -17.94 31.87 12.29
C ALA D 167 -18.47 33.29 12.18
N PHE D 168 -18.10 33.96 11.10
CA PHE D 168 -18.45 35.34 10.82
C PHE D 168 -18.23 35.58 9.33
N GLN D 169 -18.59 36.77 8.86
CA GLN D 169 -18.65 37.06 7.42
C GLN D 169 -17.74 38.20 6.97
N GLU D 170 -17.38 39.09 7.88
CA GLU D 170 -16.69 40.33 7.53
C GLU D 170 -15.28 40.42 8.12
N ASP D 171 -14.42 41.17 7.43
CA ASP D 171 -13.09 41.52 7.90
C ASP D 171 -12.28 40.26 8.25
N LEU D 172 -12.01 39.44 7.24
CA LEU D 172 -11.34 38.17 7.43
C LEU D 172 -9.87 38.32 7.79
N PRO D 173 -9.45 37.65 8.88
CA PRO D 173 -8.05 37.65 9.29
C PRO D 173 -7.26 36.56 8.56
N GLY D 174 -5.95 36.57 8.71
CA GLY D 174 -5.11 35.54 8.12
C GLY D 174 -5.25 35.50 6.60
N VAL D 175 -5.17 34.31 6.03
CA VAL D 175 -5.17 34.14 4.57
C VAL D 175 -6.45 34.68 3.92
N GLY D 176 -7.54 34.72 4.69
CA GLY D 176 -8.82 35.28 4.23
C GLY D 176 -8.68 36.71 3.74
N ALA D 177 -7.79 37.47 4.37
CA ALA D 177 -7.53 38.87 4.01
C ALA D 177 -6.94 39.05 2.61
N VAL D 178 -6.32 38.00 2.06
CA VAL D 178 -5.77 38.04 0.68
C VAL D 178 -6.64 37.34 -0.35
N MET D 179 -7.79 36.84 0.09
CA MET D 179 -8.80 36.29 -0.81
C MET D 179 -9.78 37.38 -1.27
N ASP D 180 -10.61 37.06 -2.25
CA ASP D 180 -11.48 38.08 -2.89
C ASP D 180 -12.69 38.47 -2.07
N GLY D 181 -13.13 37.56 -1.19
CA GLY D 181 -14.33 37.81 -0.40
C GLY D 181 -14.83 36.62 0.41
N ILE D 182 -16.07 36.73 0.87
CA ILE D 182 -16.72 35.71 1.69
C ILE D 182 -17.78 34.92 0.91
N SER D 183 -17.90 33.64 1.24
CA SER D 183 -18.94 32.77 0.70
C SER D 183 -20.27 33.03 1.39
N GLY D 184 -21.32 32.34 0.91
CA GLY D 184 -22.57 32.19 1.68
C GLY D 184 -22.37 31.06 2.67
N GLU D 185 -23.42 30.74 3.44
CA GLU D 185 -23.35 29.59 4.35
C GLU D 185 -22.95 28.32 3.60
N ILE D 186 -21.97 27.59 4.13
CA ILE D 186 -21.43 26.42 3.44
C ILE D 186 -21.88 25.09 4.03
N ASN D 187 -21.88 24.06 3.19
CA ASN D 187 -22.36 22.74 3.58
C ASN D 187 -21.36 21.92 4.40
N GLU D 188 -20.08 22.00 4.05
CA GLU D 188 -19.09 21.03 4.52
C GLU D 188 -18.47 21.43 5.86
N HIS D 189 -19.29 21.42 6.91
CA HIS D 189 -18.84 21.67 8.27
C HIS D 189 -19.82 21.07 9.28
N GLY D 190 -19.37 20.97 10.54
CA GLY D 190 -20.16 20.45 11.64
C GLY D 190 -20.09 18.94 11.85
N TYR D 191 -19.11 18.30 11.26
CA TYR D 191 -18.85 16.87 11.48
C TYR D 191 -17.36 16.65 11.37
N TRP D 192 -16.83 15.71 12.13
CA TRP D 192 -15.40 15.40 12.05
C TRP D 192 -15.12 14.84 10.66
N GLY D 193 -14.03 15.30 10.05
CA GLY D 193 -13.78 14.99 8.63
C GLY D 193 -14.16 16.10 7.66
N SER D 194 -14.92 17.08 8.15
CA SER D 194 -15.34 18.22 7.32
C SER D 194 -14.20 19.14 6.93
N MET D 195 -13.22 19.33 7.83
CA MET D 195 -12.04 20.08 7.47
C MET D 195 -11.37 19.47 6.22
N ARG D 196 -11.13 18.16 6.24
CA ARG D 196 -10.58 17.47 5.07
C ARG D 196 -11.37 17.82 3.81
N GLU D 197 -12.70 17.70 3.90
CA GLU D 197 -13.57 17.90 2.73
C GLU D 197 -13.62 19.34 2.22
N ARG D 198 -13.16 20.29 3.05
CA ARG D 198 -13.09 21.69 2.64
C ARG D 198 -11.85 21.97 1.79
N PHE D 199 -10.82 21.12 1.89
CA PHE D 199 -9.68 21.20 0.97
C PHE D 199 -10.15 20.77 -0.42
N PRO D 200 -10.01 21.67 -1.42
CA PRO D 200 -10.39 21.24 -2.78
C PRO D 200 -9.64 20.00 -3.25
N ILE D 201 -8.38 19.82 -2.84
CA ILE D 201 -7.62 18.67 -3.28
C ILE D 201 -8.18 17.34 -2.76
N SER D 202 -8.97 17.38 -1.69
CA SER D 202 -9.59 16.17 -1.13
C SER D 202 -10.51 15.43 -2.12
N GLN D 203 -10.85 16.10 -3.21
CA GLN D 203 -11.65 15.51 -4.28
C GLN D 203 -10.84 14.39 -4.98
N THR D 204 -9.51 14.46 -4.87
CA THR D 204 -8.64 13.53 -5.57
C THR D 204 -7.49 12.94 -4.74
N ASP D 205 -7.04 13.66 -3.71
CA ASP D 205 -5.76 13.39 -3.05
C ASP D 205 -5.97 13.11 -1.56
N TRP D 206 -5.27 12.11 -1.04
CA TRP D 206 -5.36 11.73 0.38
C TRP D 206 -4.57 12.65 1.32
N MET D 207 -3.69 13.47 0.73
CA MET D 207 -2.75 14.29 1.52
C MET D 207 -1.98 13.46 2.56
N GLN D 208 -1.49 12.30 2.14
CA GLN D 208 -0.74 11.37 2.97
C GLN D 208 0.66 11.90 3.20
N ALA D 209 1.08 11.93 4.47
CA ALA D 209 2.42 12.34 4.79
C ALA D 209 3.43 11.27 4.38
N SER D 210 4.56 11.73 3.85
CA SER D 210 5.69 10.87 3.64
C SER D 210 6.94 11.72 3.71
N GLY D 211 8.07 11.08 4.00
CA GLY D 211 9.34 11.78 4.10
C GLY D 211 9.63 12.16 5.53
N GLU D 212 10.75 12.83 5.73
CA GLU D 212 11.18 13.24 7.03
C GLU D 212 11.44 14.74 7.11
N LEU D 213 11.11 15.32 8.25
CA LEU D 213 11.51 16.68 8.58
C LEU D 213 13.00 16.60 8.92
N ARG D 214 13.81 17.34 8.16
CA ARG D 214 15.27 17.12 8.18
C ARG D 214 16.12 18.38 8.14
N VAL D 215 17.19 18.38 8.90
CA VAL D 215 18.16 19.46 8.84
C VAL D 215 18.99 19.26 7.57
N ILE D 216 19.11 20.32 6.76
CA ILE D 216 19.93 20.27 5.56
C ILE D 216 21.21 21.10 5.67
N ALA D 217 21.24 22.04 6.62
CA ALA D 217 22.45 22.80 6.91
C ALA D 217 22.53 23.14 8.39
N GLY D 218 23.72 22.98 8.98
CA GLY D 218 23.94 23.37 10.37
C GLY D 218 23.59 22.31 11.40
N ASP D 219 23.49 22.74 12.66
CA ASP D 219 23.25 21.84 13.79
C ASP D 219 22.49 22.63 14.87
N PRO D 220 21.26 22.18 15.19
CA PRO D 220 20.49 22.86 16.25
C PRO D 220 21.25 22.95 17.60
N ALA D 221 21.95 21.88 17.98
CA ALA D 221 22.60 21.81 19.28
C ALA D 221 23.74 22.82 19.47
N VAL D 222 24.26 23.33 18.36
CA VAL D 222 25.37 24.28 18.38
C VAL D 222 24.88 25.73 18.18
N GLY D 223 23.68 25.89 17.64
CA GLY D 223 23.13 27.21 17.32
C GLY D 223 23.64 27.71 15.98
N GLY D 224 23.69 29.02 15.80
CA GLY D 224 24.09 29.60 14.51
C GLY D 224 22.98 29.44 13.49
N ARG D 225 23.36 29.40 12.22
CA ARG D 225 22.40 29.21 11.12
C ARG D 225 22.06 27.74 10.93
N VAL D 226 20.77 27.42 11.01
CA VAL D 226 20.26 26.09 10.75
C VAL D 226 19.12 26.15 9.74
N VAL D 227 19.18 25.29 8.74
CA VAL D 227 18.11 25.20 7.73
C VAL D 227 17.49 23.82 7.78
N VAL D 228 16.15 23.80 7.76
CA VAL D 228 15.39 22.57 7.86
C VAL D 228 14.42 22.52 6.68
N ARG D 229 14.34 21.36 6.05
CA ARG D 229 13.34 21.14 5.04
C ARG D 229 12.22 20.30 5.60
N GLY D 230 11.02 20.60 5.11
CA GLY D 230 9.83 19.83 5.45
C GLY D 230 9.64 18.63 4.53
N HIS D 231 8.67 17.79 4.88
CA HIS D 231 8.33 16.62 4.09
C HIS D 231 6.97 16.78 3.44
N ASP D 232 6.58 15.82 2.60
CA ASP D 232 5.27 15.91 1.97
CA ASP D 232 5.26 15.83 1.94
C ASP D 232 4.10 15.90 2.95
N ASN D 233 3.22 16.88 2.73
CA ASN D 233 1.98 17.03 3.43
C ASN D 233 2.09 17.22 4.94
N ILE D 234 3.12 17.96 5.35
CA ILE D 234 3.09 18.66 6.65
C ILE D 234 1.86 19.55 6.60
N ALA D 235 1.19 19.68 7.74
CA ALA D 235 -0.02 20.50 7.82
C ALA D 235 0.25 21.67 8.77
N LEU D 236 -0.39 22.80 8.50
CA LEU D 236 -0.24 23.97 9.37
C LEU D 236 -1.62 24.49 9.67
N ILE D 237 -1.95 24.59 10.96
CA ILE D 237 -3.20 25.22 11.37
C ILE D 237 -2.92 26.57 12.00
N ARG D 238 -3.65 27.60 11.55
CA ARG D 238 -3.82 28.84 12.30
C ARG D 238 -5.27 28.84 12.75
N SER D 239 -5.47 28.65 14.04
CA SER D 239 -6.84 28.70 14.57
C SER D 239 -6.93 29.87 15.54
N GLY D 240 -7.84 30.81 15.29
CA GLY D 240 -7.87 32.07 16.03
C GLY D 240 -9.13 32.45 16.76
N GLN D 241 -8.97 33.44 17.64
CA GLN D 241 -10.01 33.92 18.55
C GLN D 241 -9.88 35.44 18.60
N ASP D 242 -11.01 36.11 18.39
CA ASP D 242 -11.05 37.57 18.38
C ASP D 242 -12.21 38.01 19.28
N TRP D 243 -11.89 38.65 20.39
CA TRP D 243 -12.92 39.12 21.34
C TRP D 243 -12.94 40.64 21.49
N ALA D 244 -12.26 41.33 20.57
CA ALA D 244 -12.09 42.78 20.65
C ALA D 244 -13.40 43.57 20.70
N ASP D 245 -14.42 43.10 19.97
CA ASP D 245 -15.67 43.84 19.87
C ASP D 245 -16.82 43.25 20.68
N ALA D 246 -16.54 42.19 21.42
CA ALA D 246 -17.49 41.58 22.31
C ALA D 246 -17.77 42.52 23.49
N GLU D 247 -19.03 42.56 23.94
CA GLU D 247 -19.37 43.35 25.11
C GLU D 247 -19.05 42.61 26.40
N ALA D 248 -19.32 43.28 27.52
CA ALA D 248 -18.87 42.84 28.85
C ALA D 248 -19.21 41.40 29.21
N ASP D 249 -20.48 41.02 29.00
CA ASP D 249 -20.94 39.70 29.40
C ASP D 249 -20.41 38.59 28.53
N GLU D 250 -20.27 38.88 27.23
CA GLU D 250 -19.72 37.93 26.25
C GLU D 250 -18.21 37.75 26.40
N ARG D 251 -17.48 38.85 26.61
CA ARG D 251 -16.05 38.81 26.89
C ARG D 251 -15.78 37.93 28.10
N SER D 252 -16.61 38.10 29.14
CA SER D 252 -16.51 37.30 30.37
C SER D 252 -16.72 35.80 30.10
N LEU D 253 -17.61 35.49 29.16
CA LEU D 253 -17.87 34.11 28.74
C LEU D 253 -16.68 33.46 28.02
N TYR D 254 -16.06 34.19 27.11
CA TYR D 254 -14.86 33.70 26.44
C TYR D 254 -13.73 33.50 27.46
N LEU D 255 -13.46 34.54 28.25
CA LEU D 255 -12.33 34.56 29.18
C LEU D 255 -12.46 33.60 30.37
N ASP D 256 -13.68 33.40 30.85
CA ASP D 256 -13.93 32.53 32.02
C ASP D 256 -14.19 31.06 31.64
N GLU D 257 -14.90 30.85 30.52
CA GLU D 257 -15.37 29.50 30.18
C GLU D 257 -14.62 28.82 29.05
N ILE D 258 -14.33 29.57 27.98
CA ILE D 258 -13.66 29.02 26.80
C ILE D 258 -12.13 29.02 26.91
N LEU D 259 -11.55 30.17 27.24
CA LEU D 259 -10.09 30.31 27.23
C LEU D 259 -9.34 29.31 28.12
N PRO D 260 -9.82 29.06 29.36
CA PRO D 260 -9.07 28.08 30.16
C PRO D 260 -8.95 26.69 29.50
N THR D 261 -10.03 26.23 28.88
CA THR D 261 -10.03 24.95 28.15
C THR D 261 -9.10 25.00 26.93
N LEU D 262 -9.16 26.09 26.18
CA LEU D 262 -8.19 26.34 25.09
C LEU D 262 -6.73 26.34 25.56
N GLN D 263 -6.46 27.03 26.66
CA GLN D 263 -5.11 27.10 27.21
C GLN D 263 -4.60 25.71 27.60
N SER D 264 -5.45 24.88 28.18
CA SER D 264 -5.11 23.52 28.58
C SER D 264 -4.70 22.69 27.37
N GLY D 265 -5.48 22.83 26.29
CA GLY D 265 -5.24 22.19 24.99
C GLY D 265 -3.92 22.62 24.35
N MET D 266 -3.65 23.92 24.40
CA MET D 266 -2.44 24.48 23.80
C MET D 266 -1.23 24.06 24.63
N ASP D 267 -1.37 24.10 25.96
CA ASP D 267 -0.28 23.59 26.81
C ASP D 267 0.05 22.15 26.49
N PHE D 268 -0.99 21.34 26.32
CA PHE D 268 -0.83 19.93 25.98
C PHE D 268 -0.05 19.74 24.68
N LEU D 269 -0.50 20.38 23.61
CA LEU D 269 0.19 20.32 22.31
C LEU D 269 1.62 20.85 22.33
N ARG D 270 1.83 21.95 23.06
CA ARG D 270 3.15 22.53 23.25
C ARG D 270 4.14 21.57 23.95
N ASP D 271 3.65 20.80 24.90
CA ASP D 271 4.52 19.98 25.78
C ASP D 271 4.47 18.47 25.50
N ASN D 272 3.56 18.06 24.63
CA ASN D 272 3.35 16.65 24.28
C ASN D 272 3.30 16.43 22.77
N GLY D 273 4.01 17.28 22.03
CA GLY D 273 3.98 17.27 20.58
C GLY D 273 4.39 15.96 19.89
N PRO D 274 5.58 15.43 20.21
CA PRO D 274 6.02 14.18 19.57
C PRO D 274 5.01 13.04 19.71
N ALA D 275 4.37 12.94 20.87
CA ALA D 275 3.40 11.88 21.14
C ALA D 275 2.19 11.93 20.19
N VAL D 276 1.80 13.12 19.78
CA VAL D 276 0.57 13.30 18.94
C VAL D 276 0.83 13.72 17.49
N GLY D 277 2.11 13.94 17.16
CA GLY D 277 2.50 14.37 15.82
C GLY D 277 2.48 15.87 15.59
N CYS D 278 2.58 16.65 16.66
CA CYS D 278 2.62 18.11 16.53
C CYS D 278 4.06 18.57 16.63
N TYR D 279 4.68 18.90 15.49
CA TYR D 279 6.08 19.36 15.49
C TYR D 279 6.31 20.64 16.28
N SER D 280 5.36 21.56 16.19
CA SER D 280 5.46 22.84 16.87
C SER D 280 4.07 23.39 17.21
N ASN D 281 3.92 23.85 18.45
CA ASN D 281 2.68 24.47 18.85
C ASN D 281 2.91 25.80 19.54
N ARG D 282 2.38 26.84 18.93
CA ARG D 282 2.51 28.19 19.45
C ARG D 282 1.12 28.70 19.79
N PHE D 283 0.95 29.31 20.94
CA PHE D 283 -0.31 29.99 21.24
C PHE D 283 -0.02 31.47 21.48
N VAL D 284 -0.37 32.28 20.48
CA VAL D 284 0.14 33.65 20.32
C VAL D 284 -0.95 34.69 20.44
N ARG D 285 -0.56 35.88 20.86
CA ARG D 285 -1.48 36.98 21.10
C ARG D 285 -1.06 38.11 20.18
N ASN D 286 -2.01 38.70 19.47
CA ASN D 286 -1.67 39.79 18.55
C ASN D 286 -1.14 41.00 19.31
N ILE D 287 -0.20 41.70 18.69
CA ILE D 287 0.37 42.93 19.25
C ILE D 287 0.34 44.03 18.20
N ASP D 288 0.44 45.27 18.65
CA ASP D 288 0.68 46.40 17.75
C ASP D 288 2.19 46.56 17.55
N ILE D 289 2.57 47.56 16.76
CA ILE D 289 3.99 47.79 16.43
C ILE D 289 4.87 48.08 17.65
N ASP D 290 4.23 48.43 18.76
CA ASP D 290 4.90 48.81 20.00
C ASP D 290 5.03 47.65 20.99
N GLY D 291 4.37 46.54 20.70
CA GLY D 291 4.40 45.36 21.58
C GLY D 291 3.23 45.28 22.54
N ASN D 292 2.32 46.26 22.47
CA ASN D 292 1.11 46.26 23.27
C ASN D 292 0.12 45.21 22.75
N PHE D 293 -0.53 44.48 23.66
CA PHE D 293 -1.44 43.41 23.27
C PHE D 293 -2.77 43.91 22.68
N LEU D 294 -3.26 43.16 21.70
CA LEU D 294 -4.56 43.37 21.10
C LEU D 294 -5.44 42.21 21.52
N ASP D 295 -6.76 42.36 21.42
CA ASP D 295 -7.66 41.30 21.85
C ASP D 295 -7.99 40.29 20.74
N LEU D 296 -6.92 39.74 20.17
CA LEU D 296 -6.99 38.71 19.14
C LEU D 296 -5.87 37.73 19.41
N SER D 297 -6.14 36.44 19.23
CA SER D 297 -5.14 35.40 19.48
C SER D 297 -5.23 34.31 18.45
N TYR D 298 -4.18 33.50 18.36
CA TYR D 298 -4.27 32.27 17.58
C TYR D 298 -3.21 31.21 17.91
N ASN D 299 -3.59 29.96 17.61
CA ASN D 299 -2.67 28.86 17.57
C ASN D 299 -1.96 28.89 16.23
N ILE D 300 -0.63 28.76 16.25
CA ILE D 300 0.12 28.39 15.06
C ILE D 300 0.60 26.97 15.34
N GLY D 301 0.15 26.00 14.55
CA GLY D 301 0.46 24.60 14.81
C GLY D 301 0.91 23.85 13.56
N HIS D 302 2.14 23.34 13.60
CA HIS D 302 2.71 22.52 12.52
C HIS D 302 2.61 21.05 12.87
N TRP D 303 1.98 20.28 12.00
CA TRP D 303 1.71 18.87 12.24
C TRP D 303 2.39 17.94 11.26
N ALA D 304 2.76 16.74 11.72
CA ALA D 304 3.38 15.71 10.88
C ALA D 304 2.48 15.14 9.79
N SER D 305 1.17 15.26 9.98
CA SER D 305 0.20 14.87 8.95
C SER D 305 -1.10 15.57 9.25
N LEU D 306 -1.91 15.80 8.21
CA LEU D 306 -3.27 16.30 8.37
C LEU D 306 -4.07 15.36 9.27
N ASP D 307 -3.89 14.05 9.08
CA ASP D 307 -4.65 13.05 9.82
C ASP D 307 -4.32 13.01 11.32
N GLN D 308 -3.05 13.25 11.69
CA GLN D 308 -2.76 13.41 13.11
C GLN D 308 -3.46 14.61 13.72
N LEU D 309 -3.58 15.70 12.97
CA LEU D 309 -4.37 16.86 13.42
C LEU D 309 -5.82 16.46 13.55
N GLU D 310 -6.33 15.70 12.58
CA GLU D 310 -7.71 15.19 12.68
C GLU D 310 -7.93 14.39 13.96
N ARG D 311 -7.04 13.43 14.23
CA ARG D 311 -7.18 12.57 15.40
C ARG D 311 -7.22 13.37 16.69
N TRP D 312 -6.31 14.34 16.82
CA TRP D 312 -6.24 15.14 18.06
C TRP D 312 -7.54 15.91 18.23
N SER D 313 -7.98 16.61 17.19
CA SER D 313 -9.16 17.45 17.32
C SER D 313 -10.39 16.65 17.71
N GLU D 314 -10.51 15.45 17.16
N GLU D 314 -10.52 15.44 17.17
CA GLU D 314 -11.77 14.69 17.24
CA GLU D 314 -11.74 14.65 17.33
C GLU D 314 -11.85 13.71 18.40
C GLU D 314 -11.72 13.76 18.59
N SER D 315 -10.71 13.36 19.00
N SER D 315 -10.62 13.76 19.33
CA SER D 315 -10.66 12.30 20.00
CA SER D 315 -10.50 12.84 20.46
C SER D 315 -9.83 12.59 21.25
C SER D 315 -10.04 13.44 21.79
N HIS D 316 -9.02 13.63 21.22
N HIS D 316 -9.26 14.51 21.75
CA HIS D 316 -8.27 13.99 22.43
CA HIS D 316 -8.76 15.10 23.00
C HIS D 316 -9.15 14.78 23.38
C HIS D 316 -9.87 15.83 23.74
N PRO D 317 -9.17 14.39 24.67
N PRO D 317 -9.94 15.63 25.07
CA PRO D 317 -10.07 15.04 25.63
CA PRO D 317 -11.01 16.21 25.88
C PRO D 317 -9.89 16.54 25.69
C PRO D 317 -10.92 17.74 25.85
N THR D 318 -8.69 17.05 25.37
N THR D 318 -9.70 18.24 25.73
CA THR D 318 -8.45 18.50 25.37
CA THR D 318 -9.44 19.67 25.60
C THR D 318 -9.32 19.29 24.39
C THR D 318 -10.33 20.26 24.51
N HIS D 319 -9.28 18.97 23.10
N HIS D 319 -9.98 19.94 23.26
CA HIS D 319 -10.10 19.68 22.11
CA HIS D 319 -10.69 20.48 22.12
C HIS D 319 -11.57 19.33 22.23
C HIS D 319 -12.17 20.09 22.13
N LEU D 320 -11.86 18.12 22.72
N LEU D 320 -12.45 18.84 22.49
CA LEU D 320 -13.24 17.74 22.95
CA LEU D 320 -13.81 18.35 22.49
C LEU D 320 -13.83 18.54 24.09
C LEU D 320 -14.73 19.19 23.39
N ARG D 321 -13.00 18.84 25.09
N ARG D 321 -14.20 19.62 24.53
CA ARG D 321 -13.39 19.69 26.21
CA ARG D 321 -14.95 20.47 25.44
C ARG D 321 -13.68 21.10 25.70
C ARG D 321 -15.23 21.83 24.80
N ILE D 322 -12.82 21.60 24.81
N ILE D 322 -14.21 22.37 24.13
CA ILE D 322 -13.01 22.87 24.11
CA ILE D 322 -14.35 23.62 23.38
C ILE D 322 -14.32 22.87 23.32
C ILE D 322 -15.37 23.46 22.26
N PHE D 323 -14.54 21.78 22.57
N PHE D 323 -15.24 22.35 21.54
CA PHE D 323 -15.71 21.60 21.72
CA PHE D 323 -16.14 21.98 20.46
C PHE D 323 -17.02 21.62 22.50
C PHE D 323 -17.60 22.01 20.91
N THR D 324 -17.14 20.76 23.52
N THR D 324 -17.86 21.33 22.04
CA THR D 324 -18.36 20.69 24.34
CA THR D 324 -19.23 21.27 22.58
C THR D 324 -18.59 21.93 25.22
C THR D 324 -19.75 22.64 22.98
N THR D 325 -17.50 22.56 25.67
N THR D 325 -18.87 23.48 23.53
CA THR D 325 -17.59 23.79 26.43
CA THR D 325 -19.25 24.81 23.95
C THR D 325 -18.20 24.89 25.56
C THR D 325 -19.71 25.64 22.76
N PHE D 326 -17.71 24.98 24.33
N PHE D 326 -18.94 25.65 21.67
CA PHE D 326 -18.23 25.93 23.35
CA PHE D 326 -19.33 26.43 20.51
C PHE D 326 -19.75 25.83 23.20
C PHE D 326 -20.71 25.99 20.01
N PHE D 327 -20.23 24.64 22.83
N PHE D 327 -20.91 24.69 19.84
CA PHE D 327 -21.66 24.42 22.62
CA PHE D 327 -22.18 24.14 19.40
C PHE D 327 -22.51 24.62 23.87
C PHE D 327 -23.35 24.67 20.23
N ARG D 328 -21.90 24.43 25.04
N ARG D 328 -23.11 24.95 21.50
CA ARG D 328 -22.57 24.69 26.31
CA ARG D 328 -24.16 25.42 22.40
C ARG D 328 -22.82 26.20 26.53
C ARG D 328 -24.42 26.91 22.22
N VAL D 329 -21.87 27.02 26.12
N VAL D 329 -23.35 27.66 21.97
CA VAL D 329 -21.96 28.48 26.29
CA VAL D 329 -23.42 29.11 21.85
C VAL D 329 -22.35 29.23 25.01
C VAL D 329 -23.62 29.57 20.40
N ALA D 330 -22.52 28.49 23.92
N ALA D 330 -22.83 29.00 19.49
CA ALA D 330 -22.77 29.06 22.59
CA ALA D 330 -22.91 29.36 18.07
C ALA D 330 -23.95 30.04 22.50
C ALA D 330 -24.13 30.22 17.76
N ALA D 331 -24.94 29.87 23.39
N ALA D 331 -25.29 29.79 18.25
CA ALA D 331 -26.14 30.72 23.41
CA ALA D 331 -26.56 30.46 17.96
C ALA D 331 -25.85 32.17 23.81
C ALA D 331 -26.58 31.91 18.43
N GLY D 332 -24.80 32.37 24.61
N GLY D 332 -26.16 32.15 19.66
CA GLY D 332 -24.42 33.69 25.10
CA GLY D 332 -26.22 33.48 20.25
C GLY D 332 -23.43 34.43 24.21
C GLY D 332 -25.02 34.36 19.98
N LEU D 333 -23.07 33.82 23.09
N LEU D 333 -23.93 33.75 19.52
CA LEU D 333 -22.14 34.41 22.14
CA LEU D 333 -22.71 34.50 19.25
C LEU D 333 -22.86 35.12 21.00
C LEU D 333 -22.96 35.68 18.33
N SER D 334 -22.21 36.14 20.43
N SER D 334 -22.60 36.87 18.79
CA SER D 334 -22.75 36.90 19.30
CA SER D 334 -22.89 38.09 18.04
C SER D 334 -21.71 37.76 18.58
C SER D 334 -21.65 38.89 17.68
N LYS D 335 -20.76 38.32 19.34
N LYS D 335 -20.65 38.89 18.56
CA LYS D 335 -19.72 39.18 18.78
CA LYS D 335 -19.47 39.71 18.35
C LYS D 335 -18.32 38.56 18.77
C LYS D 335 -18.15 38.93 18.40
N LEU D 336 -18.14 37.44 19.48
N LEU D 336 -18.08 37.93 19.28
CA LEU D 336 -16.88 36.70 19.45
CA LEU D 336 -16.91 37.05 19.30
C LEU D 336 -16.61 36.20 18.03
C LEU D 336 -16.64 36.57 17.88
N ARG D 337 -15.37 36.30 17.59
CA ARG D 337 -14.96 35.88 16.24
C ARG D 337 -13.99 34.69 16.30
N LEU D 338 -14.45 33.54 15.83
CA LEU D 338 -13.67 32.31 15.82
C LEU D 338 -13.51 31.80 14.40
N TYR D 339 -12.32 31.31 14.07
CA TYR D 339 -12.06 30.85 12.71
C TYR D 339 -10.85 29.92 12.70
N HIS D 340 -10.64 29.24 11.57
CA HIS D 340 -9.31 28.66 11.35
C HIS D 340 -8.95 28.66 9.87
N GLU D 341 -7.67 28.52 9.59
CA GLU D 341 -7.21 28.18 8.25
C GLU D 341 -6.26 27.01 8.43
N VAL D 342 -6.34 26.02 7.55
CA VAL D 342 -5.42 24.89 7.60
C VAL D 342 -4.84 24.69 6.23
N SER D 343 -3.52 24.48 6.18
CA SER D 343 -2.82 24.23 4.91
C SER D 343 -2.05 22.92 4.94
N VAL D 344 -1.90 22.29 3.78
CA VAL D 344 -0.92 21.22 3.59
C VAL D 344 0.03 21.64 2.47
N PHE D 345 1.22 21.04 2.42
CA PHE D 345 2.25 21.51 1.50
C PHE D 345 2.96 20.34 0.87
N ASP D 346 3.28 20.48 -0.42
CA ASP D 346 4.27 19.61 -1.04
C ASP D 346 5.57 19.72 -0.26
N ALA D 347 6.37 18.66 -0.30
CA ALA D 347 7.68 18.66 0.34
C ALA D 347 8.53 19.86 -0.05
N ALA D 348 8.51 20.20 -1.34
CA ALA D 348 9.32 21.27 -1.92
C ALA D 348 8.88 22.70 -1.58
N ASP D 349 7.66 22.85 -1.07
CA ASP D 349 7.04 24.15 -0.90
C ASP D 349 7.10 24.68 0.52
N GLN D 350 8.20 24.35 1.20
CA GLN D 350 8.42 24.77 2.58
C GLN D 350 9.89 25.05 2.81
N LEU D 351 10.17 26.03 3.67
CA LEU D 351 11.54 26.23 4.15
C LEU D 351 11.47 26.82 5.54
N TYR D 352 12.26 26.24 6.43
CA TYR D 352 12.33 26.69 7.82
C TYR D 352 13.79 26.99 8.16
N GLU D 353 14.08 28.27 8.32
CA GLU D 353 15.45 28.74 8.60
C GLU D 353 15.53 29.36 9.98
N TYR D 354 16.64 29.10 10.67
CA TYR D 354 16.85 29.60 12.03
C TYR D 354 18.25 30.19 12.18
N ILE D 355 18.34 31.24 12.99
CA ILE D 355 19.62 31.87 13.31
C ILE D 355 19.62 32.09 14.82
N ASN D 356 20.52 31.43 15.52
CA ASN D 356 20.70 31.62 16.97
C ASN D 356 19.44 31.45 17.83
N CYS D 357 18.58 30.53 17.43
CA CYS D 357 17.42 30.14 18.23
C CYS D 357 17.78 28.96 19.12
N HIS D 358 17.06 28.79 20.22
CA HIS D 358 17.24 27.62 21.08
C HIS D 358 16.78 26.36 20.35
N PRO D 359 17.38 25.20 20.67
CA PRO D 359 17.13 23.93 19.96
C PRO D 359 15.66 23.46 19.88
N GLY D 360 14.78 23.99 20.72
CA GLY D 360 13.37 23.59 20.70
C GLY D 360 12.47 24.49 19.87
N THR D 361 13.05 25.47 19.18
CA THR D 361 12.29 26.45 18.39
C THR D 361 11.70 25.85 17.12
N GLY D 362 10.39 25.98 16.98
CA GLY D 362 9.72 25.60 15.72
C GLY D 362 10.11 24.22 15.26
N MET D 363 10.64 24.13 14.04
CA MET D 363 10.98 22.86 13.39
C MET D 363 12.29 22.25 13.87
N LEU D 364 13.02 22.98 14.69
CA LEU D 364 14.31 22.51 15.17
C LEU D 364 14.17 21.35 16.14
N ARG D 365 13.09 21.34 16.92
CA ARG D 365 12.90 20.32 17.94
C ARG D 365 12.91 18.90 17.35
N ASP D 366 12.12 18.68 16.31
CA ASP D 366 11.84 17.32 15.85
C ASP D 366 12.57 16.93 14.56
N ALA D 367 13.24 17.91 13.92
CA ALA D 367 13.89 17.66 12.65
C ALA D 367 15.06 16.69 12.84
N VAL D 368 15.23 15.74 11.85
CA VAL D 368 16.33 14.76 11.91
C VAL D 368 17.66 15.43 11.51
N THR D 369 18.67 15.29 12.38
CA THR D 369 19.97 15.95 12.17
C THR D 369 20.78 15.28 11.07
N ILE D 370 21.83 15.96 10.60
CA ILE D 370 22.60 15.52 9.42
C ILE D 370 23.32 14.19 9.61
N ALA D 371 23.77 13.92 10.83
CA ALA D 371 24.36 12.61 11.15
C ALA D 371 23.30 11.50 11.20
N GLU D 372 22.17 11.80 11.84
CA GLU D 372 21.12 10.82 12.14
C GLU D 372 20.54 10.03 10.95
N HIS D 373 20.53 10.63 9.77
CA HIS D 373 20.10 9.92 8.55
C HIS D 373 21.11 10.01 7.42
#